data_7EVA
# 
_entry.id   7EVA 
# 
_audit_conform.dict_name       mmcif_pdbx.dic 
_audit_conform.dict_version    5.380 
_audit_conform.dict_location   http://mmcif.pdb.org/dictionaries/ascii/mmcif_pdbx.dic 
# 
loop_
_database_2.database_id 
_database_2.database_code 
_database_2.pdbx_database_accession 
_database_2.pdbx_DOI 
PDB   7EVA         pdb_00007eva 10.2210/pdb7eva/pdb 
WWPDB D_1300022328 ?            ?                   
# 
_pdbx_database_status.status_code                     REL 
_pdbx_database_status.status_code_sf                  REL 
_pdbx_database_status.status_code_mr                  ? 
_pdbx_database_status.entry_id                        7EVA 
_pdbx_database_status.recvd_initial_deposition_date   2021-05-21 
_pdbx_database_status.SG_entry                        N 
_pdbx_database_status.deposit_site                    PDBJ 
_pdbx_database_status.process_site                    PDBJ 
_pdbx_database_status.status_code_cs                  ? 
_pdbx_database_status.status_code_nmr_data            ? 
_pdbx_database_status.methods_development_category    ? 
_pdbx_database_status.pdb_format_compatible           Y 
# 
loop_
_audit_author.name 
_audit_author.pdbx_ordinal 
_audit_author.identifier_ORCID 
'Kumar, R.' 1 0000-0003-2969-191X 
'Datta, S.' 2 0000-0002-3638-9383 
# 
_citation.abstract                  ? 
_citation.abstract_id_CAS           ? 
_citation.book_id_ISBN              ? 
_citation.book_publisher            ? 
_citation.book_publisher_city       ? 
_citation.book_title                ? 
_citation.coordinate_linkage        ? 
_citation.country                   ? 
_citation.database_id_Medline       ? 
_citation.details                   ? 
_citation.id                        primary 
_citation.journal_abbrev            'To Be Published' 
_citation.journal_id_ASTM           ? 
_citation.journal_id_CSD            0353 
_citation.journal_id_ISSN           ? 
_citation.journal_full              ? 
_citation.journal_issue             ? 
_citation.journal_volume            ? 
_citation.language                  ? 
_citation.page_first                ? 
_citation.page_last                 ? 
_citation.title                     'Structure of molecular chaperone SycE  of Yersinia enterocolitica' 
_citation.year                      ? 
_citation.database_id_CSD           ? 
_citation.pdbx_database_id_DOI      ? 
_citation.pdbx_database_id_PubMed   ? 
_citation.pdbx_database_id_patent   ? 
_citation.unpublished_flag          ? 
# 
loop_
_citation_author.citation_id 
_citation_author.name 
_citation_author.ordinal 
_citation_author.identifier_ORCID 
primary 'Kumar, R.' 1 ?                   
primary 'Datta, S.' 2 0000-0002-3638-9383 
# 
_cell.angle_alpha                  90.000 
_cell.angle_alpha_esd              ? 
_cell.angle_beta                   90.000 
_cell.angle_beta_esd               ? 
_cell.angle_gamma                  90.000 
_cell.angle_gamma_esd              ? 
_cell.entry_id                     7EVA 
_cell.details                      ? 
_cell.formula_units_Z              ? 
_cell.length_a                     58.000 
_cell.length_a_esd                 ? 
_cell.length_b                     58.000 
_cell.length_b_esd                 ? 
_cell.length_c                     77.000 
_cell.length_c_esd                 ? 
_cell.volume                       ? 
_cell.volume_esd                   ? 
_cell.Z_PDB                        8 
_cell.reciprocal_angle_alpha       ? 
_cell.reciprocal_angle_beta        ? 
_cell.reciprocal_angle_gamma       ? 
_cell.reciprocal_angle_alpha_esd   ? 
_cell.reciprocal_angle_beta_esd    ? 
_cell.reciprocal_angle_gamma_esd   ? 
_cell.reciprocal_length_a          ? 
_cell.reciprocal_length_b          ? 
_cell.reciprocal_length_c          ? 
_cell.reciprocal_length_a_esd      ? 
_cell.reciprocal_length_b_esd      ? 
_cell.reciprocal_length_c_esd      ? 
_cell.pdbx_unique_axis             ? 
# 
_symmetry.entry_id                         7EVA 
_symmetry.cell_setting                     ? 
_symmetry.Int_Tables_number                96 
_symmetry.space_group_name_Hall            ? 
_symmetry.space_group_name_H-M             'P 43 21 2' 
_symmetry.pdbx_full_space_group_name_H-M   ? 
# 
loop_
_entity.id 
_entity.type 
_entity.src_method 
_entity.pdbx_description 
_entity.formula_weight 
_entity.pdbx_number_of_molecules 
_entity.pdbx_ec 
_entity.pdbx_mutation 
_entity.pdbx_fragment 
_entity.details 
1 polymer man 'YopE regulator' 16914.014 1  ? ? ? ? 
2 water   nat water            18.015    75 ? ? ? ? 
# 
_entity_poly.entity_id                      1 
_entity_poly.type                           'polypeptide(L)' 
_entity_poly.nstd_linkage                   no 
_entity_poly.nstd_monomer                   no 
_entity_poly.pdbx_seq_one_letter_code       
;MGSSHHHHHHSSGLVPRGGSHMYSFEQAITQLFQQLSLSIPDTIEPVIGVKVGEFACHITEHPVGQILMFTLPSLDNNNE
KETLLSHNIFSQDILKPILSWDEVGGHPVLWNRQPLNNLDNNSLYTQLEMLVQGAERLQTSSLISPPRSFS
;
_entity_poly.pdbx_seq_one_letter_code_can   
;MGSSHHHHHHSSGLVPRGGSHMYSFEQAITQLFQQLSLSIPDTIEPVIGVKVGEFACHITEHPVGQILMFTLPSLDNNNE
KETLLSHNIFSQDILKPILSWDEVGGHPVLWNRQPLNNLDNNSLYTQLEMLVQGAERLQTSSLISPPRSFS
;
_entity_poly.pdbx_strand_id                 C 
_entity_poly.pdbx_target_identifier         ? 
# 
loop_
_entity_poly_seq.entity_id 
_entity_poly_seq.num 
_entity_poly_seq.mon_id 
_entity_poly_seq.hetero 
1 1   MET n 
1 2   GLY n 
1 3   SER n 
1 4   SER n 
1 5   HIS n 
1 6   HIS n 
1 7   HIS n 
1 8   HIS n 
1 9   HIS n 
1 10  HIS n 
1 11  SER n 
1 12  SER n 
1 13  GLY n 
1 14  LEU n 
1 15  VAL n 
1 16  PRO n 
1 17  ARG n 
1 18  GLY n 
1 19  GLY n 
1 20  SER n 
1 21  HIS n 
1 22  MET n 
1 23  TYR n 
1 24  SER n 
1 25  PHE n 
1 26  GLU n 
1 27  GLN n 
1 28  ALA n 
1 29  ILE n 
1 30  THR n 
1 31  GLN n 
1 32  LEU n 
1 33  PHE n 
1 34  GLN n 
1 35  GLN n 
1 36  LEU n 
1 37  SER n 
1 38  LEU n 
1 39  SER n 
1 40  ILE n 
1 41  PRO n 
1 42  ASP n 
1 43  THR n 
1 44  ILE n 
1 45  GLU n 
1 46  PRO n 
1 47  VAL n 
1 48  ILE n 
1 49  GLY n 
1 50  VAL n 
1 51  LYS n 
1 52  VAL n 
1 53  GLY n 
1 54  GLU n 
1 55  PHE n 
1 56  ALA n 
1 57  CYS n 
1 58  HIS n 
1 59  ILE n 
1 60  THR n 
1 61  GLU n 
1 62  HIS n 
1 63  PRO n 
1 64  VAL n 
1 65  GLY n 
1 66  GLN n 
1 67  ILE n 
1 68  LEU n 
1 69  MET n 
1 70  PHE n 
1 71  THR n 
1 72  LEU n 
1 73  PRO n 
1 74  SER n 
1 75  LEU n 
1 76  ASP n 
1 77  ASN n 
1 78  ASN n 
1 79  ASN n 
1 80  GLU n 
1 81  LYS n 
1 82  GLU n 
1 83  THR n 
1 84  LEU n 
1 85  LEU n 
1 86  SER n 
1 87  HIS n 
1 88  ASN n 
1 89  ILE n 
1 90  PHE n 
1 91  SER n 
1 92  GLN n 
1 93  ASP n 
1 94  ILE n 
1 95  LEU n 
1 96  LYS n 
1 97  PRO n 
1 98  ILE n 
1 99  LEU n 
1 100 SER n 
1 101 TRP n 
1 102 ASP n 
1 103 GLU n 
1 104 VAL n 
1 105 GLY n 
1 106 GLY n 
1 107 HIS n 
1 108 PRO n 
1 109 VAL n 
1 110 LEU n 
1 111 TRP n 
1 112 ASN n 
1 113 ARG n 
1 114 GLN n 
1 115 PRO n 
1 116 LEU n 
1 117 ASN n 
1 118 ASN n 
1 119 LEU n 
1 120 ASP n 
1 121 ASN n 
1 122 ASN n 
1 123 SER n 
1 124 LEU n 
1 125 TYR n 
1 126 THR n 
1 127 GLN n 
1 128 LEU n 
1 129 GLU n 
1 130 MET n 
1 131 LEU n 
1 132 VAL n 
1 133 GLN n 
1 134 GLY n 
1 135 ALA n 
1 136 GLU n 
1 137 ARG n 
1 138 LEU n 
1 139 GLN n 
1 140 THR n 
1 141 SER n 
1 142 SER n 
1 143 LEU n 
1 144 ILE n 
1 145 SER n 
1 146 PRO n 
1 147 PRO n 
1 148 ARG n 
1 149 SER n 
1 150 PHE n 
1 151 SER n 
# 
_entity_src_gen.entity_id                          1 
_entity_src_gen.pdbx_src_id                        1 
_entity_src_gen.pdbx_alt_source_flag               sample 
_entity_src_gen.pdbx_seq_type                      'Biological sequence' 
_entity_src_gen.pdbx_beg_seq_num                   1 
_entity_src_gen.pdbx_end_seq_num                   151 
_entity_src_gen.gene_src_common_name               ? 
_entity_src_gen.gene_src_genus                     ? 
_entity_src_gen.pdbx_gene_src_gene                 'sycE, yerA, ERS008652_03695, NCTC10938_04290' 
_entity_src_gen.gene_src_species                   ? 
_entity_src_gen.gene_src_strain                    ? 
_entity_src_gen.gene_src_tissue                    ? 
_entity_src_gen.gene_src_tissue_fraction           ? 
_entity_src_gen.gene_src_details                   ? 
_entity_src_gen.pdbx_gene_src_fragment             ? 
_entity_src_gen.pdbx_gene_src_scientific_name      'Yersinia enterocolitica' 
_entity_src_gen.pdbx_gene_src_ncbi_taxonomy_id     630 
_entity_src_gen.pdbx_gene_src_variant              ? 
_entity_src_gen.pdbx_gene_src_cell_line            ? 
_entity_src_gen.pdbx_gene_src_atcc                 ? 
_entity_src_gen.pdbx_gene_src_organ                ? 
_entity_src_gen.pdbx_gene_src_organelle            ? 
_entity_src_gen.pdbx_gene_src_cell                 ? 
_entity_src_gen.pdbx_gene_src_cellular_location    ? 
_entity_src_gen.host_org_common_name               ? 
_entity_src_gen.pdbx_host_org_scientific_name      'Escherichia coli BL21(DE3)' 
_entity_src_gen.pdbx_host_org_ncbi_taxonomy_id     469008 
_entity_src_gen.host_org_genus                     ? 
_entity_src_gen.pdbx_host_org_gene                 ? 
_entity_src_gen.pdbx_host_org_organ                ? 
_entity_src_gen.host_org_species                   ? 
_entity_src_gen.pdbx_host_org_tissue               ? 
_entity_src_gen.pdbx_host_org_tissue_fraction      ? 
_entity_src_gen.pdbx_host_org_strain               ? 
_entity_src_gen.pdbx_host_org_variant              ? 
_entity_src_gen.pdbx_host_org_cell_line            ? 
_entity_src_gen.pdbx_host_org_atcc                 ? 
_entity_src_gen.pdbx_host_org_culture_collection   ? 
_entity_src_gen.pdbx_host_org_cell                 ? 
_entity_src_gen.pdbx_host_org_organelle            ? 
_entity_src_gen.pdbx_host_org_cellular_location    ? 
_entity_src_gen.pdbx_host_org_vector_type          ? 
_entity_src_gen.pdbx_host_org_vector               ? 
_entity_src_gen.host_org_details                   ? 
_entity_src_gen.expression_system_id               ? 
_entity_src_gen.plasmid_name                       ? 
_entity_src_gen.plasmid_details                    ? 
_entity_src_gen.pdbx_description                   ? 
# 
_struct_ref.id                         1 
_struct_ref.db_name                    UNP 
_struct_ref.db_code                    Q79NJ9_YEREN 
_struct_ref.pdbx_db_accession          Q79NJ9 
_struct_ref.pdbx_db_isoform            ? 
_struct_ref.entity_id                  1 
_struct_ref.pdbx_seq_one_letter_code   
;MYSFEQAITQLFQQLSLSIPDTIEPVIGVKVGEFACHITEHPVGQILMFTLPSLDNNNEKETLLSHNIFSQDILKPILSW
DEVGGHPVLWNRQPLNNLDNNSLYTQLEMLVQGAERLQTSSLISPPRSFS
;
_struct_ref.pdbx_align_begin           1 
# 
_struct_ref_seq.align_id                      1 
_struct_ref_seq.ref_id                        1 
_struct_ref_seq.pdbx_PDB_id_code              7EVA 
_struct_ref_seq.pdbx_strand_id                C 
_struct_ref_seq.seq_align_beg                 22 
_struct_ref_seq.pdbx_seq_align_beg_ins_code   ? 
_struct_ref_seq.seq_align_end                 151 
_struct_ref_seq.pdbx_seq_align_end_ins_code   ? 
_struct_ref_seq.pdbx_db_accession             Q79NJ9 
_struct_ref_seq.db_align_beg                  1 
_struct_ref_seq.pdbx_db_align_beg_ins_code    ? 
_struct_ref_seq.db_align_end                  130 
_struct_ref_seq.pdbx_db_align_end_ins_code    ? 
_struct_ref_seq.pdbx_auth_seq_align_beg       1 
_struct_ref_seq.pdbx_auth_seq_align_end       130 
# 
loop_
_struct_ref_seq_dif.align_id 
_struct_ref_seq_dif.pdbx_pdb_id_code 
_struct_ref_seq_dif.mon_id 
_struct_ref_seq_dif.pdbx_pdb_strand_id 
_struct_ref_seq_dif.seq_num 
_struct_ref_seq_dif.pdbx_pdb_ins_code 
_struct_ref_seq_dif.pdbx_seq_db_name 
_struct_ref_seq_dif.pdbx_seq_db_accession_code 
_struct_ref_seq_dif.db_mon_id 
_struct_ref_seq_dif.pdbx_seq_db_seq_num 
_struct_ref_seq_dif.details 
_struct_ref_seq_dif.pdbx_auth_seq_num 
_struct_ref_seq_dif.pdbx_ordinal 
1 7EVA MET C 1  ? UNP Q79NJ9 ? ? 'initiating methionine' -20 1  
1 7EVA GLY C 2  ? UNP Q79NJ9 ? ? 'expression tag'        -19 2  
1 7EVA SER C 3  ? UNP Q79NJ9 ? ? 'expression tag'        -18 3  
1 7EVA SER C 4  ? UNP Q79NJ9 ? ? 'expression tag'        -17 4  
1 7EVA HIS C 5  ? UNP Q79NJ9 ? ? 'expression tag'        -16 5  
1 7EVA HIS C 6  ? UNP Q79NJ9 ? ? 'expression tag'        -15 6  
1 7EVA HIS C 7  ? UNP Q79NJ9 ? ? 'expression tag'        -14 7  
1 7EVA HIS C 8  ? UNP Q79NJ9 ? ? 'expression tag'        -13 8  
1 7EVA HIS C 9  ? UNP Q79NJ9 ? ? 'expression tag'        -12 9  
1 7EVA HIS C 10 ? UNP Q79NJ9 ? ? 'expression tag'        -11 10 
1 7EVA SER C 11 ? UNP Q79NJ9 ? ? 'expression tag'        -10 11 
1 7EVA SER C 12 ? UNP Q79NJ9 ? ? 'expression tag'        -9  12 
1 7EVA GLY C 13 ? UNP Q79NJ9 ? ? 'expression tag'        -8  13 
1 7EVA LEU C 14 ? UNP Q79NJ9 ? ? 'expression tag'        -7  14 
1 7EVA VAL C 15 ? UNP Q79NJ9 ? ? 'expression tag'        -6  15 
1 7EVA PRO C 16 ? UNP Q79NJ9 ? ? 'expression tag'        -5  16 
1 7EVA ARG C 17 ? UNP Q79NJ9 ? ? 'expression tag'        -4  17 
1 7EVA GLY C 18 ? UNP Q79NJ9 ? ? 'expression tag'        -3  18 
1 7EVA GLY C 19 ? UNP Q79NJ9 ? ? 'expression tag'        -2  19 
1 7EVA SER C 20 ? UNP Q79NJ9 ? ? 'expression tag'        -1  20 
1 7EVA HIS C 21 ? UNP Q79NJ9 ? ? 'expression tag'        0   21 
# 
loop_
_chem_comp.id 
_chem_comp.type 
_chem_comp.mon_nstd_flag 
_chem_comp.name 
_chem_comp.pdbx_synonyms 
_chem_comp.formula 
_chem_comp.formula_weight 
ALA 'L-peptide linking' y ALANINE         ? 'C3 H7 N O2'     89.093  
ARG 'L-peptide linking' y ARGININE        ? 'C6 H15 N4 O2 1' 175.209 
ASN 'L-peptide linking' y ASPARAGINE      ? 'C4 H8 N2 O3'    132.118 
ASP 'L-peptide linking' y 'ASPARTIC ACID' ? 'C4 H7 N O4'     133.103 
CYS 'L-peptide linking' y CYSTEINE        ? 'C3 H7 N O2 S'   121.158 
GLN 'L-peptide linking' y GLUTAMINE       ? 'C5 H10 N2 O3'   146.144 
GLU 'L-peptide linking' y 'GLUTAMIC ACID' ? 'C5 H9 N O4'     147.129 
GLY 'peptide linking'   y GLYCINE         ? 'C2 H5 N O2'     75.067  
HIS 'L-peptide linking' y HISTIDINE       ? 'C6 H10 N3 O2 1' 156.162 
HOH non-polymer         . WATER           ? 'H2 O'           18.015  
ILE 'L-peptide linking' y ISOLEUCINE      ? 'C6 H13 N O2'    131.173 
LEU 'L-peptide linking' y LEUCINE         ? 'C6 H13 N O2'    131.173 
LYS 'L-peptide linking' y LYSINE          ? 'C6 H15 N2 O2 1' 147.195 
MET 'L-peptide linking' y METHIONINE      ? 'C5 H11 N O2 S'  149.211 
PHE 'L-peptide linking' y PHENYLALANINE   ? 'C9 H11 N O2'    165.189 
PRO 'L-peptide linking' y PROLINE         ? 'C5 H9 N O2'     115.130 
SER 'L-peptide linking' y SERINE          ? 'C3 H7 N O3'     105.093 
THR 'L-peptide linking' y THREONINE       ? 'C4 H9 N O3'     119.119 
TRP 'L-peptide linking' y TRYPTOPHAN      ? 'C11 H12 N2 O2'  204.225 
TYR 'L-peptide linking' y TYROSINE        ? 'C9 H11 N O3'    181.189 
VAL 'L-peptide linking' y VALINE          ? 'C5 H11 N O2'    117.146 
# 
_exptl.absorpt_coefficient_mu     ? 
_exptl.absorpt_correction_T_max   ? 
_exptl.absorpt_correction_T_min   ? 
_exptl.absorpt_correction_type    ? 
_exptl.absorpt_process_details    ? 
_exptl.entry_id                   7EVA 
_exptl.crystals_number            1 
_exptl.details                    ? 
_exptl.method                     'X-RAY DIFFRACTION' 
_exptl.method_details             ? 
# 
_exptl_crystal.colour                      ? 
_exptl_crystal.density_diffrn              ? 
_exptl_crystal.density_Matthews            1.91 
_exptl_crystal.density_method              ? 
_exptl_crystal.density_percent_sol         35.75 
_exptl_crystal.description                 ? 
_exptl_crystal.F_000                       ? 
_exptl_crystal.id                          1 
_exptl_crystal.preparation                 ? 
_exptl_crystal.size_max                    ? 
_exptl_crystal.size_mid                    ? 
_exptl_crystal.size_min                    ? 
_exptl_crystal.size_rad                    ? 
_exptl_crystal.colour_lustre               ? 
_exptl_crystal.colour_modifier             ? 
_exptl_crystal.colour_primary              ? 
_exptl_crystal.density_meas                ? 
_exptl_crystal.density_meas_esd            ? 
_exptl_crystal.density_meas_gt             ? 
_exptl_crystal.density_meas_lt             ? 
_exptl_crystal.density_meas_temp           ? 
_exptl_crystal.density_meas_temp_esd       ? 
_exptl_crystal.density_meas_temp_gt        ? 
_exptl_crystal.density_meas_temp_lt        ? 
_exptl_crystal.pdbx_crystal_image_url      ? 
_exptl_crystal.pdbx_crystal_image_format   ? 
_exptl_crystal.pdbx_mosaicity              ? 
_exptl_crystal.pdbx_mosaicity_esd          ? 
# 
_exptl_crystal_grow.apparatus       ? 
_exptl_crystal_grow.atmosphere      ? 
_exptl_crystal_grow.crystal_id      1 
_exptl_crystal_grow.details         ? 
_exptl_crystal_grow.method          'VAPOR DIFFUSION, SITTING DROP' 
_exptl_crystal_grow.method_ref      ? 
_exptl_crystal_grow.pH              6.0 
_exptl_crystal_grow.pressure        ? 
_exptl_crystal_grow.pressure_esd    ? 
_exptl_crystal_grow.seeding         ? 
_exptl_crystal_grow.seeding_ref     ? 
_exptl_crystal_grow.temp            298 
_exptl_crystal_grow.temp_details    ? 
_exptl_crystal_grow.temp_esd        ? 
_exptl_crystal_grow.time            ? 
_exptl_crystal_grow.pdbx_details    '100mM MES pH 6.0, 50-80mM Na-Citrate, 5-10% PEG 3350, 100mM NaCl' 
_exptl_crystal_grow.pdbx_pH_range   ? 
# 
_diffrn.ambient_environment              ? 
_diffrn.ambient_temp                     100 
_diffrn.ambient_temp_details             ? 
_diffrn.ambient_temp_esd                 ? 
_diffrn.crystal_id                       1 
_diffrn.crystal_support                  ? 
_diffrn.crystal_treatment                ? 
_diffrn.details                          ? 
_diffrn.id                               1 
_diffrn.ambient_pressure                 ? 
_diffrn.ambient_pressure_esd             ? 
_diffrn.ambient_pressure_gt              ? 
_diffrn.ambient_pressure_lt              ? 
_diffrn.ambient_temp_gt                  ? 
_diffrn.ambient_temp_lt                  ? 
_diffrn.pdbx_serial_crystal_experiment   N 
# 
_diffrn_detector.details                      ? 
_diffrn_detector.detector                     CCD 
_diffrn_detector.diffrn_id                    1 
_diffrn_detector.type                         'APEX II CCD' 
_diffrn_detector.area_resol_mean              ? 
_diffrn_detector.dtime                        ? 
_diffrn_detector.pdbx_frames_total            ? 
_diffrn_detector.pdbx_collection_time_total   ? 
_diffrn_detector.pdbx_collection_date         2019-03-25 
_diffrn_detector.pdbx_frequency               ? 
# 
_diffrn_radiation.collimation                      ? 
_diffrn_radiation.diffrn_id                        1 
_diffrn_radiation.filter_edge                      ? 
_diffrn_radiation.inhomogeneity                    ? 
_diffrn_radiation.monochromator                    M 
_diffrn_radiation.polarisn_norm                    ? 
_diffrn_radiation.polarisn_ratio                   ? 
_diffrn_radiation.probe                            ? 
_diffrn_radiation.type                             ? 
_diffrn_radiation.xray_symbol                      ? 
_diffrn_radiation.wavelength_id                    1 
_diffrn_radiation.pdbx_monochromatic_or_laue_m_l   M 
_diffrn_radiation.pdbx_wavelength_list             ? 
_diffrn_radiation.pdbx_wavelength                  ? 
_diffrn_radiation.pdbx_diffrn_protocol             'SINGLE WAVELENGTH' 
_diffrn_radiation.pdbx_analyzer                    ? 
_diffrn_radiation.pdbx_scattering_type             x-ray 
# 
_diffrn_radiation_wavelength.id           1 
_diffrn_radiation_wavelength.wavelength   1.5 
_diffrn_radiation_wavelength.wt           1.0 
# 
_diffrn_source.current                     ? 
_diffrn_source.details                     ? 
_diffrn_source.diffrn_id                   1 
_diffrn_source.power                       ? 
_diffrn_source.size                        ? 
_diffrn_source.source                      'ROTATING ANODE' 
_diffrn_source.target                      ? 
_diffrn_source.type                        'Cu FINE FOCUS' 
_diffrn_source.voltage                     ? 
_diffrn_source.take-off_angle              ? 
_diffrn_source.pdbx_wavelength_list        1.5 
_diffrn_source.pdbx_wavelength             ? 
_diffrn_source.pdbx_synchrotron_beamline   ? 
_diffrn_source.pdbx_synchrotron_site       ? 
# 
_reflns.B_iso_Wilson_estimate                          ? 
_reflns.entry_id                                       7EVA 
_reflns.data_reduction_details                         ? 
_reflns.data_reduction_method                          ? 
_reflns.d_resolution_high                              2.08 
_reflns.d_resolution_low                               25.94 
_reflns.details                                        ? 
_reflns.limit_h_max                                    ? 
_reflns.limit_h_min                                    ? 
_reflns.limit_k_max                                    ? 
_reflns.limit_k_min                                    ? 
_reflns.limit_l_max                                    ? 
_reflns.limit_l_min                                    ? 
_reflns.number_all                                     ? 
_reflns.number_obs                                     8342 
_reflns.observed_criterion                             ? 
_reflns.observed_criterion_F_max                       ? 
_reflns.observed_criterion_F_min                       ? 
_reflns.observed_criterion_I_max                       ? 
_reflns.observed_criterion_I_min                       ? 
_reflns.observed_criterion_sigma_F                     ? 
_reflns.observed_criterion_sigma_I                     ? 
_reflns.percent_possible_obs                           99.7 
_reflns.R_free_details                                 ? 
_reflns.Rmerge_F_all                                   ? 
_reflns.Rmerge_F_obs                                   ? 
_reflns.Friedel_coverage                               ? 
_reflns.number_gt                                      ? 
_reflns.threshold_expression                           ? 
_reflns.pdbx_redundancy                                15.11 
_reflns.pdbx_Rmerge_I_obs                              .2 
_reflns.pdbx_Rmerge_I_all                              ? 
_reflns.pdbx_Rsym_value                                ? 
_reflns.pdbx_netI_over_av_sigmaI                       ? 
_reflns.pdbx_netI_over_sigmaI                          1.51 
_reflns.pdbx_res_netI_over_av_sigmaI_2                 ? 
_reflns.pdbx_res_netI_over_sigmaI_2                    ? 
_reflns.pdbx_chi_squared                               ? 
_reflns.pdbx_scaling_rejects                           ? 
_reflns.pdbx_d_res_high_opt                            ? 
_reflns.pdbx_d_res_low_opt                             ? 
_reflns.pdbx_d_res_opt_method                          ? 
_reflns.phase_calculation_details                      ? 
_reflns.pdbx_Rrim_I_all                                ? 
_reflns.pdbx_Rpim_I_all                                ? 
_reflns.pdbx_d_opt                                     ? 
_reflns.pdbx_number_measured_all                       ? 
_reflns.pdbx_diffrn_id                                 1 
_reflns.pdbx_ordinal                                   1 
_reflns.pdbx_CC_half                                   ? 
_reflns.pdbx_CC_star                                   ? 
_reflns.pdbx_R_split                                   ? 
_reflns.pdbx_aniso_diffraction_limit_axis_1_ortho[1]   ? 
_reflns.pdbx_aniso_diffraction_limit_axis_1_ortho[2]   ? 
_reflns.pdbx_aniso_diffraction_limit_axis_1_ortho[3]   ? 
_reflns.pdbx_aniso_diffraction_limit_axis_2_ortho[1]   ? 
_reflns.pdbx_aniso_diffraction_limit_axis_2_ortho[2]   ? 
_reflns.pdbx_aniso_diffraction_limit_axis_2_ortho[3]   ? 
_reflns.pdbx_aniso_diffraction_limit_axis_3_ortho[1]   ? 
_reflns.pdbx_aniso_diffraction_limit_axis_3_ortho[2]   ? 
_reflns.pdbx_aniso_diffraction_limit_axis_3_ortho[3]   ? 
_reflns.pdbx_aniso_diffraction_limit_1                 ? 
_reflns.pdbx_aniso_diffraction_limit_2                 ? 
_reflns.pdbx_aniso_diffraction_limit_3                 ? 
_reflns.pdbx_aniso_B_tensor_eigenvector_1_ortho[1]     ? 
_reflns.pdbx_aniso_B_tensor_eigenvector_1_ortho[2]     ? 
_reflns.pdbx_aniso_B_tensor_eigenvector_1_ortho[3]     ? 
_reflns.pdbx_aniso_B_tensor_eigenvector_2_ortho[1]     ? 
_reflns.pdbx_aniso_B_tensor_eigenvector_2_ortho[2]     ? 
_reflns.pdbx_aniso_B_tensor_eigenvector_2_ortho[3]     ? 
_reflns.pdbx_aniso_B_tensor_eigenvector_3_ortho[1]     ? 
_reflns.pdbx_aniso_B_tensor_eigenvector_3_ortho[2]     ? 
_reflns.pdbx_aniso_B_tensor_eigenvector_3_ortho[3]     ? 
_reflns.pdbx_aniso_B_tensor_eigenvalue_1               ? 
_reflns.pdbx_aniso_B_tensor_eigenvalue_2               ? 
_reflns.pdbx_aniso_B_tensor_eigenvalue_3               ? 
_reflns.pdbx_orthogonalization_convention              ? 
_reflns.pdbx_percent_possible_ellipsoidal              ? 
_reflns.pdbx_percent_possible_spherical                ? 
_reflns.pdbx_percent_possible_ellipsoidal_anomalous    ? 
_reflns.pdbx_percent_possible_spherical_anomalous      ? 
_reflns.pdbx_redundancy_anomalous                      ? 
_reflns.pdbx_CC_half_anomalous                         ? 
_reflns.pdbx_absDiff_over_sigma_anomalous              ? 
_reflns.pdbx_percent_possible_anomalous                ? 
_reflns.pdbx_observed_signal_threshold                 ? 
_reflns.pdbx_signal_type                               ? 
_reflns.pdbx_signal_details                            ? 
_reflns.pdbx_signal_software_id                        ? 
# 
_reflns_shell.d_res_high                                    2.08 
_reflns_shell.d_res_low                                     2.14 
_reflns_shell.meanI_over_sigI_all                           ? 
_reflns_shell.meanI_over_sigI_obs                           ? 
_reflns_shell.number_measured_all                           ? 
_reflns_shell.number_measured_obs                           ? 
_reflns_shell.number_possible                               ? 
_reflns_shell.number_unique_all                             ? 
_reflns_shell.number_unique_obs                             8342 
_reflns_shell.percent_possible_all                          ? 
_reflns_shell.percent_possible_obs                          ? 
_reflns_shell.Rmerge_F_all                                  ? 
_reflns_shell.Rmerge_F_obs                                  ? 
_reflns_shell.Rmerge_I_all                                  ? 
_reflns_shell.Rmerge_I_obs                                  0.278 
_reflns_shell.meanI_over_sigI_gt                            ? 
_reflns_shell.meanI_over_uI_all                             ? 
_reflns_shell.meanI_over_uI_gt                              ? 
_reflns_shell.number_measured_gt                            ? 
_reflns_shell.number_unique_gt                              ? 
_reflns_shell.percent_possible_gt                           ? 
_reflns_shell.Rmerge_F_gt                                   ? 
_reflns_shell.Rmerge_I_gt                                   ? 
_reflns_shell.pdbx_redundancy                               ? 
_reflns_shell.pdbx_Rsym_value                               ? 
_reflns_shell.pdbx_chi_squared                              ? 
_reflns_shell.pdbx_netI_over_sigmaI_all                     ? 
_reflns_shell.pdbx_netI_over_sigmaI_obs                     ? 
_reflns_shell.pdbx_Rrim_I_all                               ? 
_reflns_shell.pdbx_Rpim_I_all                               ? 
_reflns_shell.pdbx_rejects                                  ? 
_reflns_shell.pdbx_ordinal                                  1 
_reflns_shell.pdbx_diffrn_id                                1 
_reflns_shell.pdbx_CC_half                                  ? 
_reflns_shell.pdbx_CC_star                                  ? 
_reflns_shell.pdbx_R_split                                  ? 
_reflns_shell.pdbx_percent_possible_ellipsoidal             ? 
_reflns_shell.pdbx_percent_possible_spherical               ? 
_reflns_shell.pdbx_percent_possible_ellipsoidal_anomalous   ? 
_reflns_shell.pdbx_percent_possible_spherical_anomalous     ? 
_reflns_shell.pdbx_redundancy_anomalous                     ? 
_reflns_shell.pdbx_CC_half_anomalous                        ? 
_reflns_shell.pdbx_absDiff_over_sigma_anomalous             ? 
_reflns_shell.pdbx_percent_possible_anomalous               ? 
# 
_refine.aniso_B[1][1]                            ? 
_refine.aniso_B[1][2]                            ? 
_refine.aniso_B[1][3]                            ? 
_refine.aniso_B[2][2]                            ? 
_refine.aniso_B[2][3]                            ? 
_refine.aniso_B[3][3]                            ? 
_refine.B_iso_max                                88.810 
_refine.B_iso_mean                               31.2664 
_refine.B_iso_min                                12.160 
_refine.correlation_coeff_Fo_to_Fc               ? 
_refine.correlation_coeff_Fo_to_Fc_free          ? 
_refine.details                                  ? 
_refine.diff_density_max                         ? 
_refine.diff_density_max_esd                     ? 
_refine.diff_density_min                         ? 
_refine.diff_density_min_esd                     ? 
_refine.diff_density_rms                         ? 
_refine.diff_density_rms_esd                     ? 
_refine.entry_id                                 7EVA 
_refine.pdbx_refine_id                           'X-RAY DIFFRACTION' 
_refine.ls_abs_structure_details                 ? 
_refine.ls_abs_structure_Flack                   ? 
_refine.ls_abs_structure_Flack_esd               ? 
_refine.ls_abs_structure_Rogers                  ? 
_refine.ls_abs_structure_Rogers_esd              ? 
_refine.ls_d_res_high                            2.0830 
_refine.ls_d_res_low                             25.9380 
_refine.ls_extinction_coef                       ? 
_refine.ls_extinction_coef_esd                   ? 
_refine.ls_extinction_expression                 ? 
_refine.ls_extinction_method                     ? 
_refine.ls_goodness_of_fit_all                   ? 
_refine.ls_goodness_of_fit_all_esd               ? 
_refine.ls_goodness_of_fit_obs                   ? 
_refine.ls_goodness_of_fit_obs_esd               ? 
_refine.ls_hydrogen_treatment                    ? 
_refine.ls_matrix_type                           ? 
_refine.ls_number_constraints                    ? 
_refine.ls_number_parameters                     ? 
_refine.ls_number_reflns_all                     ? 
_refine.ls_number_reflns_obs                     8304 
_refine.ls_number_reflns_R_free                  382 
_refine.ls_number_reflns_R_work                  7922 
_refine.ls_number_restraints                     ? 
_refine.ls_percent_reflns_obs                    99.8000 
_refine.ls_percent_reflns_R_free                 4.6000 
_refine.ls_R_factor_all                          ? 
_refine.ls_R_factor_obs                          0.2010 
_refine.ls_R_factor_R_free                       0.2345 
_refine.ls_R_factor_R_free_error                 ? 
_refine.ls_R_factor_R_free_error_details         ? 
_refine.ls_R_factor_R_work                       0.1995 
_refine.ls_R_Fsqd_factor_obs                     ? 
_refine.ls_R_I_factor_obs                        ? 
_refine.ls_redundancy_reflns_all                 ? 
_refine.ls_redundancy_reflns_obs                 ? 
_refine.ls_restrained_S_all                      ? 
_refine.ls_restrained_S_obs                      ? 
_refine.ls_shift_over_esd_max                    ? 
_refine.ls_shift_over_esd_mean                   ? 
_refine.ls_structure_factor_coef                 ? 
_refine.ls_weighting_details                     ? 
_refine.ls_weighting_scheme                      ? 
_refine.ls_wR_factor_all                         ? 
_refine.ls_wR_factor_obs                         ? 
_refine.ls_wR_factor_R_free                      ? 
_refine.ls_wR_factor_R_work                      ? 
_refine.occupancy_max                            ? 
_refine.occupancy_min                            ? 
_refine.solvent_model_details                    'FLAT BULK SOLVENT MODEL' 
_refine.solvent_model_param_bsol                 ? 
_refine.solvent_model_param_ksol                 ? 
_refine.pdbx_R_complete                          ? 
_refine.ls_R_factor_gt                           ? 
_refine.ls_goodness_of_fit_gt                    ? 
_refine.ls_goodness_of_fit_ref                   ? 
_refine.ls_shift_over_su_max                     ? 
_refine.ls_shift_over_su_max_lt                  ? 
_refine.ls_shift_over_su_mean                    ? 
_refine.ls_shift_over_su_mean_lt                 ? 
_refine.pdbx_ls_sigma_I                          ? 
_refine.pdbx_ls_sigma_F                          1.340 
_refine.pdbx_ls_sigma_Fsqd                       ? 
_refine.pdbx_data_cutoff_high_absF               ? 
_refine.pdbx_data_cutoff_high_rms_absF           ? 
_refine.pdbx_data_cutoff_low_absF                ? 
_refine.pdbx_isotropic_thermal_model             ? 
_refine.pdbx_ls_cross_valid_method               THROUGHOUT 
_refine.pdbx_method_to_determine_struct          'MOLECULAR REPLACEMENT' 
_refine.pdbx_starting_model                      1n5b 
_refine.pdbx_stereochemistry_target_values       ML 
_refine.pdbx_R_Free_selection_details            ? 
_refine.pdbx_stereochem_target_val_spec_case     ? 
_refine.pdbx_overall_ESU_R                       ? 
_refine.pdbx_overall_ESU_R_Free                  ? 
_refine.pdbx_solvent_vdw_probe_radii             1.1100 
_refine.pdbx_solvent_ion_probe_radii             ? 
_refine.pdbx_solvent_shrinkage_radii             0.9000 
_refine.pdbx_real_space_R                        ? 
_refine.pdbx_density_correlation                 ? 
_refine.pdbx_pd_number_of_powder_patterns        ? 
_refine.pdbx_pd_number_of_points                 ? 
_refine.pdbx_pd_meas_number_of_points            ? 
_refine.pdbx_pd_proc_ls_prof_R_factor            ? 
_refine.pdbx_pd_proc_ls_prof_wR_factor           ? 
_refine.pdbx_pd_Marquardt_correlation_coeff      ? 
_refine.pdbx_pd_Fsqrd_R_factor                   ? 
_refine.pdbx_pd_ls_matrix_band_width             ? 
_refine.pdbx_overall_phase_error                 22.4000 
_refine.pdbx_overall_SU_R_free_Cruickshank_DPI   ? 
_refine.pdbx_overall_SU_R_free_Blow_DPI          ? 
_refine.pdbx_overall_SU_R_Blow_DPI               ? 
_refine.pdbx_TLS_residual_ADP_flag               ? 
_refine.pdbx_diffrn_id                           1 
_refine.overall_SU_B                             ? 
_refine.overall_SU_ML                            0.1300 
_refine.overall_SU_R_Cruickshank_DPI             ? 
_refine.overall_SU_R_free                        ? 
_refine.overall_FOM_free_R_set                   ? 
_refine.overall_FOM_work_R_set                   ? 
_refine.pdbx_average_fsc_overall                 ? 
_refine.pdbx_average_fsc_work                    ? 
_refine.pdbx_average_fsc_free                    ? 
# 
_refine_hist.pdbx_refine_id                   'X-RAY DIFFRACTION' 
_refine_hist.cycle_id                         final 
_refine_hist.details                          ? 
_refine_hist.d_res_high                       2.0830 
_refine_hist.d_res_low                        25.9380 
_refine_hist.number_atoms_solvent             75 
_refine_hist.number_atoms_total               1011 
_refine_hist.number_reflns_all                ? 
_refine_hist.number_reflns_obs                ? 
_refine_hist.number_reflns_R_free             ? 
_refine_hist.number_reflns_R_work             ? 
_refine_hist.R_factor_all                     ? 
_refine_hist.R_factor_obs                     ? 
_refine_hist.R_factor_R_free                  ? 
_refine_hist.R_factor_R_work                  ? 
_refine_hist.pdbx_number_residues_total       117 
_refine_hist.pdbx_B_iso_mean_ligand           ? 
_refine_hist.pdbx_B_iso_mean_solvent          33.82 
_refine_hist.pdbx_number_atoms_protein        936 
_refine_hist.pdbx_number_atoms_nucleic_acid   0 
_refine_hist.pdbx_number_atoms_ligand         0 
_refine_hist.pdbx_number_atoms_lipid          ? 
_refine_hist.pdbx_number_atoms_carb           ? 
_refine_hist.pdbx_pseudo_atom_details         ? 
# 
loop_
_refine_ls_shell.pdbx_refine_id 
_refine_ls_shell.d_res_high 
_refine_ls_shell.d_res_low 
_refine_ls_shell.number_reflns_all 
_refine_ls_shell.number_reflns_obs 
_refine_ls_shell.number_reflns_R_free 
_refine_ls_shell.number_reflns_R_work 
_refine_ls_shell.percent_reflns_obs 
_refine_ls_shell.percent_reflns_R_free 
_refine_ls_shell.R_factor_all 
_refine_ls_shell.R_factor_obs 
_refine_ls_shell.R_factor_R_free 
_refine_ls_shell.R_factor_R_free_error 
_refine_ls_shell.R_factor_R_work 
_refine_ls_shell.redundancy_reflns_all 
_refine_ls_shell.redundancy_reflns_obs 
_refine_ls_shell.wR_factor_all 
_refine_ls_shell.wR_factor_obs 
_refine_ls_shell.wR_factor_R_free 
_refine_ls_shell.wR_factor_R_work 
_refine_ls_shell.pdbx_R_complete 
_refine_ls_shell.pdbx_total_number_of_bins_used 
_refine_ls_shell.pdbx_phase_error 
_refine_ls_shell.pdbx_fsc_work 
_refine_ls_shell.pdbx_fsc_free 
'X-RAY DIFFRACTION' 2.0830 2.3838 . . 112 2554 99.0000  . . . 0.2622 0.0000 0.1895 . . . . . . . . . . . 
'X-RAY DIFFRACTION' 2.3838 3.0026 . . 149 2596 100.0000 . . . 0.2426 0.0000 0.2034 . . . . . . . . . . . 
'X-RAY DIFFRACTION' 3.0026 3.0026 . . 121 2772 100.0000 . . . 0.2209 0.0000 0.2009 . . . . . . . . . . . 
# 
_struct.entry_id                     7EVA 
_struct.title                        'Structure of molecular chaperone SycE of Yersinia enterocolitica' 
_struct.pdbx_model_details           ? 
_struct.pdbx_formula_weight          ? 
_struct.pdbx_formula_weight_method   ? 
_struct.pdbx_model_type_details      ? 
_struct.pdbx_CASP_flag               N 
# 
_struct_keywords.entry_id        7EVA 
_struct_keywords.text            'Molecular-chaperone, Yersinia Outer Protein, Type Three secrection chaperone, CHAPERONE' 
_struct_keywords.pdbx_keywords   CHAPERONE 
# 
loop_
_struct_asym.id 
_struct_asym.pdbx_blank_PDB_chainid_flag 
_struct_asym.pdbx_modified 
_struct_asym.entity_id 
_struct_asym.details 
A N N 1 ? 
B N N 2 ? 
# 
loop_
_struct_conf.conf_type_id 
_struct_conf.id 
_struct_conf.pdbx_PDB_helix_id 
_struct_conf.beg_label_comp_id 
_struct_conf.beg_label_asym_id 
_struct_conf.beg_label_seq_id 
_struct_conf.pdbx_beg_PDB_ins_code 
_struct_conf.end_label_comp_id 
_struct_conf.end_label_asym_id 
_struct_conf.end_label_seq_id 
_struct_conf.pdbx_end_PDB_ins_code 
_struct_conf.beg_auth_comp_id 
_struct_conf.beg_auth_asym_id 
_struct_conf.beg_auth_seq_id 
_struct_conf.end_auth_comp_id 
_struct_conf.end_auth_asym_id 
_struct_conf.end_auth_seq_id 
_struct_conf.pdbx_PDB_helix_class 
_struct_conf.details 
_struct_conf.pdbx_PDB_helix_length 
HELX_P HELX_P1 AA1 TYR A 23  ? LEU A 36  ? TYR C 2   LEU C 15  1 ? 14 
HELX_P HELX_P2 AA2 GLU A 80  ? HIS A 87  ? GLU C 59  HIS C 66  1 ? 8  
HELX_P HELX_P3 AA3 ASN A 122 ? LEU A 138 ? ASN C 101 LEU C 117 1 ? 17 
# 
_struct_conf_type.id          HELX_P 
_struct_conf_type.criteria    ? 
_struct_conf_type.reference   ? 
# 
loop_
_struct_mon_prot_cis.pdbx_id 
_struct_mon_prot_cis.label_comp_id 
_struct_mon_prot_cis.label_seq_id 
_struct_mon_prot_cis.label_asym_id 
_struct_mon_prot_cis.label_alt_id 
_struct_mon_prot_cis.pdbx_PDB_ins_code 
_struct_mon_prot_cis.auth_comp_id 
_struct_mon_prot_cis.auth_seq_id 
_struct_mon_prot_cis.auth_asym_id 
_struct_mon_prot_cis.pdbx_label_comp_id_2 
_struct_mon_prot_cis.pdbx_label_seq_id_2 
_struct_mon_prot_cis.pdbx_label_asym_id_2 
_struct_mon_prot_cis.pdbx_PDB_ins_code_2 
_struct_mon_prot_cis.pdbx_auth_comp_id_2 
_struct_mon_prot_cis.pdbx_auth_seq_id_2 
_struct_mon_prot_cis.pdbx_auth_asym_id_2 
_struct_mon_prot_cis.pdbx_PDB_model_num 
_struct_mon_prot_cis.pdbx_omega_angle 
1 PRO 46 A . ? PRO 25 C VAL 47 A ? VAL 26 C 1 1.78  
2 HIS 62 A . ? HIS 41 C PRO 63 A ? PRO 42 C 1 -6.71 
# 
_struct_sheet.id               AA1 
_struct_sheet.type             ? 
_struct_sheet.number_strands   5 
_struct_sheet.details          ? 
# 
loop_
_struct_sheet_order.sheet_id 
_struct_sheet_order.range_id_1 
_struct_sheet_order.range_id_2 
_struct_sheet_order.offset 
_struct_sheet_order.sense 
AA1 1 2 ? anti-parallel 
AA1 2 3 ? anti-parallel 
AA1 3 4 ? anti-parallel 
AA1 4 5 ? anti-parallel 
# 
loop_
_struct_sheet_range.sheet_id 
_struct_sheet_range.id 
_struct_sheet_range.beg_label_comp_id 
_struct_sheet_range.beg_label_asym_id 
_struct_sheet_range.beg_label_seq_id 
_struct_sheet_range.pdbx_beg_PDB_ins_code 
_struct_sheet_range.end_label_comp_id 
_struct_sheet_range.end_label_asym_id 
_struct_sheet_range.end_label_seq_id 
_struct_sheet_range.pdbx_end_PDB_ins_code 
_struct_sheet_range.beg_auth_comp_id 
_struct_sheet_range.beg_auth_asym_id 
_struct_sheet_range.beg_auth_seq_id 
_struct_sheet_range.end_auth_comp_id 
_struct_sheet_range.end_auth_asym_id 
_struct_sheet_range.end_auth_seq_id 
AA1 1 ILE A 48  ? VAL A 52  ? ILE C 27 VAL C 31 
AA1 2 PHE A 55  ? GLU A 61  ? PHE C 34 GLU C 40 
AA1 3 GLN A 66  ? THR A 71  ? GLN C 45 THR C 50 
AA1 4 HIS A 107 ? PRO A 115 ? HIS C 86 PRO C 94 
AA1 5 ILE A 98  ? ASP A 102 ? ILE C 77 ASP C 81 
# 
loop_
_pdbx_struct_sheet_hbond.sheet_id 
_pdbx_struct_sheet_hbond.range_id_1 
_pdbx_struct_sheet_hbond.range_id_2 
_pdbx_struct_sheet_hbond.range_1_label_atom_id 
_pdbx_struct_sheet_hbond.range_1_label_comp_id 
_pdbx_struct_sheet_hbond.range_1_label_asym_id 
_pdbx_struct_sheet_hbond.range_1_label_seq_id 
_pdbx_struct_sheet_hbond.range_1_PDB_ins_code 
_pdbx_struct_sheet_hbond.range_1_auth_atom_id 
_pdbx_struct_sheet_hbond.range_1_auth_comp_id 
_pdbx_struct_sheet_hbond.range_1_auth_asym_id 
_pdbx_struct_sheet_hbond.range_1_auth_seq_id 
_pdbx_struct_sheet_hbond.range_2_label_atom_id 
_pdbx_struct_sheet_hbond.range_2_label_comp_id 
_pdbx_struct_sheet_hbond.range_2_label_asym_id 
_pdbx_struct_sheet_hbond.range_2_label_seq_id 
_pdbx_struct_sheet_hbond.range_2_PDB_ins_code 
_pdbx_struct_sheet_hbond.range_2_auth_atom_id 
_pdbx_struct_sheet_hbond.range_2_auth_comp_id 
_pdbx_struct_sheet_hbond.range_2_auth_asym_id 
_pdbx_struct_sheet_hbond.range_2_auth_seq_id 
AA1 1 2 N ILE A 48  ? N ILE C 27 O ILE A 59  ? O ILE C 38 
AA1 2 3 N THR A 60  ? N THR C 39 O LEU A 68  ? O LEU C 47 
AA1 3 4 N ILE A 67  ? N ILE C 46 O GLN A 114 ? O GLN C 93 
AA1 4 5 O TRP A 111 ? O TRP C 90 N ILE A 98  ? N ILE C 77 
# 
_atom_sites.entry_id                    7EVA 
_atom_sites.Cartn_transf_matrix[1][1]   ? 
_atom_sites.Cartn_transf_matrix[1][2]   ? 
_atom_sites.Cartn_transf_matrix[1][3]   ? 
_atom_sites.Cartn_transf_matrix[2][1]   ? 
_atom_sites.Cartn_transf_matrix[2][2]   ? 
_atom_sites.Cartn_transf_matrix[2][3]   ? 
_atom_sites.Cartn_transf_matrix[3][1]   ? 
_atom_sites.Cartn_transf_matrix[3][2]   ? 
_atom_sites.Cartn_transf_matrix[3][3]   ? 
_atom_sites.Cartn_transf_vector[1]      ? 
_atom_sites.Cartn_transf_vector[2]      ? 
_atom_sites.Cartn_transf_vector[3]      ? 
_atom_sites.fract_transf_matrix[1][1]   0.00066199 
_atom_sites.fract_transf_matrix[1][2]   -0.01516840 
_atom_sites.fract_transf_matrix[1][3]   0.00816906 
_atom_sites.fract_transf_matrix[2][1]   0.01695263 
_atom_sites.fract_transf_matrix[2][2]   -0.00088304 
_atom_sites.fract_transf_matrix[2][3]   -0.00301342 
_atom_sites.fract_transf_matrix[3][1]   0.00231219 
_atom_sites.fract_transf_matrix[3][2]   0.00613768 
_atom_sites.fract_transf_matrix[3][3]   0.01120914 
_atom_sites.fract_transf_vector[1]      -0.268951 
_atom_sites.fract_transf_vector[2]      0.018479 
_atom_sites.fract_transf_vector[3]      -0.186211 
_atom_sites.solution_primary            ? 
_atom_sites.solution_secondary          ? 
_atom_sites.solution_hydrogens          ? 
_atom_sites.special_details             ? 
# 
loop_
_atom_type.symbol 
C 
N 
O 
S 
# 
loop_
_atom_site.group_PDB 
_atom_site.id 
_atom_site.type_symbol 
_atom_site.label_atom_id 
_atom_site.label_alt_id 
_atom_site.label_comp_id 
_atom_site.label_asym_id 
_atom_site.label_entity_id 
_atom_site.label_seq_id 
_atom_site.pdbx_PDB_ins_code 
_atom_site.Cartn_x 
_atom_site.Cartn_y 
_atom_site.Cartn_z 
_atom_site.occupancy 
_atom_site.B_iso_or_equiv 
_atom_site.pdbx_formal_charge 
_atom_site.auth_seq_id 
_atom_site.auth_comp_id 
_atom_site.auth_asym_id 
_atom_site.auth_atom_id 
_atom_site.pdbx_PDB_model_num 
ATOM   1    N N   . TYR A 1 23  ? 15.534  12.933  0.230   1.00 62.59 ? 2   TYR C N   1 
ATOM   2    C CA  . TYR A 1 23  ? 14.138  13.355  0.135   1.00 56.01 ? 2   TYR C CA  1 
ATOM   3    C C   . TYR A 1 23  ? 13.390  12.623  -0.884  1.00 41.72 ? 2   TYR C C   1 
ATOM   4    O O   . TYR A 1 23  ? 12.328  13.062  -1.294  1.00 38.86 ? 2   TYR C O   1 
ATOM   5    C CB  . TYR A 1 23  ? 14.011  14.818  -0.208  1.00 58.39 ? 2   TYR C CB  1 
ATOM   6    C CG  . TYR A 1 23  ? 14.048  15.591  1.025   1.00 67.25 ? 2   TYR C CG  1 
ATOM   7    C CD1 . TYR A 1 23  ? 14.788  15.118  2.073   1.00 71.86 ? 2   TYR C CD1 1 
ATOM   8    C CD2 . TYR A 1 23  ? 13.336  16.769  1.183   1.00 68.53 ? 2   TYR C CD2 1 
ATOM   9    C CE1 . TYR A 1 23  ? 14.855  15.775  3.207   1.00 75.37 ? 2   TYR C CE1 1 
ATOM   10   C CE2 . TYR A 1 23  ? 13.426  17.467  2.365   1.00 73.12 ? 2   TYR C CE2 1 
ATOM   11   C CZ  . TYR A 1 23  ? 14.185  16.940  3.373   1.00 74.14 ? 2   TYR C CZ  1 
ATOM   12   O OH  . TYR A 1 23  ? 14.321  17.544  4.594   1.00 76.94 ? 2   TYR C OH  1 
ATOM   13   N N   . SER A 1 24  ? 13.952  11.517  -1.334  1.00 41.54 ? 3   SER C N   1 
ATOM   14   C CA  . SER A 1 24  ? 13.183  10.711  -2.240  1.00 37.03 ? 3   SER C CA  1 
ATOM   15   C C   . SER A 1 24  ? 11.826  10.367  -1.607  1.00 29.28 ? 3   SER C C   1 
ATOM   16   O O   . SER A 1 24  ? 10.808  10.452  -2.288  1.00 33.42 ? 3   SER C O   1 
ATOM   17   C CB  . SER A 1 24  ? 14.019  9.515   -2.688  1.00 42.47 ? 3   SER C CB  1 
ATOM   18   O OG  . SER A 1 24  ? 14.865  9.046   -1.655  1.00 50.72 ? 3   SER C OG  1 
ATOM   19   N N   . PHE A 1 25  ? 11.767  10.110  -0.287  1.00 27.38 ? 4   PHE C N   1 
ATOM   20   C CA  . PHE A 1 25  ? 10.454  9.871   0.329   1.00 27.73 ? 4   PHE C CA  1 
ATOM   21   C C   . PHE A 1 25  ? 9.629   11.149  0.350   1.00 25.06 ? 4   PHE C C   1 
ATOM   22   O O   . PHE A 1 25  ? 8.466   11.150  -0.060  1.00 22.35 ? 4   PHE C O   1 
ATOM   23   C CB  . PHE A 1 25  ? 10.556  9.310   1.753   1.00 23.17 ? 4   PHE C CB  1 
ATOM   24   C CG  . PHE A 1 25  ? 9.180   9.021   2.388   1.00 23.99 ? 4   PHE C CG  1 
ATOM   25   C CD1 . PHE A 1 25  ? 8.450   7.906   2.017   1.00 24.40 ? 4   PHE C CD1 1 
ATOM   26   C CD2 . PHE A 1 25  ? 8.607   9.888   3.309   1.00 23.60 ? 4   PHE C CD2 1 
ATOM   27   C CE1 . PHE A 1 25  ? 7.194   7.637   2.578   1.00 21.98 ? 4   PHE C CE1 1 
ATOM   28   C CE2 . PHE A 1 25  ? 7.355   9.641   3.869   1.00 20.07 ? 4   PHE C CE2 1 
ATOM   29   C CZ  . PHE A 1 25  ? 6.643   8.506   3.504   1.00 20.97 ? 4   PHE C CZ  1 
ATOM   30   N N   . GLU A 1 26  ? 10.216  12.253  0.816   1.00 27.50 ? 5   GLU C N   1 
ATOM   31   C CA  . GLU A 1 26  ? 9.489   13.516  0.813   1.00 27.21 ? 5   GLU C CA  1 
ATOM   32   C C   . GLU A 1 26  ? 9.062   13.880  -0.600  1.00 23.27 ? 5   GLU C C   1 
ATOM   33   O O   . GLU A 1 26  ? 7.906   14.254  -0.834  1.00 23.44 ? 5   GLU C O   1 
ATOM   34   C CB  . GLU A 1 26  ? 10.332  14.632  1.432   1.00 34.01 ? 5   GLU C CB  1 
ATOM   35   C CG  . GLU A 1 26  ? 9.543   15.933  1.517   1.00 37.80 ? 5   GLU C CG  1 
ATOM   36   C CD  . GLU A 1 26  ? 10.125  16.980  2.466   1.00 49.01 ? 5   GLU C CD  1 
ATOM   37   O OE1 . GLU A 1 26  ? 9.952   16.857  3.702   1.00 45.61 ? 5   GLU C OE1 1 
ATOM   38   O OE2 . GLU A 1 26  ? 10.696  17.969  1.962   1.00 56.42 ? 5   GLU C OE2 1 
ATOM   39   N N   . GLN A 1 27  ? 9.974   13.747  -1.569  1.00 25.39 ? 6   GLN C N   1 
ATOM   40   C CA  . GLN A 1 27  ? 9.633   14.056  -2.957  1.00 23.64 ? 6   GLN C CA  1 
ATOM   41   C C   . GLN A 1 27  ? 8.595   13.093  -3.514  1.00 22.79 ? 6   GLN C C   1 
ATOM   42   O O   . GLN A 1 27  ? 7.693   13.506  -4.253  1.00 22.48 ? 6   GLN C O   1 
ATOM   43   C CB  . GLN A 1 27  ? 10.884  14.041  -3.845  1.00 26.78 ? 6   GLN C CB  1 
ATOM   44   C CG  . GLN A 1 27  ? 11.964  15.054  -3.451  1.00 36.99 ? 6   GLN C CG  1 
ATOM   45   C CD  . GLN A 1 27  ? 13.352  14.722  -4.026  1.00 47.89 ? 6   GLN C CD  1 
ATOM   46   O OE1 . GLN A 1 27  ? 13.694  13.555  -4.252  1.00 49.39 ? 6   GLN C OE1 1 
ATOM   47   N NE2 . GLN A 1 27  ? 14.163  15.754  -4.231  1.00 55.16 ? 6   GLN C NE2 1 
ATOM   48   N N   . ALA A 1 28  ? 8.724   11.797  -3.216  1.00 22.04 ? 7   ALA C N   1 
ATOM   49   C CA  . ALA A 1 28  ? 7.737   10.846  -3.719  1.00 25.46 ? 7   ALA C CA  1 
ATOM   50   C C   . ALA A 1 28  ? 6.342   11.159  -3.179  1.00 16.28 ? 7   ALA C C   1 
ATOM   51   O O   . ALA A 1 28  ? 5.360   11.113  -3.921  1.00 19.26 ? 7   ALA C O   1 
ATOM   52   C CB  . ALA A 1 28  ? 8.145   9.422   -3.358  1.00 25.05 ? 7   ALA C CB  1 
ATOM   53   N N   . ILE A 1 29  ? 6.238   11.480  -1.886  1.00 20.38 ? 8   ILE C N   1 
ATOM   54   C CA  . ILE A 1 29  ? 4.934   11.774  -1.292  1.00 19.43 ? 8   ILE C CA  1 
ATOM   55   C C   . ILE A 1 29  ? 4.372   13.071  -1.866  1.00 20.20 ? 8   ILE C C   1 
ATOM   56   O O   . ILE A 1 29  ? 3.168   13.188  -2.123  1.00 20.81 ? 8   ILE C O   1 
ATOM   57   C CB  . ILE A 1 29  ? 5.055   11.837  0.246   1.00 17.87 ? 8   ILE C CB  1 
ATOM   58   C CG1 . ILE A 1 29  ? 5.344   10.446  0.822   1.00 19.86 ? 8   ILE C CG1 1 
ATOM   59   C CG2 . ILE A 1 29  ? 3.809   12.439  0.874   1.00 17.27 ? 8   ILE C CG2 1 
ATOM   60   C CD1 . ILE A 1 29  ? 4.190   9.482   0.704   1.00 15.70 ? 8   ILE C CD1 1 
ATOM   61   N N   . THR A 1 30  ? 5.238   14.065  -2.076  1.00 21.81 ? 9   THR C N   1 
ATOM   62   C CA  . THR A 1 30  ? 4.799   15.333  -2.646  1.00 19.53 ? 9   THR C CA  1 
ATOM   63   C C   . THR A 1 30  ? 4.161   15.127  -4.009  1.00 22.69 ? 9   THR C C   1 
ATOM   64   O O   . THR A 1 30  ? 3.094   15.676  -4.293  1.00 20.80 ? 9   THR C O   1 
ATOM   65   C CB  . THR A 1 30  ? 5.986   16.295  -2.735  1.00 21.21 ? 9   THR C CB  1 
ATOM   66   O OG1 . THR A 1 30  ? 6.426   16.612  -1.412  1.00 20.35 ? 9   THR C OG1 1 
ATOM   67   C CG2 . THR A 1 30  ? 5.587   17.579  -3.441  1.00 24.03 ? 9   THR C CG2 1 
ATOM   68   N N   . GLN A 1 31  ? 4.794   14.317  -4.861  1.00 21.49 ? 10  GLN C N   1 
ATOM   69   C CA  . GLN A 1 31  ? 4.222   14.016  -6.166  1.00 23.20 ? 10  GLN C CA  1 
ATOM   70   C C   . GLN A 1 31  ? 2.889   13.286  -6.023  1.00 20.62 ? 10  GLN C C   1 
ATOM   71   O O   . GLN A 1 31  ? 1.898   13.635  -6.678  1.00 21.77 ? 10  GLN C O   1 
ATOM   72   C CB  . GLN A 1 31  ? 5.217   13.185  -6.988  1.00 26.19 ? 10  GLN C CB  1 
ATOM   73   C CG  . GLN A 1 31  ? 6.363   14.002  -7.547  1.00 29.85 ? 10  GLN C CG  1 
ATOM   74   C CD  . GLN A 1 31  ? 5.853   15.186  -8.343  1.00 36.76 ? 10  GLN C CD  1 
ATOM   75   O OE1 . GLN A 1 31  ? 5.056   15.022  -9.267  1.00 39.39 ? 10  GLN C OE1 1 
ATOM   76   N NE2 . GLN A 1 31  ? 6.270   16.391  -7.960  1.00 43.45 ? 10  GLN C NE2 1 
ATOM   77   N N   . LEU A 1 32  ? 2.837   12.268  -5.161  1.00 19.43 ? 11  LEU C N   1 
ATOM   78   C CA  . LEU A 1 32  ? 1.571   11.570  -4.933  1.00 18.98 ? 11  LEU C CA  1 
ATOM   79   C C   . LEU A 1 32  ? 0.484   12.542  -4.475  1.00 19.24 ? 11  LEU C C   1 
ATOM   80   O O   . LEU A 1 32  ? -0.643  12.525  -4.986  1.00 18.24 ? 11  LEU C O   1 
ATOM   81   C CB  . LEU A 1 32  ? 1.762   10.450  -3.903  1.00 18.78 ? 11  LEU C CB  1 
ATOM   82   C CG  . LEU A 1 32  ? 0.483   9.723   -3.492  1.00 16.40 ? 11  LEU C CG  1 
ATOM   83   C CD1 . LEU A 1 32  ? -0.088  8.907   -4.671  1.00 19.15 ? 11  LEU C CD1 1 
ATOM   84   C CD2 . LEU A 1 32  ? 0.684   8.834   -2.282  1.00 12.82 ? 11  LEU C CD2 1 
ATOM   85   N N   . PHE A 1 33  ? 0.803   13.401  -3.507  1.00 17.17 ? 12  PHE C N   1 
ATOM   86   C CA  . PHE A 1 33  ? -0.219  14.290  -2.963  1.00 21.24 ? 12  PHE C CA  1 
ATOM   87   C C   . PHE A 1 33  ? -0.771  15.212  -4.040  1.00 22.23 ? 12  PHE C C   1 
ATOM   88   O O   . PHE A 1 33  ? -1.975  15.492  -4.067  1.00 21.19 ? 12  PHE C O   1 
ATOM   89   C CB  . PHE A 1 33  ? 0.343   15.098  -1.789  1.00 21.76 ? 12  PHE C CB  1 
ATOM   90   C CG  . PHE A 1 33  ? 0.199   14.399  -0.447  1.00 19.73 ? 12  PHE C CG  1 
ATOM   91   C CD1 . PHE A 1 33  ? 0.240   13.012  -0.364  1.00 18.74 ? 12  PHE C CD1 1 
ATOM   92   C CD2 . PHE A 1 33  ? 0.013   15.130  0.713   1.00 20.67 ? 12  PHE C CD2 1 
ATOM   93   C CE1 . PHE A 1 33  ? 0.114   12.363  0.860   1.00 21.05 ? 12  PHE C CE1 1 
ATOM   94   C CE2 . PHE A 1 33  ? -0.127  14.492  1.944   1.00 21.16 ? 12  PHE C CE2 1 
ATOM   95   C CZ  . PHE A 1 33  ? -0.070  13.111  2.020   1.00 21.64 ? 12  PHE C CZ  1 
ATOM   96   N N   . GLN A 1 34  ? 0.091   15.690  -4.945  1.00 18.63 ? 13  GLN C N   1 
ATOM   97   C CA  . GLN A 1 34  ? -0.397  16.498  -6.057  1.00 21.57 ? 13  GLN C CA  1 
ATOM   98   C C   . GLN A 1 34  ? -1.342  15.697  -6.943  1.00 21.88 ? 13  GLN C C   1 
ATOM   99   O O   . GLN A 1 34  ? -2.351  16.223  -7.422  1.00 20.04 ? 13  GLN C O   1 
ATOM   100  C CB  . GLN A 1 34  ? 0.786   17.043  -6.854  1.00 25.19 ? 13  GLN C CB  1 
ATOM   101  C CG  . GLN A 1 34  ? 1.591   18.015  -6.019  1.00 24.84 ? 13  GLN C CG  1 
ATOM   102  C CD  . GLN A 1 34  ? 2.946   18.347  -6.589  1.00 35.86 ? 13  GLN C CD  1 
ATOM   103  O OE1 . GLN A 1 34  ? 3.337   17.830  -7.629  1.00 43.32 ? 13  GLN C OE1 1 
ATOM   104  N NE2 . GLN A 1 34  ? 3.673   19.232  -5.909  1.00 39.90 ? 13  GLN C NE2 1 
ATOM   105  N N   . GLN A 1 35  ? -1.050  14.407  -7.133  1.00 16.94 ? 14  GLN C N   1 
ATOM   106  C CA  . GLN A 1 35  ? -1.877  13.546  -7.963  1.00 18.91 ? 14  GLN C CA  1 
ATOM   107  C C   . GLN A 1 35  ? -3.191  13.175  -7.289  1.00 21.76 ? 14  GLN C C   1 
ATOM   108  O O   . GLN A 1 35  ? -4.122  12.725  -7.971  1.00 20.46 ? 14  GLN C O   1 
ATOM   109  C CB  . GLN A 1 35  ? -1.074  12.298  -8.327  1.00 22.14 ? 14  GLN C CB  1 
ATOM   110  C CG  . GLN A 1 35  ? 0.110   12.613  -9.267  1.00 20.10 ? 14  GLN C CG  1 
ATOM   111  C CD  . GLN A 1 35  ? 1.234   11.600  -9.162  1.00 24.27 ? 14  GLN C CD  1 
ATOM   112  O OE1 . GLN A 1 35  ? 1.048   10.508  -8.630  1.00 24.58 ? 14  GLN C OE1 1 
ATOM   113  N NE2 . GLN A 1 35  ? 2.411   11.962  -9.653  1.00 24.38 ? 14  GLN C NE2 1 
ATOM   114  N N   . LEU A 1 36  ? -3.281  13.360  -5.973  1.00 20.86 ? 15  LEU C N   1 
ATOM   115  C CA  . LEU A 1 36  ? -4.484  13.126  -5.193  1.00 22.67 ? 15  LEU C CA  1 
ATOM   116  C C   . LEU A 1 36  ? -5.163  14.427  -4.800  1.00 22.40 ? 15  LEU C C   1 
ATOM   117  O O   . LEU A 1 36  ? -6.183  14.394  -4.108  1.00 22.11 ? 15  LEU C O   1 
ATOM   118  C CB  . LEU A 1 36  ? -4.147  12.332  -3.929  1.00 21.44 ? 15  LEU C CB  1 
ATOM   119  C CG  . LEU A 1 36  ? -3.656  10.890  -4.126  1.00 22.50 ? 15  LEU C CG  1 
ATOM   120  C CD1 . LEU A 1 36  ? -3.178  10.313  -2.783  1.00 20.67 ? 15  LEU C CD1 1 
ATOM   121  C CD2 . LEU A 1 36  ? -4.749  10.031  -4.733  1.00 22.25 ? 15  LEU C CD2 1 
ATOM   122  N N   . SER A 1 37  ? -4.588  15.564  -5.195  1.00 21.32 ? 16  SER C N   1 
ATOM   123  C CA  . SER A 1 37  ? -5.125  16.881  -4.891  1.00 25.31 ? 16  SER C CA  1 
ATOM   124  C C   . SER A 1 37  ? -5.160  17.099  -3.382  1.00 23.72 ? 16  SER C C   1 
ATOM   125  O O   . SER A 1 37  ? -6.133  17.617  -2.836  1.00 22.87 ? 16  SER C O   1 
ATOM   126  C CB  . SER A 1 37  ? -6.511  17.061  -5.516  1.00 22.58 ? 16  SER C CB  1 
ATOM   127  O OG  . SER A 1 37  ? -6.391  17.067  -6.926  1.00 23.88 ? 16  SER C OG  1 
ATOM   128  N N   . LEU A 1 38  ? -4.098  16.675  -2.699  1.00 21.10 ? 17  LEU C N   1 
ATOM   129  C CA  . LEU A 1 38  ? -3.971  16.867  -1.263  1.00 20.74 ? 17  LEU C CA  1 
ATOM   130  C C   . LEU A 1 38  ? -2.992  17.992  -0.970  1.00 25.74 ? 17  LEU C C   1 
ATOM   131  O O   . LEU A 1 38  ? -1.987  18.151  -1.668  1.00 25.82 ? 17  LEU C O   1 
ATOM   132  C CB  . LEU A 1 38  ? -3.499  15.592  -0.571  1.00 22.68 ? 17  LEU C CB  1 
ATOM   133  C CG  . LEU A 1 38  ? -4.477  14.427  -0.648  1.00 22.45 ? 17  LEU C CG  1 
ATOM   134  C CD1 . LEU A 1 38  ? -3.751  13.144  -0.323  1.00 19.19 ? 17  LEU C CD1 1 
ATOM   135  C CD2 . LEU A 1 38  ? -5.640  14.667  0.320   1.00 27.50 ? 17  LEU C CD2 1 
ATOM   136  N N   . SER A 1 39  ? -3.291  18.766  0.071   1.00 25.79 ? 18  SER C N   1 
ATOM   137  C CA  . SER A 1 39  ? -2.361  19.773  0.557   1.00 25.01 ? 18  SER C CA  1 
ATOM   138  C C   . SER A 1 39  ? -1.076  19.115  1.051   1.00 24.27 ? 18  SER C C   1 
ATOM   139  O O   . SER A 1 39  ? -1.102  18.059  1.688   1.00 23.63 ? 18  SER C O   1 
ATOM   140  C CB  . SER A 1 39  ? -3.011  20.580  1.688   1.00 26.44 ? 18  SER C CB  1 
ATOM   141  O OG  . SER A 1 39  ? -2.065  21.440  2.295   1.00 35.06 ? 18  SER C OG  1 
ATOM   142  N N   . ILE A 1 40  ? 0.049   19.761  0.778   1.00 24.53 ? 19  ILE C N   1 
ATOM   143  C CA  . ILE A 1 40  ? 1.377   19.218  1.065   1.00 25.56 ? 19  ILE C CA  1 
ATOM   144  C C   . ILE A 1 40  ? 1.862   19.800  2.386   1.00 26.63 ? 19  ILE C C   1 
ATOM   145  O O   . ILE A 1 40  ? 2.072   21.022  2.468   1.00 26.57 ? 19  ILE C O   1 
ATOM   146  C CB  . ILE A 1 40  ? 2.361   19.539  -0.071  1.00 27.62 ? 19  ILE C CB  1 
ATOM   147  C CG1 . ILE A 1 40  ? 1.984   18.738  -1.322  1.00 29.35 ? 19  ILE C CG1 1 
ATOM   148  C CG2 . ILE A 1 40  ? 3.793   19.223  0.340   1.00 26.23 ? 19  ILE C CG2 1 
ATOM   149  C CD1 . ILE A 1 40  ? 2.446   19.385  -2.605  1.00 33.21 ? 19  ILE C CD1 1 
ATOM   150  N N   . PRO A 1 41  ? 2.064   18.989  3.429   1.00 25.29 ? 20  PRO C N   1 
ATOM   151  C CA  . PRO A 1 41  ? 2.617   19.509  4.685   1.00 24.82 ? 20  PRO C CA  1 
ATOM   152  C C   . PRO A 1 41  ? 4.038   20.021  4.491   1.00 27.52 ? 20  PRO C C   1 
ATOM   153  O O   . PRO A 1 41  ? 4.770   19.567  3.605   1.00 24.89 ? 20  PRO C O   1 
ATOM   154  C CB  . PRO A 1 41  ? 2.599   18.289  5.620   1.00 23.79 ? 20  PRO C CB  1 
ATOM   155  C CG  . PRO A 1 41  ? 1.712   17.283  4.960   1.00 24.66 ? 20  PRO C CG  1 
ATOM   156  C CD  . PRO A 1 41  ? 1.793   17.543  3.497   1.00 25.43 ? 20  PRO C CD  1 
ATOM   157  N N   . ASP A 1 42  ? 4.431   20.967  5.353   1.00 25.30 ? 21  ASP C N   1 
ATOM   158  C CA  . ASP A 1 42  ? 5.763   21.558  5.261   1.00 25.26 ? 21  ASP C CA  1 
ATOM   159  C C   . ASP A 1 42  ? 6.862   20.579  5.627   1.00 27.38 ? 21  ASP C C   1 
ATOM   160  O O   . ASP A 1 42  ? 8.023   20.809  5.274   1.00 27.95 ? 21  ASP C O   1 
ATOM   161  C CB  . ASP A 1 42  ? 5.891   22.768  6.182   1.00 25.50 ? 21  ASP C CB  1 
ATOM   162  C CG  . ASP A 1 42  ? 4.984   23.901  5.785   1.00 28.67 ? 21  ASP C CG  1 
ATOM   163  O OD1 . ASP A 1 42  ? 4.293   23.776  4.754   1.00 34.15 ? 21  ASP C OD1 1 
ATOM   164  O OD2 . ASP A 1 42  ? 4.962   24.911  6.520   1.00 30.87 ? 21  ASP C OD2 1 
ATOM   165  N N   . THR A 1 43  ? 6.549   19.545  6.396   1.00 24.66 ? 22  THR C N   1 
ATOM   166  C CA  . THR A 1 43  ? 7.483   18.459  6.626   1.00 25.58 ? 22  THR C CA  1 
ATOM   167  C C   . THR A 1 43  ? 6.747   17.148  6.403   1.00 26.06 ? 22  THR C C   1 
ATOM   168  O O   . THR A 1 43  ? 5.565   17.019  6.743   1.00 22.05 ? 22  THR C O   1 
ATOM   169  C CB  . THR A 1 43  ? 8.100   18.496  8.034   1.00 25.20 ? 22  THR C CB  1 
ATOM   170  O OG1 . THR A 1 43  ? 7.097   18.174  8.996   1.00 29.95 ? 22  THR C OG1 1 
ATOM   171  C CG2 . THR A 1 43  ? 8.652   19.874  8.367   1.00 27.57 ? 22  THR C CG2 1 
ATOM   172  N N   . ILE A 1 44  ? 7.454   16.190  5.812   1.00 24.22 ? 23  ILE C N   1 
ATOM   173  C CA  . ILE A 1 44  ? 6.907   14.902  5.396   1.00 24.87 ? 23  ILE C CA  1 
ATOM   174  C C   . ILE A 1 44  ? 7.824   13.818  5.941   1.00 27.23 ? 23  ILE C C   1 
ATOM   175  O O   . ILE A 1 44  ? 8.983   13.705  5.516   1.00 29.56 ? 23  ILE C O   1 
ATOM   176  C CB  . ILE A 1 44  ? 6.799   14.794  3.872   1.00 25.58 ? 23  ILE C CB  1 
ATOM   177  C CG1 . ILE A 1 44  ? 5.821   15.838  3.326   1.00 29.00 ? 23  ILE C CG1 1 
ATOM   178  C CG2 . ILE A 1 44  ? 6.403   13.376  3.469   1.00 24.26 ? 23  ILE C CG2 1 
ATOM   179  C CD1 . ILE A 1 44  ? 5.857   15.953  1.829   1.00 29.00 ? 23  ILE C CD1 1 
ATOM   180  N N   . GLU A 1 45  ? 7.316   13.025  6.871   1.00 27.04 ? 24  GLU C N   1 
ATOM   181  C CA  . GLU A 1 45  ? 8.020   11.875  7.406   1.00 32.85 ? 24  GLU C CA  1 
ATOM   182  C C   . GLU A 1 45  ? 7.059   10.705  7.449   1.00 25.49 ? 24  GLU C C   1 
ATOM   183  O O   . GLU A 1 45  ? 5.850   10.908  7.586   1.00 26.85 ? 24  GLU C O   1 
ATOM   184  C CB  . GLU A 1 45  ? 8.534   12.133  8.824   1.00 33.30 ? 24  GLU C CB  1 
ATOM   185  C CG  . GLU A 1 45  ? 9.618   13.162  8.914   1.00 46.21 ? 24  GLU C CG  1 
ATOM   186  C CD  . GLU A 1 45  ? 9.906   13.498  10.355  1.00 51.18 ? 24  GLU C CD  1 
ATOM   187  O OE1 . GLU A 1 45  ? 9.723   12.599  11.208  1.00 52.25 ? 24  GLU C OE1 1 
ATOM   188  O OE2 . GLU A 1 45  ? 10.289  14.653  10.637  1.00 57.15 ? 24  GLU C OE2 1 
ATOM   189  N N   . PRO A 1 46  ? 7.559   9.471   7.369   1.00 28.31 ? 25  PRO C N   1 
ATOM   190  C CA  . PRO A 1 46  ? 6.680   8.319   7.591   1.00 24.08 ? 25  PRO C CA  1 
ATOM   191  C C   . PRO A 1 46  ? 6.173   8.334   9.028   1.00 23.38 ? 25  PRO C C   1 
ATOM   192  O O   . PRO A 1 46  ? 6.838   8.839   9.935   1.00 28.59 ? 25  PRO C O   1 
ATOM   193  C CB  . PRO A 1 46  ? 7.594   7.114   7.330   1.00 25.45 ? 25  PRO C CB  1 
ATOM   194  C CG  . PRO A 1 46  ? 8.808   7.654   6.641   1.00 24.49 ? 25  PRO C CG  1 
ATOM   195  C CD  . PRO A 1 46  ? 8.956   9.064   7.136   1.00 25.17 ? 25  PRO C CD  1 
ATOM   196  N N   . VAL A 1 47  ? 4.997   7.767   9.252   1.00 27.17 ? 26  VAL C N   1 
ATOM   197  C CA  . VAL A 1 47  ? 4.170   7.103   8.258   1.00 22.85 ? 26  VAL C CA  1 
ATOM   198  C C   . VAL A 1 47  ? 3.175   8.126   7.710   1.00 22.29 ? 26  VAL C C   1 
ATOM   199  O O   . VAL A 1 47  ? 2.653   8.934   8.478   1.00 21.70 ? 26  VAL C O   1 
ATOM   200  C CB  . VAL A 1 47  ? 3.466   5.890   8.914   1.00 21.71 ? 26  VAL C CB  1 
ATOM   201  C CG1 . VAL A 1 47  ? 2.434   5.270   7.994   1.00 19.84 ? 26  VAL C CG1 1 
ATOM   202  C CG2 . VAL A 1 47  ? 4.498   4.864   9.376   1.00 22.91 ? 26  VAL C CG2 1 
ATOM   203  N N   . ILE A 1 48  ? 2.916   8.112   6.400   1.00 19.35 ? 27  ILE C N   1 
ATOM   204  C CA  . ILE A 1 48  ? 1.959   9.022   5.770   1.00 17.46 ? 27  ILE C CA  1 
ATOM   205  C C   . ILE A 1 48  ? 0.659   8.269   5.514   1.00 21.87 ? 27  ILE C C   1 
ATOM   206  O O   . ILE A 1 48  ? 0.657   7.236   4.836   1.00 19.57 ? 27  ILE C O   1 
ATOM   207  C CB  . ILE A 1 48  ? 2.498   9.595   4.450   1.00 19.94 ? 27  ILE C CB  1 
ATOM   208  C CG1 . ILE A 1 48  ? 3.687   10.534  4.689   1.00 19.13 ? 27  ILE C CG1 1 
ATOM   209  C CG2 . ILE A 1 48  ? 1.364   10.320  3.715   1.00 19.15 ? 27  ILE C CG2 1 
ATOM   210  C CD1 . ILE A 1 48  ? 3.357   11.767  5.543   1.00 22.19 ? 27  ILE C CD1 1 
ATOM   211  N N   . GLY A 1 49  ? -0.456  8.793   6.011   1.00 17.99 ? 28  GLY C N   1 
ATOM   212  C CA  . GLY A 1 49  ? -1.757  8.218   5.736   1.00 17.91 ? 28  GLY C CA  1 
ATOM   213  C C   . GLY A 1 49  ? -2.450  8.962   4.606   1.00 18.64 ? 28  GLY C C   1 
ATOM   214  O O   . GLY A 1 49  ? -2.345  10.180  4.505   1.00 18.08 ? 28  GLY C O   1 
ATOM   215  N N   . VAL A 1 50  ? -3.138  8.205   3.752   1.00 19.31 ? 29  VAL C N   1 
ATOM   216  C CA  . VAL A 1 50  ? -4.002  8.769   2.723   1.00 17.66 ? 29  VAL C CA  1 
ATOM   217  C C   . VAL A 1 50  ? -5.269  7.930   2.645   1.00 20.33 ? 29  VAL C C   1 
ATOM   218  O O   . VAL A 1 50  ? -5.247  6.712   2.840   1.00 21.96 ? 29  VAL C O   1 
ATOM   219  C CB  . VAL A 1 50  ? -3.330  8.820   1.337   1.00 18.65 ? 29  VAL C CB  1 
ATOM   220  C CG1 . VAL A 1 50  ? -2.110  9.685   1.366   1.00 20.18 ? 29  VAL C CG1 1 
ATOM   221  C CG2 . VAL A 1 50  ? -2.958  7.417   0.883   1.00 20.72 ? 29  VAL C CG2 1 
ATOM   222  N N   . LYS A 1 51  ? -6.368  8.585   2.318   1.00 20.17 ? 30  LYS C N   1 
ATOM   223  C CA  . LYS A 1 51  ? -7.669  7.944   2.185   1.00 25.26 ? 30  LYS C CA  1 
ATOM   224  C C   . LYS A 1 51  ? -7.970  7.819   0.701   1.00 24.59 ? 30  LYS C C   1 
ATOM   225  O O   . LYS A 1 51  ? -7.903  8.808   -0.029  1.00 26.30 ? 30  LYS C O   1 
ATOM   226  C CB  . LYS A 1 51  ? -8.747  8.758   2.906   1.00 27.66 ? 30  LYS C CB  1 
ATOM   227  C CG  . LYS A 1 51  ? -10.146 8.176   2.814   1.00 32.68 ? 30  LYS C CG  1 
ATOM   228  C CD  . LYS A 1 51  ? -10.209 6.849   3.540   1.00 33.35 ? 30  LYS C CD  1 
ATOM   229  C CE  . LYS A 1 51  ? -11.491 6.711   4.318   1.00 32.74 ? 30  LYS C CE  1 
ATOM   230  N NZ  . LYS A 1 51  ? -12.642 6.960   3.447   1.00 33.15 ? 30  LYS C NZ  1 
ATOM   231  N N   . VAL A 1 52  ? -8.256  6.604   0.254   1.00 26.87 ? 31  VAL C N   1 
ATOM   232  C CA  . VAL A 1 52  ? -8.586  6.318   -1.136  1.00 26.72 ? 31  VAL C CA  1 
ATOM   233  C C   . VAL A 1 52  ? -9.917  5.581   -1.111  1.00 25.98 ? 31  VAL C C   1 
ATOM   234  O O   . VAL A 1 52  ? -9.959  4.380   -0.820  1.00 24.29 ? 31  VAL C O   1 
ATOM   235  C CB  . VAL A 1 52  ? -7.509  5.477   -1.826  1.00 25.40 ? 31  VAL C CB  1 
ATOM   236  C CG1 . VAL A 1 52  ? -7.951  5.089   -3.239  1.00 30.21 ? 31  VAL C CG1 1 
ATOM   237  C CG2 . VAL A 1 52  ? -6.201  6.215   -1.833  1.00 25.50 ? 31  VAL C CG2 1 
ATOM   238  N N   . GLY A 1 53  ? -10.995 6.286   -1.423  1.00 30.70 ? 32  GLY C N   1 
ATOM   239  C CA  . GLY A 1 53  ? -12.306 5.654   -1.422  1.00 30.55 ? 32  GLY C CA  1 
ATOM   240  C C   . GLY A 1 53  ? -12.662 5.204   -0.023  1.00 26.29 ? 32  GLY C C   1 
ATOM   241  O O   . GLY A 1 53  ? -12.700 6.004   0.914   1.00 25.32 ? 32  GLY C O   1 
ATOM   242  N N   . GLU A 1 54  ? -12.912 3.908   0.139   1.00 26.73 ? 33  GLU C N   1 
ATOM   243  C CA  . GLU A 1 54  ? -13.279 3.362   1.443   1.00 28.95 ? 33  GLU C CA  1 
ATOM   244  C C   . GLU A 1 54  ? -12.080 3.028   2.312   1.00 23.38 ? 33  GLU C C   1 
ATOM   245  O O   . GLU A 1 54  ? -12.276 2.528   3.428   1.00 19.42 ? 33  GLU C O   1 
ATOM   246  C CB  . GLU A 1 54  ? -14.095 2.077   1.279   1.00 26.02 ? 33  GLU C CB  1 
ATOM   247  C CG  . GLU A 1 54  ? -15.342 2.214   0.458   1.00 28.36 ? 33  GLU C CG  1 
ATOM   248  C CD  . GLU A 1 54  ? -16.462 2.815   1.246   1.00 33.23 ? 33  GLU C CD  1 
ATOM   249  O OE1 . GLU A 1 54  ? -16.949 2.177   2.208   1.00 28.39 ? 33  GLU C OE1 1 
ATOM   250  O OE2 . GLU A 1 54  ? -16.862 3.937   0.887   1.00 36.63 ? 33  GLU C OE2 1 
ATOM   251  N N   . PHE A 1 55  ? -10.853 3.252   1.836   1.00 19.74 ? 34  PHE C N   1 
ATOM   252  C CA  . PHE A 1 55  ? -9.685  2.601   2.421   1.00 22.48 ? 34  PHE C CA  1 
ATOM   253  C C   . PHE A 1 55  ? -8.715  3.617   3.000   1.00 20.48 ? 34  PHE C C   1 
ATOM   254  O O   . PHE A 1 55  ? -8.259  4.521   2.295   1.00 20.85 ? 34  PHE C O   1 
ATOM   255  C CB  . PHE A 1 55  ? -8.996  1.725   1.374   1.00 22.77 ? 34  PHE C CB  1 
ATOM   256  C CG  . PHE A 1 55  ? -9.862  0.599   0.907   1.00 25.25 ? 34  PHE C CG  1 
ATOM   257  C CD1 . PHE A 1 55  ? -9.999  -0.545  1.674   1.00 26.21 ? 34  PHE C CD1 1 
ATOM   258  C CD2 . PHE A 1 55  ? -10.598 0.719   -0.258  1.00 28.71 ? 34  PHE C CD2 1 
ATOM   259  C CE1 . PHE A 1 55  ? -10.825 -1.575  1.268   1.00 28.35 ? 34  PHE C CE1 1 
ATOM   260  C CE2 . PHE A 1 55  ? -11.428 -0.302  -0.668  1.00 29.25 ? 34  PHE C CE2 1 
ATOM   261  C CZ  . PHE A 1 55  ? -11.544 -1.450  0.098   1.00 25.10 ? 34  PHE C CZ  1 
ATOM   262  N N   . ALA A 1 56  ? -8.403  3.460   4.283   1.00 17.89 ? 35  ALA C N   1 
ATOM   263  C CA  . ALA A 1 56  ? -7.309  4.194   4.904   1.00 21.96 ? 35  ALA C CA  1 
ATOM   264  C C   . ALA A 1 56  ? -6.007  3.459   4.610   1.00 21.51 ? 35  ALA C C   1 
ATOM   265  O O   . ALA A 1 56  ? -5.834  2.301   5.016   1.00 21.47 ? 35  ALA C O   1 
ATOM   266  C CB  . ALA A 1 56  ? -7.521  4.323   6.409   1.00 21.55 ? 35  ALA C CB  1 
ATOM   267  N N   . CYS A 1 57  ? -5.101  4.124   3.902   1.00 18.35 ? 36  CYS C N   1 
ATOM   268  C CA  . CYS A 1 57  ? -3.839  3.532   3.501   1.00 17.91 ? 36  CYS C CA  1 
ATOM   269  C C   . CYS A 1 57  ? -2.689  4.235   4.203   1.00 21.04 ? 36  CYS C C   1 
ATOM   270  O O   . CYS A 1 57  ? -2.768  5.421   4.532   1.00 18.41 ? 36  CYS C O   1 
ATOM   271  C CB  . CYS A 1 57  ? -3.664  3.617   1.980   1.00 17.68 ? 36  CYS C CB  1 
ATOM   272  S SG  . CYS A 1 57  ? -4.995  2.758   1.094   1.00 19.80 ? 36  CYS C SG  1 
ATOM   273  N N   . HIS A 1 58  ? -1.605  3.498   4.408   1.00 16.30 ? 37  HIS C N   1 
ATOM   274  C CA  . HIS A 1 58  ? -0.451  4.000   5.137   1.00 16.26 ? 37  HIS C CA  1 
ATOM   275  C C   . HIS A 1 58  ? 0.787   3.782   4.290   1.00 15.40 ? 37  HIS C C   1 
ATOM   276  O O   . HIS A 1 58  ? 0.976   2.695   3.744   1.00 19.22 ? 37  HIS C O   1 
ATOM   277  C CB  . HIS A 1 58  ? -0.333  3.285   6.479   1.00 15.76 ? 37  HIS C CB  1 
ATOM   278  C CG  . HIS A 1 58  ? -1.621  3.268   7.236   1.00 21.04 ? 37  HIS C CG  1 
ATOM   279  N ND1 . HIS A 1 58  ? -2.000  4.296   8.072   1.00 19.99 ? 37  HIS C ND1 1 
ATOM   280  C CD2 . HIS A 1 58  ? -2.645  2.381   7.237   1.00 20.50 ? 37  HIS C CD2 1 
ATOM   281  C CE1 . HIS A 1 58  ? -3.192  4.030   8.581   1.00 26.37 ? 37  HIS C CE1 1 
ATOM   282  N NE2 . HIS A 1 58  ? -3.607  2.877   8.087   1.00 25.33 ? 37  HIS C NE2 1 
ATOM   283  N N   . ILE A 1 59  ? 1.610   4.813   4.171   1.00 14.41 ? 38  ILE C N   1 
ATOM   284  C CA  . ILE A 1 59  ? 2.783   4.805   3.304   1.00 17.30 ? 38  ILE C CA  1 
ATOM   285  C C   . ILE A 1 59  ? 4.008   5.089   4.155   1.00 19.19 ? 38  ILE C C   1 
ATOM   286  O O   . ILE A 1 59  ? 4.043   6.080   4.894   1.00 18.28 ? 38  ILE C O   1 
ATOM   287  C CB  . ILE A 1 59  ? 2.663   5.858   2.193   1.00 14.12 ? 38  ILE C CB  1 
ATOM   288  C CG1 . ILE A 1 59  ? 1.297   5.752   1.513   1.00 15.43 ? 38  ILE C CG1 1 
ATOM   289  C CG2 . ILE A 1 59  ? 3.824   5.756   1.202   1.00 13.97 ? 38  ILE C CG2 1 
ATOM   290  C CD1 . ILE A 1 59  ? 0.925   7.044   0.739   1.00 16.16 ? 38  ILE C CD1 1 
ATOM   291  N N   . THR A 1 60  ? 5.021   4.240   4.034   1.00 18.71 ? 39  THR C N   1 
ATOM   292  C CA  . THR A 1 60  ? 6.261   4.445   4.758   1.00 16.54 ? 39  THR C CA  1 
ATOM   293  C C   . THR A 1 60  ? 7.427   4.029   3.874   1.00 18.98 ? 39  THR C C   1 
ATOM   294  O O   . THR A 1 60  ? 7.249   3.478   2.783   1.00 15.68 ? 39  THR C O   1 
ATOM   295  C CB  . THR A 1 60  ? 6.265   3.680   6.086   1.00 19.91 ? 39  THR C CB  1 
ATOM   296  O OG1 . THR A 1 60  ? 7.417   4.069   6.850   1.00 19.32 ? 39  THR C OG1 1 
ATOM   297  C CG2 . THR A 1 60  ? 6.291   2.195   5.833   1.00 15.80 ? 39  THR C CG2 1 
ATOM   298  N N   . GLU A 1 61  ? 8.633   4.352   4.333   1.00 17.80 ? 40  GLU C N   1 
ATOM   299  C CA  . GLU A 1 61  ? 9.861   3.922   3.683   1.00 20.27 ? 40  GLU C CA  1 
ATOM   300  C C   . GLU A 1 61  ? 10.436  2.837   4.571   1.00 18.59 ? 40  GLU C C   1 
ATOM   301  O O   . GLU A 1 61  ? 10.835  3.113   5.704   1.00 18.38 ? 40  GLU C O   1 
ATOM   302  C CB  . GLU A 1 61  ? 10.855  5.067   3.504   1.00 24.48 ? 40  GLU C CB  1 
ATOM   303  C CG  . GLU A 1 61  ? 12.154  4.594   2.889   1.00 20.34 ? 40  GLU C CG  1 
ATOM   304  C CD  . GLU A 1 61  ? 13.129  5.720   2.603   1.00 25.43 ? 40  GLU C CD  1 
ATOM   305  O OE1 . GLU A 1 61  ? 12.884  6.883   2.998   1.00 28.36 ? 40  GLU C OE1 1 
ATOM   306  O OE2 . GLU A 1 61  ? 14.146  5.423   1.968   1.00 25.84 ? 40  GLU C OE2 1 
ATOM   307  N N   . HIS A 1 62  ? 10.438  1.608   4.082   1.00 17.88 ? 41  HIS C N   1 
ATOM   308  C CA  . HIS A 1 62  ? 10.805  0.497   4.946   1.00 20.62 ? 41  HIS C CA  1 
ATOM   309  C C   . HIS A 1 62  ? 11.052  -0.750  4.101   1.00 18.66 ? 41  HIS C C   1 
ATOM   310  O O   . HIS A 1 62  ? 10.111  -1.261  3.474   1.00 18.91 ? 41  HIS C O   1 
ATOM   311  C CB  . HIS A 1 62  ? 9.700   0.269   5.979   1.00 18.32 ? 41  HIS C CB  1 
ATOM   312  C CG  . HIS A 1 62  ? 9.964   -0.857  6.921   1.00 21.87 ? 41  HIS C CG  1 
ATOM   313  N ND1 . HIS A 1 62  ? 11.067  -0.897  7.742   1.00 21.73 ? 41  HIS C ND1 1 
ATOM   314  C CD2 . HIS A 1 62  ? 9.248   -1.973  7.194   1.00 20.42 ? 41  HIS C CD2 1 
ATOM   315  C CE1 . HIS A 1 62  ? 11.029  -1.998  8.470   1.00 22.66 ? 41  HIS C CE1 1 
ATOM   316  N NE2 . HIS A 1 62  ? 9.934   -2.667  8.157   1.00 23.33 ? 41  HIS C NE2 1 
ATOM   317  N N   . PRO A 1 63  ? 12.304  -1.260  4.026   1.00 18.46 ? 42  PRO C N   1 
ATOM   318  C CA  . PRO A 1 63  ? 13.529  -0.660  4.576   1.00 22.85 ? 42  PRO C CA  1 
ATOM   319  C C   . PRO A 1 63  ? 13.898  0.603   3.816   1.00 19.84 ? 42  PRO C C   1 
ATOM   320  O O   . PRO A 1 63  ? 13.107  1.050   2.974   1.00 18.01 ? 42  PRO C O   1 
ATOM   321  C CB  . PRO A 1 63  ? 14.583  -1.751  4.358   1.00 20.20 ? 42  PRO C CB  1 
ATOM   322  C CG  . PRO A 1 63  ? 14.099  -2.451  3.093   1.00 20.64 ? 42  PRO C CG  1 
ATOM   323  C CD  . PRO A 1 63  ? 12.600  -2.492  3.260   1.00 22.66 ? 42  PRO C CD  1 
ATOM   324  N N   . VAL A 1 64  ? 15.070  1.176   4.089   1.00 19.24 ? 43  VAL C N   1 
ATOM   325  C CA  . VAL A 1 64  ? 15.473  2.365   3.352   1.00 19.06 ? 43  VAL C CA  1 
ATOM   326  C C   . VAL A 1 64  ? 15.534  2.030   1.866   1.00 20.87 ? 43  VAL C C   1 
ATOM   327  O O   . VAL A 1 64  ? 15.990  0.954   1.470   1.00 19.73 ? 43  VAL C O   1 
ATOM   328  C CB  . VAL A 1 64  ? 16.815  2.900   3.877   1.00 22.37 ? 43  VAL C CB  1 
ATOM   329  C CG1 . VAL A 1 64  ? 17.364  3.981   2.950   1.00 22.99 ? 43  VAL C CG1 1 
ATOM   330  C CG2 . VAL A 1 64  ? 16.638  3.430   5.280   1.00 22.24 ? 43  VAL C CG2 1 
ATOM   331  N N   . GLY A 1 65  ? 15.031  2.940   1.039   1.00 18.75 ? 44  GLY C N   1 
ATOM   332  C CA  . GLY A 1 65  ? 14.994  2.724   -0.389  1.00 18.58 ? 44  GLY C CA  1 
ATOM   333  C C   . GLY A 1 65  ? 13.780  1.973   -0.897  1.00 20.76 ? 44  GLY C C   1 
ATOM   334  O O   . GLY A 1 65  ? 13.699  1.705   -2.106  1.00 19.48 ? 44  GLY C O   1 
ATOM   335  N N   . GLN A 1 66  ? 12.834  1.618   -0.026  1.00 19.45 ? 45  GLN C N   1 
ATOM   336  C CA  . GLN A 1 66  ? 11.636  0.894   -0.433  1.00 19.76 ? 45  GLN C CA  1 
ATOM   337  C C   . GLN A 1 66  ? 10.404  1.636   0.059   1.00 16.55 ? 45  GLN C C   1 
ATOM   338  O O   . GLN A 1 66  ? 10.330  1.994   1.239   1.00 14.50 ? 45  GLN C O   1 
ATOM   339  C CB  . GLN A 1 66  ? 11.624  -0.541  0.119   1.00 17.95 ? 45  GLN C CB  1 
ATOM   340  C CG  . GLN A 1 66  ? 12.861  -1.352  -0.211  1.00 17.58 ? 45  GLN C CG  1 
ATOM   341  C CD  . GLN A 1 66  ? 12.938  -1.792  -1.652  1.00 22.75 ? 45  GLN C CD  1 
ATOM   342  O OE1 . GLN A 1 66  ? 11.919  -2.005  -2.319  1.00 21.99 ? 45  GLN C OE1 1 
ATOM   343  N NE2 . GLN A 1 66  ? 14.161  -1.957  -2.142  1.00 22.24 ? 45  GLN C NE2 1 
ATOM   344  N N   . ILE A 1 67  ? 9.434   1.845   -0.833  1.00 15.06 ? 46  ILE C N   1 
ATOM   345  C CA  . ILE A 1 67  ? 8.150   2.426   -0.459  1.00 14.96 ? 46  ILE C CA  1 
ATOM   346  C C   . ILE A 1 67  ? 7.183   1.298   -0.133  1.00 16.84 ? 46  ILE C C   1 
ATOM   347  O O   . ILE A 1 67  ? 6.819   0.503   -1.009  1.00 15.77 ? 46  ILE C O   1 
ATOM   348  C CB  . ILE A 1 67  ? 7.569   3.317   -1.561  1.00 18.55 ? 46  ILE C CB  1 
ATOM   349  C CG1 . ILE A 1 67  ? 8.490   4.504   -1.828  1.00 15.04 ? 46  ILE C CG1 1 
ATOM   350  C CG2 . ILE A 1 67  ? 6.152   3.799   -1.107  1.00 14.70 ? 46  ILE C CG2 1 
ATOM   351  C CD1 . ILE A 1 67  ? 8.855   5.250   -0.554  1.00 19.95 ? 46  ILE C CD1 1 
ATOM   352  N N   . LEU A 1 68  ? 6.765   1.249   1.119   1.00 15.30 ? 47  LEU C N   1 
ATOM   353  C CA  . LEU A 1 68  ? 5.849   0.250   1.645   1.00 14.32 ? 47  LEU C CA  1 
ATOM   354  C C   . LEU A 1 68  ? 4.512   0.921   1.901   1.00 14.83 ? 47  LEU C C   1 
ATOM   355  O O   . LEU A 1 68  ? 4.461   1.976   2.536   1.00 17.30 ? 47  LEU C O   1 
ATOM   356  C CB  . LEU A 1 68  ? 6.395   -0.351  2.944   1.00 15.27 ? 47  LEU C CB  1 
ATOM   357  C CG  . LEU A 1 68  ? 5.444   -1.221  3.776   1.00 19.60 ? 47  LEU C CG  1 
ATOM   358  C CD1 . LEU A 1 68  ? 5.159   -2.527  3.027   1.00 16.10 ? 47  LEU C CD1 1 
ATOM   359  C CD2 . LEU A 1 68  ? 6.027   -1.513  5.175   1.00 15.52 ? 47  LEU C CD2 1 
ATOM   360  N N   . MET A 1 69  ? 3.440   0.320   1.387   1.00 16.34 ? 48  MET C N   1 
ATOM   361  C CA  . MET A 1 69  ? 2.084   0.802   1.588   1.00 15.01 ? 48  MET C CA  1 
ATOM   362  C C   . MET A 1 69  ? 1.259   -0.328  2.161   1.00 18.73 ? 48  MET C C   1 
ATOM   363  O O   . MET A 1 69  ? 1.428   -1.490  1.772   1.00 16.85 ? 48  MET C O   1 
ATOM   364  C CB  . MET A 1 69  ? 1.455   1.286   0.288   1.00 13.03 ? 48  MET C CB  1 
ATOM   365  C CG  . MET A 1 69  ? 2.178   2.470   -0.354  1.00 12.92 ? 48  MET C CG  1 
ATOM   366  S SD  . MET A 1 69  ? 1.101   3.255   -1.568  1.00 16.35 ? 48  MET C SD  1 
ATOM   367  C CE  . MET A 1 69  ? 2.226   4.486   -2.239  1.00 14.68 ? 48  MET C CE  1 
ATOM   368  N N   . PHE A 1 70  ? 0.378   0.000   3.099   1.00 14.61 ? 49  PHE C N   1 
ATOM   369  C CA  . PHE A 1 70  ? -0.473  -1.055  3.623   1.00 14.79 ? 49  PHE C CA  1 
ATOM   370  C C   . PHE A 1 70  ? -1.813  -0.482  4.043   1.00 19.20 ? 49  PHE C C   1 
ATOM   371  O O   . PHE A 1 70  ? -1.967  0.721   4.273   1.00 17.25 ? 49  PHE C O   1 
ATOM   372  C CB  . PHE A 1 70  ? 0.179   -1.814  4.787   1.00 13.39 ? 49  PHE C CB  1 
ATOM   373  C CG  . PHE A 1 70  ? 0.559   -0.957  5.964   1.00 20.86 ? 49  PHE C CG  1 
ATOM   374  C CD1 . PHE A 1 70  ? -0.303  -0.826  7.051   1.00 16.10 ? 49  PHE C CD1 1 
ATOM   375  C CD2 . PHE A 1 70  ? 1.797   -0.327  6.010   1.00 18.07 ? 49  PHE C CD2 1 
ATOM   376  C CE1 . PHE A 1 70  ? 0.057   -0.060  8.144   1.00 21.18 ? 49  PHE C CE1 1 
ATOM   377  C CE2 . PHE A 1 70  ? 2.159   0.444   7.102   1.00 19.82 ? 49  PHE C CE2 1 
ATOM   378  C CZ  . PHE A 1 70  ? 1.295   0.581   8.167   1.00 18.63 ? 49  PHE C CZ  1 
ATOM   379  N N   . THR A 1 71  ? -2.790  -1.374  4.110   1.00 18.52 ? 50  THR C N   1 
ATOM   380  C CA  . THR A 1 71  ? -4.102  -1.039  4.628   1.00 20.64 ? 50  THR C CA  1 
ATOM   381  C C   . THR A 1 71  ? -4.604  -2.241  5.411   1.00 24.96 ? 50  THR C C   1 
ATOM   382  O O   . THR A 1 71  ? -4.076  -3.353  5.290   1.00 20.78 ? 50  THR C O   1 
ATOM   383  C CB  . THR A 1 71  ? -5.054  -0.629  3.490   1.00 18.87 ? 50  THR C CB  1 
ATOM   384  O OG1 . THR A 1 71  ? -6.278  -0.113  4.025   1.00 19.28 ? 50  THR C OG1 1 
ATOM   385  C CG2 . THR A 1 71  ? -5.342  -1.803  2.560   1.00 17.95 ? 50  THR C CG2 1 
ATOM   386  N N   . LEU A 1 72  ? -5.608  -2.000  6.253   1.00 21.94 ? 51  LEU C N   1 
ATOM   387  C CA  . LEU A 1 72  ? -6.171  -3.064  7.071   1.00 25.33 ? 51  LEU C CA  1 
ATOM   388  C C   . LEU A 1 72  ? -7.495  -3.478  6.444   1.00 30.17 ? 51  LEU C C   1 
ATOM   389  O O   . LEU A 1 72  ? -8.499  -2.763  6.595   1.00 34.44 ? 51  LEU C O   1 
ATOM   390  C CB  . LEU A 1 72  ? -6.366  -2.591  8.514   1.00 31.14 ? 51  LEU C CB  1 
ATOM   391  C CG  . LEU A 1 72  ? -5.111  -2.624  9.401   1.00 32.43 ? 51  LEU C CG  1 
ATOM   392  C CD1 . LEU A 1 72  ? -3.868  -1.961  8.769   1.00 34.05 ? 51  LEU C CD1 1 
ATOM   393  C CD2 . LEU A 1 72  ? -5.418  -1.983  10.743  1.00 37.58 ? 51  LEU C CD2 1 
ATOM   394  N N   . PRO A 1 73  ? -7.547  -4.581  5.699   1.00 30.12 ? 52  PRO C N   1 
ATOM   395  C CA  . PRO A 1 73  ? -8.712  -4.875  4.856   1.00 32.66 ? 52  PRO C CA  1 
ATOM   396  C C   . PRO A 1 73  ? -9.875  -5.422  5.679   1.00 39.90 ? 52  PRO C C   1 
ATOM   397  O O   . PRO A 1 73  ? -9.728  -5.757  6.855   1.00 38.94 ? 52  PRO C O   1 
ATOM   398  C CB  . PRO A 1 73  ? -8.162  -5.928  3.888   1.00 35.57 ? 52  PRO C CB  1 
ATOM   399  C CG  . PRO A 1 73  ? -7.148  -6.663  4.728   1.00 28.66 ? 52  PRO C CG  1 
ATOM   400  C CD  . PRO A 1 73  ? -6.504  -5.622  5.597   1.00 27.25 ? 52  PRO C CD  1 
ATOM   401  N N   . SER A 1 74  ? -11.059 -5.475  5.041   1.00 42.88 ? 53  SER C N   1 
ATOM   402  C CA  . SER A 1 74  ? -12.244 -6.023  5.715   1.00 53.88 ? 53  SER C CA  1 
ATOM   403  C C   . SER A 1 74  ? -12.612 -7.370  5.105   1.00 56.68 ? 53  SER C C   1 
ATOM   404  O O   . SER A 1 74  ? -13.612 -7.514  4.401   1.00 63.20 ? 53  SER C O   1 
ATOM   405  C CB  . SER A 1 74  ? -13.416 -5.030  5.720   1.00 48.76 ? 53  SER C CB  1 
ATOM   406  O OG  . SER A 1 74  ? -14.243 -5.147  4.616   1.00 53.00 ? 53  SER C OG  1 
ATOM   407  N N   . LEU A 1 75  ? -11.808 -8.366  5.459   1.00 56.78 ? 54  LEU C N   1 
ATOM   408  C CA  . LEU A 1 75  ? -11.772 -9.685  4.837   1.00 60.77 ? 54  LEU C CA  1 
ATOM   409  C C   . LEU A 1 75  ? -13.071 -10.450 4.670   1.00 70.16 ? 54  LEU C C   1 
ATOM   410  O O   . LEU A 1 75  ? -14.127 -10.108 5.224   1.00 68.14 ? 54  LEU C O   1 
ATOM   411  C CB  . LEU A 1 75  ? -10.858 -10.614 5.623   1.00 52.93 ? 54  LEU C CB  1 
ATOM   412  C CG  . LEU A 1 75  ? -9.394  -10.249 5.664   1.00 52.52 ? 54  LEU C CG  1 
ATOM   413  C CD1 . LEU A 1 75  ? -8.628  -11.463 6.115   1.00 54.24 ? 54  LEU C CD1 1 
ATOM   414  C CD2 . LEU A 1 75  ? -8.974  -9.822  4.281   1.00 47.85 ? 54  LEU C CD2 1 
ATOM   415  N N   . ASP A 1 76  ? -12.933 -11.544 3.925   1.00 75.32 ? 55  ASP C N   1 
ATOM   416  C CA  . ASP A 1 76  ? -13.941 -12.580 3.755   1.00 78.52 ? 55  ASP C CA  1 
ATOM   417  C C   . ASP A 1 76  ? -13.331 -13.960 4.100   1.00 80.37 ? 55  ASP C C   1 
ATOM   418  O O   . ASP A 1 76  ? -13.054 -14.786 3.220   1.00 80.83 ? 55  ASP C O   1 
ATOM   419  C CB  . ASP A 1 76  ? -14.559 -12.497 2.311   1.00 77.22 ? 55  ASP C CB  1 
ATOM   420  C CG  . ASP A 1 76  ? -15.655 -11.423 2.199   1.00 77.17 ? 55  ASP C CG  1 
ATOM   421  O OD1 . ASP A 1 76  ? -16.584 -11.629 1.394   1.00 75.60 ? 55  ASP C OD1 1 
ATOM   422  O OD2 . ASP A 1 76  ? -15.604 -10.387 2.900   1.00 75.14 ? 55  ASP C OD2 1 
ATOM   423  N N   . ASN A 1 77  ? -13.157 -14.213 5.414   1.00 79.26 ? 56  ASN C N   1 
ATOM   424  C CA  . ASN A 1 77  ? -12.531 -15.422 5.956   1.00 79.50 ? 56  ASN C CA  1 
ATOM   425  C C   . ASN A 1 77  ? -13.518 -16.552 6.241   1.00 84.01 ? 56  ASN C C   1 
ATOM   426  O O   . ASN A 1 77  ? -13.217 -17.431 7.065   1.00 82.73 ? 56  ASN C O   1 
ATOM   427  C CB  . ASN A 1 77  ? -11.710 -15.090 7.218   1.00 76.63 ? 56  ASN C CB  1 
ATOM   428  C CG  . ASN A 1 77  ? -12.546 -14.926 8.517   1.00 79.70 ? 56  ASN C CG  1 
ATOM   429  O OD1 . ASN A 1 77  ? -13.763 -15.093 8.564   1.00 77.24 ? 56  ASN C OD1 1 
ATOM   430  N ND2 . ASN A 1 77  ? -11.850 -14.502 9.565   1.00 77.86 ? 56  ASN C ND2 1 
ATOM   431  N N   . ASN A 1 78  ? -14.684 -16.560 5.559   1.00 85.25 ? 57  ASN C N   1 
ATOM   432  C CA  . ASN A 1 78  ? -15.398 -17.845 5.496   1.00 83.18 ? 57  ASN C CA  1 
ATOM   433  C C   . ASN A 1 78  ? -14.809 -18.724 4.460   1.00 86.44 ? 57  ASN C C   1 
ATOM   434  O O   . ASN A 1 78  ? -15.408 -19.719 4.022   1.00 88.81 ? 57  ASN C O   1 
ATOM   435  C CB  . ASN A 1 78  ? -16.904 -17.723 5.207   1.00 86.30 ? 57  ASN C CB  1 
ATOM   436  C CG  . ASN A 1 78  ? -17.213 -17.249 3.784   1.00 88.10 ? 57  ASN C CG  1 
ATOM   437  O OD1 . ASN A 1 78  ? -17.257 -16.054 3.503   1.00 86.64 ? 57  ASN C OD1 1 
ATOM   438  N ND2 . ASN A 1 78  ? -17.365 -18.228 2.847   1.00 86.78 ? 57  ASN C ND2 1 
ATOM   439  N N   . ASN A 1 79  ? -13.617 -18.344 4.010   1.00 87.12 ? 58  ASN C N   1 
ATOM   440  C CA  . ASN A 1 79  ? -12.875 -19.117 3.038   1.00 80.42 ? 58  ASN C CA  1 
ATOM   441  C C   . ASN A 1 79  ? -11.643 -19.708 3.699   1.00 75.62 ? 58  ASN C C   1 
ATOM   442  O O   . ASN A 1 79  ? -11.099 -19.169 4.670   1.00 72.54 ? 58  ASN C O   1 
ATOM   443  C CB  . ASN A 1 79  ? -12.499 -18.286 1.810   1.00 75.59 ? 58  ASN C CB  1 
ATOM   444  C CG  . ASN A 1 79  ? -13.335 -18.664 0.592   1.00 78.69 ? 58  ASN C CG  1 
ATOM   445  O OD1 . ASN A 1 79  ? -13.366 -19.830 0.183   1.00 78.10 ? 58  ASN C OD1 1 
ATOM   446  N ND2 . ASN A 1 79  ? -14.045 -17.689 0.032   1.00 77.20 ? 58  ASN C ND2 1 
ATOM   447  N N   . GLU A 1 80  ? -11.257 -20.855 3.165   1.00 75.36 ? 59  GLU C N   1 
ATOM   448  C CA  . GLU A 1 80  ? -10.275 -21.738 3.750   1.00 73.71 ? 59  GLU C CA  1 
ATOM   449  C C   . GLU A 1 80  ? -8.915  -21.040 3.787   1.00 68.57 ? 59  GLU C C   1 
ATOM   450  O O   . GLU A 1 80  ? -8.739  -19.939 3.248   1.00 63.11 ? 59  GLU C O   1 
ATOM   451  C CB  . GLU A 1 80  ? -10.261 -23.033 2.931   1.00 74.68 ? 59  GLU C CB  1 
ATOM   452  C CG  . GLU A 1 80  ? -11.708 -23.528 2.620   1.00 78.78 ? 59  GLU C CG  1 
ATOM   453  C CD  . GLU A 1 80  ? -11.832 -24.428 1.388   1.00 82.24 ? 59  GLU C CD  1 
ATOM   454  O OE1 . GLU A 1 80  ? -10.797 -24.810 0.798   1.00 81.01 ? 59  GLU C OE1 1 
ATOM   455  O OE2 . GLU A 1 80  ? -12.984 -24.753 1.014   1.00 82.35 ? 59  GLU C OE2 1 
ATOM   456  N N   . LYS A 1 81  ? -7.945  -21.670 4.459   1.00 66.56 ? 60  LYS C N   1 
ATOM   457  C CA  . LYS A 1 81  ? -6.581  -21.159 4.379   1.00 63.48 ? 60  LYS C CA  1 
ATOM   458  C C   . LYS A 1 81  ? -6.202  -20.981 2.916   1.00 59.50 ? 60  LYS C C   1 
ATOM   459  O O   . LYS A 1 81  ? -5.619  -19.964 2.527   1.00 53.85 ? 60  LYS C O   1 
ATOM   460  C CB  . LYS A 1 81  ? -5.563  -22.093 5.046   1.00 63.13 ? 60  LYS C CB  1 
ATOM   461  C CG  . LYS A 1 81  ? -6.015  -23.002 6.180   1.00 68.81 ? 60  LYS C CG  1 
ATOM   462  C CD  . LYS A 1 81  ? -5.301  -24.359 6.020   1.00 71.30 ? 60  LYS C CD  1 
ATOM   463  C CE  . LYS A 1 81  ? -6.060  -25.512 6.657   1.00 72.10 ? 60  LYS C CE  1 
ATOM   464  N NZ  . LYS A 1 81  ? -5.410  -26.847 6.492   1.00 72.76 ? 60  LYS C NZ  1 
ATOM   465  N N   . GLU A 1 82  ? -6.574  -21.964 2.091   1.00 57.54 ? 61  GLU C N   1 
ATOM   466  C CA  . GLU A 1 82  ? -6.112  -22.018 0.710   1.00 53.81 ? 61  GLU C CA  1 
ATOM   467  C C   . GLU A 1 82  ? -6.587  -20.810 -0.094  1.00 51.26 ? 61  GLU C C   1 
ATOM   468  O O   . GLU A 1 82  ? -5.856  -20.308 -0.954  1.00 46.14 ? 61  GLU C O   1 
ATOM   469  C CB  . GLU A 1 82  ? -6.574  -23.332 0.073   1.00 55.59 ? 61  GLU C CB  1 
ATOM   470  C CG  . GLU A 1 82  ? -5.896  -24.608 0.639   1.00 58.69 ? 61  GLU C CG  1 
ATOM   471  C CD  . GLU A 1 82  ? -6.377  -25.020 2.039   1.00 64.10 ? 61  GLU C CD  1 
ATOM   472  O OE1 . GLU A 1 82  ? -7.514  -24.666 2.411   1.00 66.86 ? 61  GLU C OE1 1 
ATOM   473  O OE2 . GLU A 1 82  ? -5.620  -25.707 2.767   1.00 62.80 ? 61  GLU C OE2 1 
ATOM   474  N N   . THR A 1 83  ? -7.797  -20.311 0.184   1.00 50.96 ? 62  THR C N   1 
ATOM   475  C CA  . THR A 1 83  ? -8.335  -19.198 -0.597  1.00 48.68 ? 62  THR C CA  1 
ATOM   476  C C   . THR A 1 83  ? -7.676  -17.868 -0.234  1.00 44.96 ? 62  THR C C   1 
ATOM   477  O O   . THR A 1 83  ? -7.383  -17.055 -1.119  1.00 39.90 ? 62  THR C O   1 
ATOM   478  C CB  . THR A 1 83  ? -9.851  -19.102 -0.413  1.00 53.64 ? 62  THR C CB  1 
ATOM   479  O OG1 . THR A 1 83  ? -10.477 -20.252 -0.993  1.00 61.07 ? 62  THR C OG1 1 
ATOM   480  C CG2 . THR A 1 83  ? -10.399 -17.852 -1.094  1.00 48.11 ? 62  THR C CG2 1 
ATOM   481  N N   . LEU A 1 84  ? -7.446  -17.623 1.056   1.00 42.62 ? 63  LEU C N   1 
ATOM   482  C CA  . LEU A 1 84  ? -6.743  -16.409 1.448   1.00 43.02 ? 63  LEU C CA  1 
ATOM   483  C C   . LEU A 1 84  ? -5.285  -16.456 1.014   1.00 38.32 ? 63  LEU C C   1 
ATOM   484  O O   . LEU A 1 84  ? -4.743  -15.451 0.542   1.00 37.86 ? 63  LEU C O   1 
ATOM   485  C CB  . LEU A 1 84  ? -6.844  -16.192 2.957   1.00 44.65 ? 63  LEU C CB  1 
ATOM   486  C CG  . LEU A 1 84  ? -8.218  -15.862 3.545   1.00 47.13 ? 63  LEU C CG  1 
ATOM   487  C CD1 . LEU A 1 84  ? -8.215  -16.084 5.048   1.00 52.00 ? 63  LEU C CD1 1 
ATOM   488  C CD2 . LEU A 1 84  ? -8.625  -14.446 3.211   1.00 46.92 ? 63  LEU C CD2 1 
ATOM   489  N N   . LEU A 1 85  ? -4.631  -17.614 1.156   1.00 37.06 ? 64  LEU C N   1 
ATOM   490  C CA  . LEU A 1 85  ? -3.254  -17.736 0.697   1.00 33.98 ? 64  LEU C CA  1 
ATOM   491  C C   . LEU A 1 85  ? -3.160  -17.690 -0.822  1.00 33.12 ? 64  LEU C C   1 
ATOM   492  O O   . LEU A 1 85  ? -2.096  -17.360 -1.365  1.00 26.96 ? 64  LEU C O   1 
ATOM   493  C CB  . LEU A 1 85  ? -2.629  -19.020 1.254   1.00 36.61 ? 64  LEU C CB  1 
ATOM   494  C CG  . LEU A 1 85  ? -2.280  -19.011 2.751   1.00 34.82 ? 64  LEU C CG  1 
ATOM   495  C CD1 . LEU A 1 85  ? -1.791  -20.362 3.210   1.00 36.54 ? 64  LEU C CD1 1 
ATOM   496  C CD2 . LEU A 1 85  ? -1.235  -17.959 3.072   1.00 34.61 ? 64  LEU C CD2 1 
ATOM   497  N N   . SER A 1 86  ? -4.266  -17.960 -1.516  1.00 32.59 ? 65  SER C N   1 
ATOM   498  C CA  . SER A 1 86  ? -4.261  -17.967 -2.974  1.00 32.28 ? 65  SER C CA  1 
ATOM   499  C C   . SER A 1 86  ? -4.093  -16.568 -3.550  1.00 32.43 ? 65  SER C C   1 
ATOM   500  O O   . SER A 1 86  ? -3.593  -16.419 -4.673  1.00 28.93 ? 65  SER C O   1 
ATOM   501  C CB  . SER A 1 86  ? -5.553  -18.612 -3.495  1.00 38.10 ? 65  SER C CB  1 
ATOM   502  O OG  . SER A 1 86  ? -5.952  -18.057 -4.733  1.00 47.19 ? 65  SER C OG  1 
ATOM   503  N N   . HIS A 1 87  ? -4.514  -15.540 -2.806  1.00 28.96 ? 66  HIS C N   1 
ATOM   504  C CA  . HIS A 1 87  ? -4.305  -14.161 -3.224  1.00 30.36 ? 66  HIS C CA  1 
ATOM   505  C C   . HIS A 1 87  ? -2.831  -13.810 -3.332  1.00 27.66 ? 66  HIS C C   1 
ATOM   506  O O   . HIS A 1 87  ? -2.478  -12.891 -4.080  1.00 24.16 ? 66  HIS C O   1 
ATOM   507  C CB  . HIS A 1 87  ? -4.978  -13.201 -2.239  1.00 29.90 ? 66  HIS C CB  1 
ATOM   508  C CG  . HIS A 1 87  ? -6.476  -13.251 -2.283  1.00 43.74 ? 66  HIS C CG  1 
ATOM   509  N ND1 . HIS A 1 87  ? -7.219  -14.082 -1.471  1.00 43.61 ? 66  HIS C ND1 1 
ATOM   510  C CD2 . HIS A 1 87  ? -7.368  -12.582 -3.052  1.00 43.06 ? 66  HIS C CD2 1 
ATOM   511  C CE1 . HIS A 1 87  ? -8.503  -13.923 -1.737  1.00 43.36 ? 66  HIS C CE1 1 
ATOM   512  N NE2 . HIS A 1 87  ? -8.620  -13.019 -2.693  1.00 48.26 ? 66  HIS C NE2 1 
ATOM   513  N N   . ASN A 1 88  ? -1.968  -14.529 -2.618  1.00 25.27 ? 67  ASN C N   1 
ATOM   514  C CA  . ASN A 1 88  ? -0.571  -14.150 -2.471  1.00 24.34 ? 67  ASN C CA  1 
ATOM   515  C C   . ASN A 1 88  ? 0.342   -14.748 -3.533  1.00 26.43 ? 67  ASN C C   1 
ATOM   516  O O   . ASN A 1 88  ? 1.551   -14.489 -3.490  1.00 23.56 ? 67  ASN C O   1 
ATOM   517  C CB  . ASN A 1 88  ? -0.082  -14.531 -1.074  1.00 22.03 ? 67  ASN C CB  1 
ATOM   518  C CG  . ASN A 1 88  ? -0.730  -13.688 0.010   1.00 23.92 ? 67  ASN C CG  1 
ATOM   519  O OD1 . ASN A 1 88  ? -1.254  -12.601 -0.258  1.00 20.68 ? 67  ASN C OD1 1 
ATOM   520  N ND2 . ASN A 1 88  ? -0.711  -14.186 1.232   1.00 27.23 ? 67  ASN C ND2 1 
ATOM   521  N N   . ILE A 1 89  ? -0.193  -15.537 -4.477  1.00 24.06 ? 68  ILE C N   1 
ATOM   522  C CA  . ILE A 1 89  ? 0.642   -16.061 -5.553  1.00 24.76 ? 68  ILE C CA  1 
ATOM   523  C C   . ILE A 1 89  ? 1.260   -14.895 -6.299  1.00 25.59 ? 68  ILE C C   1 
ATOM   524  O O   . ILE A 1 89  ? 0.637   -13.839 -6.469  1.00 23.56 ? 68  ILE C O   1 
ATOM   525  C CB  . ILE A 1 89  ? -0.155  -16.966 -6.513  1.00 21.78 ? 68  ILE C CB  1 
ATOM   526  C CG1 . ILE A 1 89  ? 0.797   -17.721 -7.435  1.00 27.02 ? 68  ILE C CG1 1 
ATOM   527  C CG2 . ILE A 1 89  ? -1.105  -16.162 -7.368  1.00 24.59 ? 68  ILE C CG2 1 
ATOM   528  C CD1 . ILE A 1 89  ? 1.712   -18.668 -6.690  1.00 29.81 ? 68  ILE C CD1 1 
ATOM   529  N N   . PHE A 1 90  ? 2.511   -15.060 -6.713  1.00 21.79 ? 69  PHE C N   1 
ATOM   530  C CA  . PHE A 1 90  ? 3.140   -14.001 -7.481  1.00 19.66 ? 69  PHE C CA  1 
ATOM   531  C C   . PHE A 1 90  ? 2.419   -13.830 -8.808  1.00 20.79 ? 69  PHE C C   1 
ATOM   532  O O   . PHE A 1 90  ? 1.751   -14.741 -9.308  1.00 23.45 ? 69  PHE C O   1 
ATOM   533  C CB  . PHE A 1 90  ? 4.611   -14.321 -7.729  1.00 19.89 ? 69  PHE C CB  1 
ATOM   534  C CG  . PHE A 1 90  ? 4.829   -15.673 -8.331  1.00 19.96 ? 69  PHE C CG  1 
ATOM   535  C CD1 . PHE A 1 90  ? 4.580   -15.901 -9.678  1.00 18.29 ? 69  PHE C CD1 1 
ATOM   536  C CD2 . PHE A 1 90  ? 5.257   -16.723 -7.552  1.00 21.87 ? 69  PHE C CD2 1 
ATOM   537  C CE1 . PHE A 1 90  ? 4.767   -17.149 -10.227 1.00 20.70 ? 69  PHE C CE1 1 
ATOM   538  C CE2 . PHE A 1 90  ? 5.451   -17.977 -8.105  1.00 21.42 ? 69  PHE C CE2 1 
ATOM   539  C CZ  . PHE A 1 90  ? 5.206   -18.186 -9.434  1.00 19.99 ? 69  PHE C CZ  1 
ATOM   540  N N   . SER A 1 91  ? 2.557   -12.646 -9.385  1.00 20.00 ? 70  SER C N   1 
ATOM   541  C CA  . SER A 1 91  ? 2.000   -12.386 -10.691 1.00 22.18 ? 70  SER C CA  1 
ATOM   542  C C   . SER A 1 91  ? 3.027   -11.585 -11.459 1.00 22.58 ? 70  SER C C   1 
ATOM   543  O O   . SER A 1 91  ? 4.171   -11.423 -11.023 1.00 22.95 ? 70  SER C O   1 
ATOM   544  C CB  . SER A 1 91  ? 0.663   -11.639 -10.596 1.00 24.44 ? 70  SER C CB  1 
ATOM   545  O OG  . SER A 1 91  ? 0.901   -10.271 -10.299 1.00 25.63 ? 70  SER C OG  1 
ATOM   546  N N   . GLN A 1 92  ? 2.595   -11.070 -12.599 1.00 16.63 ? 71  GLN C N   1 
ATOM   547  C CA  . GLN A 1 92  ? 3.395   -10.183 -13.425 1.00 25.43 ? 71  GLN C CA  1 
ATOM   548  C C   . GLN A 1 92  ? 3.614   -8.811  -12.807 1.00 25.30 ? 71  GLN C C   1 
ATOM   549  O O   . GLN A 1 92  ? 4.456   -8.069  -13.307 1.00 20.43 ? 71  GLN C O   1 
ATOM   550  C CB  . GLN A 1 92  ? 2.705   -9.951  -14.772 1.00 25.55 ? 71  GLN C CB  1 
ATOM   551  C CG  . GLN A 1 92  ? 2.741   -11.076 -15.727 1.00 35.22 ? 71  GLN C CG  1 
ATOM   552  C CD  . GLN A 1 92  ? 2.073   -10.684 -17.039 1.00 40.89 ? 71  GLN C CD  1 
ATOM   553  O OE1 . GLN A 1 92  ? 2.459   -11.139 -18.123 1.00 36.08 ? 71  GLN C OE1 1 
ATOM   554  N NE2 . GLN A 1 92  ? 1.065   -9.818  -16.938 1.00 37.11 ? 71  GLN C NE2 1 
ATOM   555  N N   . ASP A 1 93  ? 2.829   -8.411  -11.810 1.00 21.14 ? 72  ASP C N   1 
ATOM   556  C CA  . ASP A 1 93  ? 2.902   -7.059  -11.270 1.00 22.32 ? 72  ASP C CA  1 
ATOM   557  C C   . ASP A 1 93  ? 3.480   -7.125  -9.866  1.00 22.40 ? 72  ASP C C   1 
ATOM   558  O O   . ASP A 1 93  ? 2.886   -7.740  -8.975  1.00 19.06 ? 72  ASP C O   1 
ATOM   559  C CB  . ASP A 1 93  ? 1.524   -6.398  -11.269 1.00 24.62 ? 72  ASP C CB  1 
ATOM   560  C CG  . ASP A 1 93  ? 1.595   -4.881  -11.028 1.00 33.24 ? 72  ASP C CG  1 
ATOM   561  O OD1 . ASP A 1 93  ? 2.661   -4.360  -10.614 1.00 29.49 ? 72  ASP C OD1 1 
ATOM   562  O OD2 . ASP A 1 93  ? 0.570   -4.205  -11.265 1.00 39.53 ? 72  ASP C OD2 1 
ATOM   563  N N   . ILE A 1 94  ? 4.650   -6.508  -9.672  1.00 19.04 ? 73  ILE C N   1 
ATOM   564  C CA  . ILE A 1 94  ? 5.278   -6.546  -8.361  1.00 20.52 ? 73  ILE C CA  1 
ATOM   565  C C   . ILE A 1 94  ? 4.495   -5.741  -7.342  1.00 22.66 ? 73  ILE C C   1 
ATOM   566  O O   . ILE A 1 94  ? 4.723   -5.893  -6.142  1.00 20.03 ? 73  ILE C O   1 
ATOM   567  C CB  . ILE A 1 94  ? 6.746   -6.061  -8.432  1.00 22.61 ? 73  ILE C CB  1 
ATOM   568  C CG1 . ILE A 1 94  ? 6.835   -4.605  -8.867  1.00 23.46 ? 73  ILE C CG1 1 
ATOM   569  C CG2 . ILE A 1 94  ? 7.551   -6.914  -9.414  1.00 23.32 ? 73  ILE C CG2 1 
ATOM   570  C CD1 . ILE A 1 94  ? 8.098   -3.915  -8.356  1.00 25.86 ? 73  ILE C CD1 1 
ATOM   571  N N   . LEU A 1 95  ? 3.566   -4.900  -7.794  1.00 17.40 ? 74  LEU C N   1 
ATOM   572  C CA  . LEU A 1 95  ? 2.733   -4.104  -6.908  1.00 19.11 ? 74  LEU C CA  1 
ATOM   573  C C   . LEU A 1 95  ? 1.485   -4.846  -6.458  1.00 20.53 ? 74  LEU C C   1 
ATOM   574  O O   . LEU A 1 95  ? 0.696   -4.286  -5.698  1.00 18.12 ? 74  LEU C O   1 
ATOM   575  C CB  . LEU A 1 95  ? 2.343   -2.796  -7.595  1.00 17.19 ? 74  LEU C CB  1 
ATOM   576  C CG  . LEU A 1 95  ? 3.552   -1.889  -7.858  1.00 21.68 ? 74  LEU C CG  1 
ATOM   577  C CD1 . LEU A 1 95  ? 3.168   -0.662  -8.662  1.00 21.48 ? 74  LEU C CD1 1 
ATOM   578  C CD2 . LEU A 1 95  ? 4.191   -1.507  -6.528  1.00 19.55 ? 74  LEU C CD2 1 
ATOM   579  N N   . LYS A 1 96  ? 1.291   -6.078  -6.906  1.00 18.98 ? 75  LYS C N   1 
ATOM   580  C CA  . LYS A 1 96  ? 0.172   -6.879  -6.433  1.00 22.69 ? 75  LYS C CA  1 
ATOM   581  C C   . LYS A 1 96  ? 0.293   -7.052  -4.924  1.00 19.08 ? 75  LYS C C   1 
ATOM   582  O O   . LYS A 1 96  ? 1.329   -7.525  -4.449  1.00 17.84 ? 75  LYS C O   1 
ATOM   583  C CB  . LYS A 1 96  ? 0.152   -8.243  -7.122  1.00 21.64 ? 75  LYS C CB  1 
ATOM   584  C CG  . LYS A 1 96  ? -1.026  -9.115  -6.702  1.00 23.32 ? 75  LYS C CG  1 
ATOM   585  C CD  . LYS A 1 96  ? -0.865  -10.520 -7.281  1.00 22.60 ? 75  LYS C CD  1 
ATOM   586  C CE  . LYS A 1 96  ? -2.085  -11.390 -7.000  1.00 29.54 ? 75  LYS C CE  1 
ATOM   587  N NZ  . LYS A 1 96  ? -1.750  -12.853 -6.998  1.00 27.09 ? 75  LYS C NZ  1 
ATOM   588  N N   . PRO A 1 97  ? -0.712  -6.681  -4.146  1.00 19.67 ? 76  PRO C N   1 
ATOM   589  C CA  . PRO A 1 97  ? -0.532  -6.637  -2.694  1.00 20.45 ? 76  PRO C CA  1 
ATOM   590  C C   . PRO A 1 97  ? -0.565  -8.027  -2.077  1.00 21.81 ? 76  PRO C C   1 
ATOM   591  O O   . PRO A 1 97  ? -1.139  -8.978  -2.612  1.00 23.80 ? 76  PRO C O   1 
ATOM   592  C CB  . PRO A 1 97  ? -1.712  -5.772  -2.219  1.00 18.94 ? 76  PRO C CB  1 
ATOM   593  C CG  . PRO A 1 97  ? -2.744  -5.946  -3.268  1.00 21.57 ? 76  PRO C CG  1 
ATOM   594  C CD  . PRO A 1 97  ? -2.027  -6.170  -4.568  1.00 19.14 ? 76  PRO C CD  1 
ATOM   595  N N   . ILE A 1 98  ? 0.073   -8.128  -0.921  1.00 17.05 ? 77  ILE C N   1 
ATOM   596  C CA  . ILE A 1 98  ? 0.217   -9.384  -0.201  1.00 19.26 ? 77  ILE C CA  1 
ATOM   597  C C   . ILE A 1 98  ? -0.672  -9.343  1.031   1.00 21.17 ? 77  ILE C C   1 
ATOM   598  O O   . ILE A 1 98  ? -0.674  -8.355  1.775   1.00 19.25 ? 77  ILE C O   1 
ATOM   599  C CB  . ILE A 1 98  ? 1.687   -9.641  0.162   1.00 21.86 ? 77  ILE C CB  1 
ATOM   600  C CG1 . ILE A 1 98  ? 2.450   -9.982  -1.131  1.00 21.44 ? 77  ILE C CG1 1 
ATOM   601  C CG2 . ILE A 1 98  ? 1.819   -10.770 1.200   1.00 19.43 ? 77  ILE C CG2 1 
ATOM   602  C CD1 . ILE A 1 98  ? 3.866   -9.556  -1.092  1.00 32.22 ? 77  ILE C CD1 1 
ATOM   603  N N   . LEU A 1 99  ? -1.448  -10.407 1.225   1.00 19.82 ? 78  LEU C N   1 
ATOM   604  C CA  . LEU A 1 99  ? -2.332  -10.528 2.375   1.00 20.36 ? 78  LEU C CA  1 
ATOM   605  C C   . LEU A 1 99  ? -1.563  -11.213 3.490   1.00 20.81 ? 78  LEU C C   1 
ATOM   606  O O   . LEU A 1 99  ? -1.008  -12.302 3.297   1.00 20.33 ? 78  LEU C O   1 
ATOM   607  C CB  . LEU A 1 99  ? -3.598  -11.311 2.023   1.00 21.25 ? 78  LEU C CB  1 
ATOM   608  C CG  . LEU A 1 99  ? -4.622  -11.441 3.158   1.00 25.34 ? 78  LEU C CG  1 
ATOM   609  C CD1 . LEU A 1 99  ? -5.019  -10.064 3.698   1.00 21.07 ? 78  LEU C CD1 1 
ATOM   610  C CD2 . LEU A 1 99  ? -5.850  -12.186 2.666   1.00 30.33 ? 78  LEU C CD2 1 
ATOM   611  N N   . SER A 1 100 ? -1.496  -10.557 4.638   1.00 21.31 ? 79  SER C N   1 
ATOM   612  C CA  . SER A 1 100 ? -0.758  -11.043 5.785   1.00 23.19 ? 79  SER C CA  1 
ATOM   613  C C   . SER A 1 100 ? -1.638  -10.888 7.022   1.00 30.39 ? 79  SER C C   1 
ATOM   614  O O   . SER A 1 100 ? -2.722  -10.298 6.970   1.00 24.22 ? 79  SER C O   1 
ATOM   615  C CB  . SER A 1 100 ? 0.555   -10.279 5.962   1.00 25.11 ? 79  SER C CB  1 
ATOM   616  O OG  . SER A 1 100 ? 0.317   -8.930  6.339   1.00 25.28 ? 79  SER C OG  1 
ATOM   617  N N   . TRP A 1 101 ? -1.172  -11.430 8.142   1.00 27.29 ? 80  TRP C N   1 
ATOM   618  C CA  . TRP A 1 101 ? -1.810  -11.199 9.428   1.00 34.13 ? 80  TRP C CA  1 
ATOM   619  C C   . TRP A 1 101 ? -0.795  -10.563 10.357  1.00 34.15 ? 80  TRP C C   1 
ATOM   620  O O   . TRP A 1 101 ? 0.372   -10.969 10.386  1.00 32.52 ? 80  TRP C O   1 
ATOM   621  C CB  . TRP A 1 101 ? -2.366  -12.494 10.036  1.00 39.79 ? 80  TRP C CB  1 
ATOM   622  C CG  . TRP A 1 101 ? -3.732  -12.307 10.659  1.00 45.66 ? 80  TRP C CG  1 
ATOM   623  C CD1 . TRP A 1 101 ? -4.006  -11.901 11.936  1.00 46.37 ? 80  TRP C CD1 1 
ATOM   624  C CD2 . TRP A 1 101 ? -5.003  -12.486 10.015  1.00 46.45 ? 80  TRP C CD2 1 
ATOM   625  N NE1 . TRP A 1 101 ? -5.367  -11.829 12.127  1.00 47.35 ? 80  TRP C NE1 1 
ATOM   626  C CE2 . TRP A 1 101 ? -6.001  -12.178 10.963  1.00 46.80 ? 80  TRP C CE2 1 
ATOM   627  C CE3 . TRP A 1 101 ? -5.393  -12.882 8.729   1.00 47.09 ? 80  TRP C CE3 1 
ATOM   628  C CZ2 . TRP A 1 101 ? -7.368  -12.259 10.666  1.00 55.04 ? 80  TRP C CZ2 1 
ATOM   629  C CZ3 . TRP A 1 101 ? -6.750  -12.965 8.438   1.00 50.76 ? 80  TRP C CZ3 1 
ATOM   630  C CH2 . TRP A 1 101 ? -7.721  -12.653 9.401   1.00 52.40 ? 80  TRP C CH2 1 
ATOM   631  N N   . ASP A 1 102 ? -1.233  -9.545  11.083  1.00 38.56 ? 81  ASP C N   1 
ATOM   632  C CA  . ASP A 1 102 ? -0.412  -8.935  12.120  1.00 42.67 ? 81  ASP C CA  1 
ATOM   633  C C   . ASP A 1 102 ? -0.696  -9.681  13.415  1.00 46.41 ? 81  ASP C C   1 
ATOM   634  O O   . ASP A 1 102 ? -1.756  -9.515  14.022  1.00 45.98 ? 81  ASP C O   1 
ATOM   635  C CB  . ASP A 1 102 ? -0.712  -7.450  12.258  1.00 45.52 ? 81  ASP C CB  1 
ATOM   636  C CG  . ASP A 1 102 ? 0.052   -6.811  13.402  1.00 48.28 ? 81  ASP C CG  1 
ATOM   637  O OD1 . ASP A 1 102 ? 1.098   -7.367  13.812  1.00 51.37 ? 81  ASP C OD1 1 
ATOM   638  O OD2 . ASP A 1 102 ? -0.395  -5.751  13.884  1.00 50.66 ? 81  ASP C OD2 1 
ATOM   639  N N   . GLU A 1 103 ? 0.258   -10.520 13.822  1.00 50.35 ? 82  GLU C N   1 
ATOM   640  C CA  . GLU A 1 103 ? 0.100   -11.308 15.039  1.00 53.29 ? 82  GLU C CA  1 
ATOM   641  C C   . GLU A 1 103 ? -0.022  -10.403 16.259  1.00 52.88 ? 82  GLU C C   1 
ATOM   642  O O   . GLU A 1 103 ? -0.901  -10.592 17.106  1.00 53.62 ? 82  GLU C O   1 
ATOM   643  C CB  . GLU A 1 103 ? 1.293   -12.252 15.179  1.00 53.93 ? 82  GLU C CB  1 
ATOM   644  C CG  . GLU A 1 103 ? 1.113   -13.367 16.176  1.00 54.74 ? 82  GLU C CG  1 
ATOM   645  C CD  . GLU A 1 103 ? 1.967   -14.570 15.837  1.00 54.65 ? 82  GLU C CD  1 
ATOM   646  O OE1 . GLU A 1 103 ? 3.129   -14.371 15.416  1.00 56.09 ? 82  GLU C OE1 1 
ATOM   647  O OE2 . GLU A 1 103 ? 1.479   -15.711 15.991  1.00 61.94 ? 82  GLU C OE2 1 
ATOM   648  N N   . VAL A 1 104 ? 0.841   -9.390  16.335  1.00 57.22 ? 83  VAL C N   1 
ATOM   649  C CA  . VAL A 1 104 ? 0.922   -8.439  17.435  1.00 55.23 ? 83  VAL C CA  1 
ATOM   650  C C   . VAL A 1 104 ? -0.334  -7.575  17.592  1.00 55.88 ? 83  VAL C C   1 
ATOM   651  O O   . VAL A 1 104 ? -0.542  -6.983  18.654  1.00 58.23 ? 83  VAL C O   1 
ATOM   652  C CB  . VAL A 1 104 ? 2.202   -7.596  17.202  1.00 57.31 ? 83  VAL C CB  1 
ATOM   653  C CG1 . VAL A 1 104 ? 2.410   -6.538  18.262  1.00 56.68 ? 83  VAL C CG1 1 
ATOM   654  C CG2 . VAL A 1 104 ? 3.426   -8.513  17.119  1.00 53.31 ? 83  VAL C CG2 1 
ATOM   655  N N   . GLY A 1 105 ? -1.195  -7.507  16.580  1.00 53.50 ? 84  GLY C N   1 
ATOM   656  C CA  . GLY A 1 105 ? -2.373  -6.665  16.680  1.00 47.21 ? 84  GLY C CA  1 
ATOM   657  C C   . GLY A 1 105 ? -3.671  -7.381  16.371  1.00 53.45 ? 84  GLY C C   1 
ATOM   658  O O   . GLY A 1 105 ? -4.758  -6.821  16.552  1.00 55.47 ? 84  GLY C O   1 
ATOM   659  N N   . GLY A 1 106 ? -3.570  -8.616  15.886  1.00 49.47 ? 85  GLY C N   1 
ATOM   660  C CA  . GLY A 1 106 ? -4.748  -9.424  15.632  1.00 46.17 ? 85  GLY C CA  1 
ATOM   661  C C   . GLY A 1 106 ? -5.622  -8.957  14.490  1.00 49.49 ? 85  GLY C C   1 
ATOM   662  O O   . GLY A 1 106 ? -6.850  -9.071  14.578  1.00 51.67 ? 85  GLY C O   1 
ATOM   663  N N   . HIS A 1 107 ? -5.032  -8.444  13.412  1.00 46.00 ? 86  HIS C N   1 
ATOM   664  C CA  . HIS A 1 107 ? -5.808  -7.992  12.265  1.00 45.22 ? 86  HIS C CA  1 
ATOM   665  C C   . HIS A 1 107 ? -5.070  -8.315  10.974  1.00 36.23 ? 86  HIS C C   1 
ATOM   666  O O   . HIS A 1 107 ? -3.835  -8.388  10.956  1.00 34.85 ? 86  HIS C O   1 
ATOM   667  C CB  . HIS A 1 107 ? -6.108  -6.482  12.328  1.00 45.08 ? 86  HIS C CB  1 
ATOM   668  C CG  . HIS A 1 107 ? -4.995  -5.655  12.885  1.00 48.74 ? 86  HIS C CG  1 
ATOM   669  N ND1 . HIS A 1 107 ? -3.907  -5.264  12.132  1.00 51.12 ? 86  HIS C ND1 1 
ATOM   670  C CD2 . HIS A 1 107 ? -4.813  -5.118  14.115  1.00 49.67 ? 86  HIS C CD2 1 
ATOM   671  C CE1 . HIS A 1 107 ? -3.095  -4.536  12.879  1.00 49.52 ? 86  HIS C CE1 1 
ATOM   672  N NE2 . HIS A 1 107 ? -3.621  -4.433  14.086  1.00 54.16 ? 86  HIS C NE2 1 
ATOM   673  N N   . PRO A 1 108 ? -5.800  -8.530  9.887   1.00 33.66 ? 87  PRO C N   1 
ATOM   674  C CA  . PRO A 1 108 ? -5.132  -8.731  8.602   1.00 33.77 ? 87  PRO C CA  1 
ATOM   675  C C   . PRO A 1 108 ? -4.436  -7.448  8.188   1.00 33.53 ? 87  PRO C C   1 
ATOM   676  O O   . PRO A 1 108 ? -4.830  -6.348  8.589   1.00 26.87 ? 87  PRO C O   1 
ATOM   677  C CB  . PRO A 1 108 ? -6.278  -9.080  7.645   1.00 35.16 ? 87  PRO C CB  1 
ATOM   678  C CG  . PRO A 1 108 ? -7.539  -9.074  8.477   1.00 40.74 ? 87  PRO C CG  1 
ATOM   679  C CD  . PRO A 1 108 ? -7.249  -8.341  9.728   1.00 36.14 ? 87  PRO C CD  1 
ATOM   680  N N   . VAL A 1 109 ? -3.365  -7.599  7.410   1.00 25.92 ? 88  VAL C N   1 
ATOM   681  C CA  . VAL A 1 109 ? -2.633  -6.465  6.854   1.00 23.23 ? 88  VAL C CA  1 
ATOM   682  C C   . VAL A 1 109 ? -2.362  -6.783  5.396   1.00 21.46 ? 88  VAL C C   1 
ATOM   683  O O   . VAL A 1 109 ? -1.783  -7.830  5.085   1.00 23.28 ? 88  VAL C O   1 
ATOM   684  C CB  . VAL A 1 109 ? -1.324  -6.178  7.607   1.00 21.69 ? 88  VAL C CB  1 
ATOM   685  C CG1 . VAL A 1 109 ? -0.521  -5.035  6.913   1.00 20.08 ? 88  VAL C CG1 1 
ATOM   686  C CG2 . VAL A 1 109 ? -1.617  -5.812  9.050   1.00 24.81 ? 88  VAL C CG2 1 
ATOM   687  N N   . LEU A 1 110 ? -2.823  -5.913  4.507   1.00 17.65 ? 89  LEU C N   1 
ATOM   688  C CA  . LEU A 1 110 ? -2.588  -6.039  3.082   1.00 21.50 ? 89  LEU C CA  1 
ATOM   689  C C   . LEU A 1 110 ? -1.565  -4.990  2.675   1.00 17.96 ? 89  LEU C C   1 
ATOM   690  O O   . LEU A 1 110 ? -1.722  -3.812  3.010   1.00 16.77 ? 89  LEU C O   1 
ATOM   691  C CB  . LEU A 1 110 ? -3.890  -5.860  2.306   1.00 19.92 ? 89  LEU C CB  1 
ATOM   692  C CG  . LEU A 1 110 ? -3.811  -6.063  0.801   1.00 19.82 ? 89  LEU C CG  1 
ATOM   693  C CD1 . LEU A 1 110 ? -3.815  -7.546  0.480   1.00 17.14 ? 89  LEU C CD1 1 
ATOM   694  C CD2 . LEU A 1 110 ? -4.983  -5.355  0.153   1.00 18.42 ? 89  LEU C CD2 1 
ATOM   695  N N   . TRP A 1 111 ? -0.522  -5.412  1.966   1.00 16.25 ? 90  TRP C N   1 
ATOM   696  C CA  . TRP A 1 111 ? 0.603   -4.518  1.738   1.00 16.46 ? 90  TRP C CA  1 
ATOM   697  C C   . TRP A 1 111 ? 1.295   -4.797  0.408   1.00 16.55 ? 90  TRP C C   1 
ATOM   698  O O   . TRP A 1 111 ? 1.300   -5.922  -0.098  1.00 16.29 ? 90  TRP C O   1 
ATOM   699  C CB  . TRP A 1 111 ? 1.618   -4.628  2.883   1.00 15.43 ? 90  TRP C CB  1 
ATOM   700  C CG  . TRP A 1 111 ? 2.301   -5.961  3.022   1.00 19.57 ? 90  TRP C CG  1 
ATOM   701  C CD1 . TRP A 1 111 ? 1.895   -7.007  3.805   1.00 21.10 ? 90  TRP C CD1 1 
ATOM   702  C CD2 . TRP A 1 111 ? 3.539   -6.375  2.412   1.00 19.61 ? 90  TRP C CD2 1 
ATOM   703  N NE1 . TRP A 1 111 ? 2.790   -8.046  3.709   1.00 18.49 ? 90  TRP C NE1 1 
ATOM   704  C CE2 . TRP A 1 111 ? 3.804   -7.688  2.860   1.00 19.83 ? 90  TRP C CE2 1 
ATOM   705  C CE3 . TRP A 1 111 ? 4.444   -5.766  1.527   1.00 16.37 ? 90  TRP C CE3 1 
ATOM   706  C CZ2 . TRP A 1 111 ? 4.936   -8.405  2.457   1.00 20.68 ? 90  TRP C CZ2 1 
ATOM   707  C CZ3 . TRP A 1 111 ? 5.557   -6.474  1.124   1.00 19.43 ? 90  TRP C CZ3 1 
ATOM   708  C CH2 . TRP A 1 111 ? 5.800   -7.784  1.593   1.00 24.67 ? 90  TRP C CH2 1 
ATOM   709  N N   . ASN A 1 112 ? 1.905   -3.761  -0.150  1.00 15.97 ? 91  ASN C N   1 
ATOM   710  C CA  . ASN A 1 112 ? 2.770   -3.937  -1.308  1.00 13.72 ? 91  ASN C CA  1 
ATOM   711  C C   . ASN A 1 112 ? 3.971   -3.018  -1.164  1.00 15.77 ? 91  ASN C C   1 
ATOM   712  O O   . ASN A 1 112 ? 4.048   -2.195  -0.248  1.00 17.35 ? 91  ASN C O   1 
ATOM   713  C CB  . ASN A 1 112 ? 2.039   -3.700  -2.637  1.00 12.96 ? 91  ASN C CB  1 
ATOM   714  C CG  . ASN A 1 112 ? 1.444   -2.306  -2.758  1.00 15.47 ? 91  ASN C CG  1 
ATOM   715  O OD1 . ASN A 1 112 ? 1.701   -1.415  -1.937  1.00 17.09 ? 91  ASN C OD1 1 
ATOM   716  N ND2 . ASN A 1 112 ? 0.636   -2.110  -3.794  1.00 14.41 ? 91  ASN C ND2 1 
ATOM   717  N N   . ARG A 1 113 ? 4.917   -3.161  -2.085  1.00 16.53 ? 92  ARG C N   1 
ATOM   718  C CA  . ARG A 1 113 ? 6.214   -2.537  -1.897  1.00 17.33 ? 92  ARG C CA  1 
ATOM   719  C C   . ARG A 1 113 ? 6.909   -2.392  -3.242  1.00 15.04 ? 92  ARG C C   1 
ATOM   720  O O   . ARG A 1 113 ? 6.782   -3.244  -4.122  1.00 14.48 ? 92  ARG C O   1 
ATOM   721  C CB  . ARG A 1 113 ? 7.074   -3.374  -0.943  1.00 18.41 ? 92  ARG C CB  1 
ATOM   722  C CG  . ARG A 1 113 ? 8.337   -2.669  -0.422  1.00 19.13 ? 92  ARG C CG  1 
ATOM   723  C CD  . ARG A 1 113 ? 8.995   -3.520  0.654   1.00 18.66 ? 92  ARG C CD  1 
ATOM   724  N NE  . ARG A 1 113 ? 9.047   -4.900  0.191   1.00 24.16 ? 92  ARG C NE  1 
ATOM   725  C CZ  . ARG A 1 113 ? 9.094   -5.961  0.994   1.00 26.88 ? 92  ARG C CZ  1 
ATOM   726  N NH1 . ARG A 1 113 ? 9.110   -5.804  2.319   1.00 16.24 ? 92  ARG C NH1 1 
ATOM   727  N NH2 . ARG A 1 113 ? 9.140   -7.176  0.461   1.00 22.85 ? 92  ARG C NH2 1 
ATOM   728  N N   . GLN A 1 114 ? 7.671   -1.324  -3.384  1.00 18.40 ? 93  GLN C N   1 
ATOM   729  C CA  . GLN A 1 114 ? 8.489   -1.153  -4.575  1.00 17.16 ? 93  GLN C CA  1 
ATOM   730  C C   . GLN A 1 114 ? 9.642   -0.238  -4.225  1.00 17.97 ? 93  GLN C C   1 
ATOM   731  O O   . GLN A 1 114 ? 9.553   0.540   -3.265  1.00 18.97 ? 93  GLN C O   1 
ATOM   732  C CB  . GLN A 1 114 ? 7.673   -0.567  -5.735  1.00 18.84 ? 93  GLN C CB  1 
ATOM   733  C CG  . GLN A 1 114 ? 7.413   0.934   -5.581  1.00 19.31 ? 93  GLN C CG  1 
ATOM   734  C CD  . GLN A 1 114 ? 6.599   1.483   -6.744  1.00 17.96 ? 93  GLN C CD  1 
ATOM   735  O OE1 . GLN A 1 114 ? 6.940   1.247   -7.893  1.00 19.53 ? 93  GLN C OE1 1 
ATOM   736  N NE2 . GLN A 1 114 ? 5.511   2.195   -6.446  1.00 15.54 ? 93  GLN C NE2 1 
ATOM   737  N N   . PRO A 1 115 ? 10.724  -0.282  -4.992  1.00 20.85 ? 94  PRO C N   1 
ATOM   738  C CA  . PRO A 1 115 ? 11.872  0.556   -4.659  1.00 20.59 ? 94  PRO C CA  1 
ATOM   739  C C   . PRO A 1 115 ? 11.580  2.022   -4.917  1.00 26.93 ? 94  PRO C C   1 
ATOM   740  O O   . PRO A 1 115 ? 10.826  2.399   -5.821  1.00 24.47 ? 94  PRO C O   1 
ATOM   741  C CB  . PRO A 1 115 ? 12.981  0.024   -5.574  1.00 26.31 ? 94  PRO C CB  1 
ATOM   742  C CG  . PRO A 1 115 ? 12.290  -0.674  -6.660  1.00 29.14 ? 94  PRO C CG  1 
ATOM   743  C CD  . PRO A 1 115 ? 11.035  -1.237  -6.073  1.00 21.87 ? 94  PRO C CD  1 
ATOM   744  N N   . LEU A 1 116 ? 12.176  2.855   -4.079  1.00 23.22 ? 95  LEU C N   1 
ATOM   745  C CA  . LEU A 1 116 ? 12.058  4.284   -4.275  1.00 26.18 ? 95  LEU C CA  1 
ATOM   746  C C   . LEU A 1 116 ? 12.901  4.768   -5.457  1.00 33.37 ? 95  LEU C C   1 
ATOM   747  O O   . LEU A 1 116 ? 12.535  5.748   -6.109  1.00 39.94 ? 95  LEU C O   1 
ATOM   748  C CB  . LEU A 1 116 ? 12.443  4.959   -2.972  1.00 28.98 ? 95  LEU C CB  1 
ATOM   749  C CG  . LEU A 1 116 ? 12.542  6.443   -2.783  1.00 33.43 ? 95  LEU C CG  1 
ATOM   750  C CD1 . LEU A 1 116 ? 11.167  7.083   -2.743  1.00 32.26 ? 95  LEU C CD1 1 
ATOM   751  C CD2 . LEU A 1 116 ? 13.208  6.559   -1.436  1.00 32.25 ? 95  LEU C CD2 1 
ATOM   752  N N   . ASN A 1 117 ? 14.004  4.091   -5.781  1.00 35.66 ? 96  ASN C N   1 
ATOM   753  C CA  . ASN A 1 117 ? 14.880  4.619   -6.829  1.00 45.59 ? 96  ASN C CA  1 
ATOM   754  C C   . ASN A 1 117 ? 14.333  4.397   -8.240  1.00 46.81 ? 96  ASN C C   1 
ATOM   755  O O   . ASN A 1 117 ? 14.686  5.146   -9.159  1.00 53.71 ? 96  ASN C O   1 
ATOM   756  C CB  . ASN A 1 117 ? 16.294  4.027   -6.712  1.00 45.60 ? 96  ASN C CB  1 
ATOM   757  C CG  . ASN A 1 117 ? 16.311  2.497   -6.684  1.00 49.41 ? 96  ASN C CG  1 
ATOM   758  O OD1 . ASN A 1 117 ? 15.598  1.826   -7.440  1.00 47.18 ? 96  ASN C OD1 1 
ATOM   759  N ND2 . ASN A 1 117 ? 17.153  1.941   -5.816  1.00 52.78 ? 96  ASN C ND2 1 
ATOM   760  N N   . ASN A 1 118 ? 13.485  3.392   -8.448  1.00 46.46 ? 97  ASN C N   1 
ATOM   761  C CA  . ASN A 1 118 ? 12.960  3.101   -9.777  1.00 50.04 ? 97  ASN C CA  1 
ATOM   762  C C   . ASN A 1 118 ? 11.575  3.697   -9.997  1.00 51.67 ? 97  ASN C C   1 
ATOM   763  O O   . ASN A 1 118 ? 10.746  3.106   -10.704 1.00 53.88 ? 97  ASN C O   1 
ATOM   764  C CB  . ASN A 1 118 ? 12.935  1.594   -10.033 1.00 50.98 ? 97  ASN C CB  1 
ATOM   765  C CG  . ASN A 1 118 ? 13.182  1.252   -11.495 1.00 57.69 ? 97  ASN C CG  1 
ATOM   766  O OD1 . ASN A 1 118 ? 13.528  2.126   -12.297 1.00 60.58 ? 97  ASN C OD1 1 
ATOM   767  N ND2 . ASN A 1 118 ? 12.988  -0.016  -11.854 1.00 57.67 ? 97  ASN C ND2 1 
ATOM   768  N N   . LEU A 1 119 ? 11.304  4.861   -9.418  1.00 49.74 ? 98  LEU C N   1 
ATOM   769  C CA  . LEU A 1 119 ? 9.976   5.447   -9.494  1.00 42.47 ? 98  LEU C CA  1 
ATOM   770  C C   . LEU A 1 119 ? 9.876   6.354   -10.715 1.00 41.37 ? 98  LEU C C   1 
ATOM   771  O O   . LEU A 1 119 ? 10.691  7.270   -10.895 1.00 42.87 ? 98  LEU C O   1 
ATOM   772  C CB  . LEU A 1 119 ? 9.631   6.230   -8.223  1.00 39.61 ? 98  LEU C CB  1 
ATOM   773  C CG  . LEU A 1 119 ? 9.625   5.539   -6.848  1.00 40.76 ? 98  LEU C CG  1 
ATOM   774  C CD1 . LEU A 1 119 ? 9.471   6.600   -5.756  1.00 34.32 ? 98  LEU C CD1 1 
ATOM   775  C CD2 . LEU A 1 119 ? 8.571   4.434   -6.683  1.00 32.57 ? 98  LEU C CD2 1 
ATOM   776  N N   . ASP A 1 120 ? 8.892   6.067   -11.563 1.00 38.43 ? 99  ASP C N   1 
ATOM   777  C CA  . ASP A 1 120 ? 8.279   7.064   -12.422 1.00 29.86 ? 99  ASP C CA  1 
ATOM   778  C C   . ASP A 1 120 ? 7.519   8.076   -11.566 1.00 28.51 ? 99  ASP C C   1 
ATOM   779  O O   . ASP A 1 120 ? 7.271   7.861   -10.379 1.00 26.95 ? 99  ASP C O   1 
ATOM   780  C CB  . ASP A 1 120 ? 7.305   6.398   -13.385 1.00 24.75 ? 99  ASP C CB  1 
ATOM   781  C CG  . ASP A 1 120 ? 7.958   5.357   -14.259 1.00 23.76 ? 99  ASP C CG  1 
ATOM   782  O OD1 . ASP A 1 120 ? 8.542   5.764   -15.273 1.00 24.17 ? 99  ASP C OD1 1 
ATOM   783  O OD2 . ASP A 1 120 ? 7.863   4.143   -13.961 1.00 27.33 ? 99  ASP C OD2 1 
ATOM   784  N N   . ASN A 1 121 ? 7.095   9.168   -12.202 1.00 24.86 ? 100 ASN C N   1 
ATOM   785  C CA  . ASN A 1 121 ? 6.363   10.225  -11.509 1.00 25.54 ? 100 ASN C CA  1 
ATOM   786  C C   . ASN A 1 121 ? 5.066   9.725   -10.865 1.00 26.08 ? 100 ASN C C   1 
ATOM   787  O O   . ASN A 1 121 ? 4.664   10.225  -9.806  1.00 23.11 ? 100 ASN C O   1 
ATOM   788  C CB  . ASN A 1 121 ? 6.078   11.341  -12.509 1.00 28.38 ? 100 ASN C CB  1 
ATOM   789  C CG  . ASN A 1 121 ? 5.328   12.474  -11.911 1.00 35.08 ? 100 ASN C CG  1 
ATOM   790  O OD1 . ASN A 1 121 ? 4.145   12.663  -12.190 1.00 39.67 ? 100 ASN C OD1 1 
ATOM   791  N ND2 . ASN A 1 121 ? 6.007   13.253  -11.076 1.00 42.44 ? 100 ASN C ND2 1 
ATOM   792  N N   . ASN A 1 122 ? 4.392   8.754   -11.483 1.00 21.05 ? 101 ASN C N   1 
ATOM   793  C CA  . ASN A 1 122 ? 3.124   8.236   -10.988 1.00 21.40 ? 101 ASN C CA  1 
ATOM   794  C C   . ASN A 1 122 ? 3.286   6.937   -10.218 1.00 18.52 ? 101 ASN C C   1 
ATOM   795  O O   . ASN A 1 122 ? 2.296   6.231   -10.014 1.00 17.55 ? 101 ASN C O   1 
ATOM   796  C CB  . ASN A 1 122 ? 2.153   8.006   -12.144 1.00 16.24 ? 101 ASN C CB  1 
ATOM   797  C CG  . ASN A 1 122 ? 2.726   7.069   -13.177 1.00 18.00 ? 101 ASN C CG  1 
ATOM   798  O OD1 . ASN A 1 122 ? 3.913   7.130   -13.452 1.00 19.65 ? 101 ASN C OD1 1 
ATOM   799  N ND2 . ASN A 1 122 ? 1.903   6.172   -13.722 1.00 15.27 ? 101 ASN C ND2 1 
ATOM   800  N N   . SER A 1 123 ? 4.510   6.600   -9.805  1.00 18.98 ? 102 SER C N   1 
ATOM   801  C CA  . SER A 1 123 ? 4.764   5.263   -9.272  1.00 20.12 ? 102 SER C CA  1 
ATOM   802  C C   . SER A 1 123 ? 4.007   5.010   -7.975  1.00 17.75 ? 102 SER C C   1 
ATOM   803  O O   . SER A 1 123 ? 3.448   3.924   -7.784  1.00 17.79 ? 102 SER C O   1 
ATOM   804  C CB  . SER A 1 123 ? 6.259   5.055   -9.062  1.00 25.79 ? 102 SER C CB  1 
ATOM   805  O OG  . SER A 1 123 ? 6.899   4.842   -10.315 1.00 34.19 ? 102 SER C OG  1 
ATOM   806  N N   . LEU A 1 124 ? 3.986   5.983   -7.063  1.00 14.21 ? 103 LEU C N   1 
ATOM   807  C CA  . LEU A 1 124 ? 3.254   5.776   -5.820  1.00 17.09 ? 103 LEU C CA  1 
ATOM   808  C C   . LEU A 1 124 ? 1.755   5.719   -6.078  1.00 13.29 ? 103 LEU C C   1 
ATOM   809  O O   . LEU A 1 124 ? 1.038   4.947   -5.436  1.00 15.82 ? 103 LEU C O   1 
ATOM   810  C CB  . LEU A 1 124 ? 3.614   6.871   -4.805  1.00 15.51 ? 103 LEU C CB  1 
ATOM   811  C CG  . LEU A 1 124 ? 4.807   6.510   -3.906  1.00 19.17 ? 103 LEU C CG  1 
ATOM   812  C CD1 . LEU A 1 124 ? 6.054   6.297   -4.710  1.00 21.09 ? 103 LEU C CD1 1 
ATOM   813  C CD2 . LEU A 1 124 ? 5.060   7.545   -2.795  1.00 16.87 ? 103 LEU C CD2 1 
ATOM   814  N N   . TYR A 1 125 ? 1.265   6.519   -7.023  1.00 15.57 ? 104 TYR C N   1 
ATOM   815  C CA  . TYR A 1 125 ? -0.153  6.483   -7.364  1.00 13.96 ? 104 TYR C CA  1 
ATOM   816  C C   . TYR A 1 125 ? -0.544  5.096   -7.857  1.00 17.30 ? 104 TYR C C   1 
ATOM   817  O O   . TYR A 1 125 ? -1.567  4.544   -7.441  1.00 16.09 ? 104 TYR C O   1 
ATOM   818  C CB  . TYR A 1 125 ? -0.455  7.562   -8.418  1.00 18.03 ? 104 TYR C CB  1 
ATOM   819  C CG  . TYR A 1 125 ? -1.917  7.751   -8.759  1.00 18.68 ? 104 TYR C CG  1 
ATOM   820  C CD1 . TYR A 1 125 ? -2.685  8.737   -8.139  1.00 22.12 ? 104 TYR C CD1 1 
ATOM   821  C CD2 . TYR A 1 125 ? -2.537  6.935   -9.696  1.00 20.90 ? 104 TYR C CD2 1 
ATOM   822  C CE1 . TYR A 1 125 ? -4.042  8.900   -8.449  1.00 23.41 ? 104 TYR C CE1 1 
ATOM   823  C CE2 . TYR A 1 125 ? -3.877  7.094   -10.019 1.00 24.47 ? 104 TYR C CE2 1 
ATOM   824  C CZ  . TYR A 1 125 ? -4.622  8.076   -9.394  1.00 24.69 ? 104 TYR C CZ  1 
ATOM   825  O OH  . TYR A 1 125 ? -5.950  8.211   -9.727  1.00 27.62 ? 104 TYR C OH  1 
ATOM   826  N N   . THR A 1 126 ? 0.281   4.506   -8.727  1.00 17.54 ? 105 THR C N   1 
ATOM   827  C CA  . THR A 1 126 ? 0.025   3.147   -9.202  1.00 19.62 ? 105 THR C CA  1 
ATOM   828  C C   . THR A 1 126 ? 0.038   2.145   -8.051  1.00 16.46 ? 105 THR C C   1 
ATOM   829  O O   . THR A 1 126 ? -0.828  1.265   -7.965  1.00 16.43 ? 105 THR C O   1 
ATOM   830  C CB  . THR A 1 126 ? 1.066   2.761   -10.255 1.00 17.79 ? 105 THR C CB  1 
ATOM   831  O OG1 . THR A 1 126 ? 1.100   3.769   -11.259 1.00 18.99 ? 105 THR C OG1 1 
ATOM   832  C CG2 . THR A 1 126 ? 0.698   1.442   -10.918 1.00 17.93 ? 105 THR C CG2 1 
ATOM   833  N N   . GLN A 1 127 ? 1.034   2.248   -7.170  1.00 14.50 ? 106 GLN C N   1 
ATOM   834  C CA  . GLN A 1 127 ? 1.099   1.354   -6.016  1.00 16.92 ? 106 GLN C CA  1 
ATOM   835  C C   . GLN A 1 127 ? -0.156  1.468   -5.154  1.00 15.76 ? 106 GLN C C   1 
ATOM   836  O O   . GLN A 1 127 ? -0.744  0.458   -4.742  1.00 15.18 ? 106 GLN C O   1 
ATOM   837  C CB  . GLN A 1 127 ? 2.348   1.687   -5.207  1.00 15.78 ? 106 GLN C CB  1 
ATOM   838  C CG  . GLN A 1 127 ? 2.525   0.860   -3.960  1.00 14.57 ? 106 GLN C CG  1 
ATOM   839  C CD  . GLN A 1 127 ? 3.856   1.134   -3.327  1.00 12.16 ? 106 GLN C CD  1 
ATOM   840  O OE1 . GLN A 1 127 ? 4.597   1.996   -3.796  1.00 14.46 ? 106 GLN C OE1 1 
ATOM   841  N NE2 . GLN A 1 127 ? 4.190   0.397   -2.279  1.00 14.30 ? 106 GLN C NE2 1 
ATOM   842  N N   . LEU A 1 128 ? -0.587  2.696   -4.896  1.00 16.90 ? 107 LEU C N   1 
ATOM   843  C CA  . LEU A 1 128 ? -1.798  2.941   -4.120  1.00 19.22 ? 107 LEU C CA  1 
ATOM   844  C C   . LEU A 1 128 ? -3.021  2.350   -4.805  1.00 18.57 ? 107 LEU C C   1 
ATOM   845  O O   . LEU A 1 128 ? -3.873  1.730   -4.153  1.00 15.93 ? 107 LEU C O   1 
ATOM   846  C CB  . LEU A 1 128 ? -1.966  4.450   -3.927  1.00 17.92 ? 107 LEU C CB  1 
ATOM   847  C CG  . LEU A 1 128 ? -2.983  4.972   -2.925  1.00 22.64 ? 107 LEU C CG  1 
ATOM   848  C CD1 . LEU A 1 128 ? -2.656  4.424   -1.520  1.00 20.24 ? 107 LEU C CD1 1 
ATOM   849  C CD2 . LEU A 1 128 ? -2.956  6.492   -2.948  1.00 18.93 ? 107 LEU C CD2 1 
ATOM   850  N N   . GLU A 1 129 ? -3.122  2.531   -6.127  1.00 16.36 ? 108 GLU C N   1 
ATOM   851  C CA  . GLU A 1 129 ? -4.248  1.967   -6.872  1.00 20.00 ? 108 GLU C CA  1 
ATOM   852  C C   . GLU A 1 129 ? -4.218  0.439   -6.848  1.00 21.62 ? 108 GLU C C   1 
ATOM   853  O O   . GLU A 1 129 ? -5.263  -0.208  -6.717  1.00 20.67 ? 108 GLU C O   1 
ATOM   854  C CB  . GLU A 1 129 ? -4.236  2.511   -8.310  1.00 24.11 ? 108 GLU C CB  1 
ATOM   855  C CG  . GLU A 1 129 ? -5.125  1.764   -9.341  1.00 28.69 ? 108 GLU C CG  1 
ATOM   856  C CD  . GLU A 1 129 ? -4.884  2.219   -10.809 1.00 35.29 ? 108 GLU C CD  1 
ATOM   857  O OE1 . GLU A 1 129 ? -3.742  2.613   -11.164 1.00 37.19 ? 108 GLU C OE1 1 
ATOM   858  O OE2 . GLU A 1 129 ? -5.834  2.167   -11.618 1.00 32.55 ? 108 GLU C OE2 1 
ATOM   859  N N   . MET A 1 130 ? -3.028  -0.163  -6.940  1.00 16.11 ? 109 MET C N   1 
ATOM   860  C CA  . MET A 1 130 ? -2.938  -1.621  -6.884  1.00 17.13 ? 109 MET C CA  1 
ATOM   861  C C   . MET A 1 130 ? -3.292  -2.151  -5.493  1.00 18.86 ? 109 MET C C   1 
ATOM   862  O O   . MET A 1 130 ? -3.920  -3.208  -5.358  1.00 18.06 ? 109 MET C O   1 
ATOM   863  C CB  . MET A 1 130 ? -1.529  -2.065  -7.287  1.00 15.12 ? 109 MET C CB  1 
ATOM   864  C CG  . MET A 1 130 ? -1.187  -1.876  -8.784  1.00 21.02 ? 109 MET C CG  1 
ATOM   865  S SD  . MET A 1 130 ? -2.272  -2.897  -9.819  1.00 27.24 ? 109 MET C SD  1 
ATOM   866  C CE  . MET A 1 130 ? -1.768  -4.549  -9.324  1.00 28.32 ? 109 MET C CE  1 
ATOM   867  N N   . LEU A 1 131 ? -2.857  -1.456  -4.444  1.00 16.55 ? 110 LEU C N   1 
ATOM   868  C CA  . LEU A 1 131 ? -3.184  -1.881  -3.084  1.00 15.15 ? 110 LEU C CA  1 
ATOM   869  C C   . LEU A 1 131 ? -4.693  -1.872  -2.867  1.00 18.31 ? 110 LEU C C   1 
ATOM   870  O O   . LEU A 1 131 ? -5.271  -2.827  -2.329  1.00 19.41 ? 110 LEU C O   1 
ATOM   871  C CB  . LEU A 1 131 ? -2.495  -0.955  -2.080  1.00 14.32 ? 110 LEU C CB  1 
ATOM   872  C CG  . LEU A 1 131 ? -2.790  -1.209  -0.597  1.00 17.71 ? 110 LEU C CG  1 
ATOM   873  C CD1 . LEU A 1 131 ? -2.180  -2.543  -0.149  1.00 19.30 ? 110 LEU C CD1 1 
ATOM   874  C CD2 . LEU A 1 131 ? -2.257  -0.096  0.248   1.00 15.58 ? 110 LEU C CD2 1 
ATOM   875  N N   . VAL A 1 132 ? -5.346  -0.793  -3.298  1.00 17.86 ? 111 VAL C N   1 
ATOM   876  C CA  . VAL A 1 132 ? -6.774  -0.616  -3.077  1.00 20.92 ? 111 VAL C CA  1 
ATOM   877  C C   . VAL A 1 132 ? -7.575  -1.593  -3.928  1.00 23.29 ? 111 VAL C C   1 
ATOM   878  O O   . VAL A 1 132 ? -8.562  -2.171  -3.465  1.00 24.23 ? 111 VAL C O   1 
ATOM   879  C CB  . VAL A 1 132 ? -7.145  0.855   -3.354  1.00 23.96 ? 111 VAL C CB  1 
ATOM   880  C CG1 . VAL A 1 132 ? -8.650  1.051   -3.415  1.00 30.58 ? 111 VAL C CG1 1 
ATOM   881  C CG2 . VAL A 1 132 ? -6.523  1.740   -2.269  1.00 26.12 ? 111 VAL C CG2 1 
ATOM   882  N N   . GLN A 1 133 ? -7.163  -1.804  -5.180  1.00 20.13 ? 112 GLN C N   1 
ATOM   883  C CA  . GLN A 1 133 ? -7.822  -2.828  -5.978  1.00 23.16 ? 112 GLN C CA  1 
ATOM   884  C C   . GLN A 1 133 ? -7.701  -4.190  -5.307  1.00 26.41 ? 112 GLN C C   1 
ATOM   885  O O   . GLN A 1 133 ? -8.681  -4.938  -5.228  1.00 29.11 ? 112 GLN C O   1 
ATOM   886  C CB  . GLN A 1 133 ? -7.260  -2.849  -7.400  1.00 23.89 ? 112 GLN C CB  1 
ATOM   887  C CG  . GLN A 1 133 ? -7.734  -1.650  -8.229  1.00 30.95 ? 112 GLN C CG  1 
ATOM   888  C CD  . GLN A 1 133 ? -7.180  -1.629  -9.647  1.00 38.30 ? 112 GLN C CD  1 
ATOM   889  O OE1 . GLN A 1 133 ? -6.233  -2.352  -9.979  1.00 41.77 ? 112 GLN C OE1 1 
ATOM   890  N NE2 . GLN A 1 133 ? -7.764  -0.786  -10.489 1.00 39.71 ? 112 GLN C NE2 1 
ATOM   891  N N   . GLY A 1 134 ? -6.524  -4.512  -4.776  1.00 20.17 ? 113 GLY C N   1 
ATOM   892  C CA  . GLY A 1 134 ? -6.410  -5.723  -3.976  1.00 24.71 ? 113 GLY C CA  1 
ATOM   893  C C   . GLY A 1 134 ? -7.360  -5.724  -2.789  1.00 30.76 ? 113 GLY C C   1 
ATOM   894  O O   . GLY A 1 134 ? -8.039  -6.723  -2.521  1.00 26.69 ? 113 GLY C O   1 
ATOM   895  N N   . ALA A 1 135 ? -7.423  -4.597  -2.064  1.00 20.89 ? 114 ALA C N   1 
ATOM   896  C CA  . ALA A 1 135 ? -8.326  -4.482  -0.922  1.00 24.21 ? 114 ALA C CA  1 
ATOM   897  C C   . ALA A 1 135 ? -9.779  -4.654  -1.348  1.00 31.48 ? 114 ALA C C   1 
ATOM   898  O O   . ALA A 1 135 ? -10.549 -5.348  -0.679  1.00 31.07 ? 114 ALA C O   1 
ATOM   899  C CB  . ALA A 1 135 ? -8.131  -3.128  -0.240  1.00 23.17 ? 114 ALA C CB  1 
ATOM   900  N N   . GLU A 1 136 ? -10.176 -4.026  -2.457  1.00 29.38 ? 115 GLU C N   1 
ATOM   901  C CA  . GLU A 1 136 ? -11.550 -4.164  -2.925  1.00 30.97 ? 115 GLU C CA  1 
ATOM   902  C C   . GLU A 1 136 ? -11.863 -5.609  -3.304  1.00 39.00 ? 115 GLU C C   1 
ATOM   903  O O   . GLU A 1 136 ? -12.972 -6.098  -3.046  1.00 44.02 ? 115 GLU C O   1 
ATOM   904  C CB  . GLU A 1 136 ? -11.802 -3.220  -4.099  1.00 27.18 ? 115 GLU C CB  1 
ATOM   905  C CG  . GLU A 1 136 ? -11.843 -1.755  -3.696  1.00 32.76 ? 115 GLU C CG  1 
ATOM   906  C CD  . GLU A 1 136 ? -12.022 -0.814  -4.876  1.00 38.72 ? 115 GLU C CD  1 
ATOM   907  O OE1 . GLU A 1 136 ? -11.882 -1.275  -6.027  1.00 40.04 ? 115 GLU C OE1 1 
ATOM   908  O OE2 . GLU A 1 136 ? -12.312 0.384   -4.653  1.00 40.51 ? 115 GLU C OE2 1 
ATOM   909  N N   . ARG A 1 137 ? -10.895 -6.316  -3.901  1.00 36.18 ? 116 ARG C N   1 
ATOM   910  C CA  . ARG A 1 137 ? -11.120 -7.708  -4.280  1.00 39.14 ? 116 ARG C CA  1 
ATOM   911  C C   . ARG A 1 137 ? -11.414 -8.566  -3.061  1.00 45.45 ? 116 ARG C C   1 
ATOM   912  O O   . ARG A 1 137 ? -12.276 -9.450  -3.107  1.00 49.14 ? 116 ARG C O   1 
ATOM   913  C CB  . ARG A 1 137 ? -9.907  -8.274  -5.028  1.00 41.48 ? 116 ARG C CB  1 
ATOM   914  C CG  . ARG A 1 137 ? -9.716  -7.775  -6.458  1.00 39.99 ? 116 ARG C CG  1 
ATOM   915  C CD  . ARG A 1 137 ? -8.657  -8.608  -7.229  1.00 44.77 ? 116 ARG C CD  1 
ATOM   916  N NE  . ARG A 1 137 ? -7.335  -8.634  -6.584  1.00 43.17 ? 116 ARG C NE  1 
ATOM   917  C CZ  . ARG A 1 137 ? -6.323  -7.812  -6.882  1.00 42.16 ? 116 ARG C CZ  1 
ATOM   918  N NH1 . ARG A 1 137 ? -6.466  -6.889  -7.828  1.00 42.55 ? 116 ARG C NH1 1 
ATOM   919  N NH2 . ARG A 1 137 ? -5.160  -7.912  -6.238  1.00 31.79 ? 116 ARG C NH2 1 
ATOM   920  N N   . LEU A 1 138 ? -10.710 -8.316  -1.958  1.00 42.94 ? 117 LEU C N   1 
ATOM   921  C CA  . LEU A 1 138 ? -10.896 -9.128  -0.763  1.00 47.21 ? 117 LEU C CA  1 
ATOM   922  C C   . LEU A 1 138 ? -12.320 -9.068  -0.213  1.00 51.79 ? 117 LEU C C   1 
ATOM   923  O O   . LEU A 1 138 ? -12.654 -9.860  0.675   1.00 56.98 ? 117 LEU C O   1 
ATOM   924  C CB  . LEU A 1 138 ? -9.904  -8.690  0.314   1.00 43.47 ? 117 LEU C CB  1 
ATOM   925  C CG  . LEU A 1 138 ? -8.440  -8.947  -0.022  1.00 37.57 ? 117 LEU C CG  1 
ATOM   926  C CD1 . LEU A 1 138 ? -7.577  -8.746  1.203   1.00 33.58 ? 117 LEU C CD1 1 
ATOM   927  C CD2 . LEU A 1 138 ? -8.283  -10.346 -0.561  1.00 43.98 ? 117 LEU C CD2 1 
ATOM   928  N N   . GLN A 1 139 ? -13.157 -8.155  -0.693  1.00 50.22 ? 118 GLN C N   1 
ATOM   929  C CA  . GLN A 1 139 ? -14.474 -7.973  -0.095  1.00 55.69 ? 118 GLN C CA  1 
ATOM   930  C C   . GLN A 1 139 ? -15.622 -8.388  -1.021  1.00 58.25 ? 118 GLN C C   1 
ATOM   931  O O   . GLN A 1 139 ? -15.510 -9.324  -1.818  1.00 56.96 ? 118 GLN C O   1 
ATOM   932  C CB  . GLN A 1 139 ? -14.671 -6.508  0.327   1.00 54.99 ? 118 GLN C CB  1 
ATOM   933  C CG  . GLN A 1 139 ? -14.186 -6.153  1.724   1.00 58.57 ? 118 GLN C CG  1 
ATOM   934  C CD  . GLN A 1 139 ? -12.672 -6.132  1.868   1.00 59.46 ? 118 GLN C CD  1 
ATOM   935  O OE1 . GLN A 1 139 ? -12.020 -5.092  1.738   1.00 50.39 ? 118 GLN C OE1 1 
ATOM   936  N NE2 . GLN A 1 139 ? -12.114 -7.305  2.178   1.00 56.83 ? 118 GLN C NE2 1 
HETATM 937  O O   . HOH B 2 .   ? -16.688 -14.354 2.945   1.00 74.65 ? 201 HOH C O   1 
HETATM 938  O O   . HOH B 2 .   ? 3.703   17.112  -9.535  1.00 42.97 ? 202 HOH C O   1 
HETATM 939  O O   . HOH B 2 .   ? -5.680  -4.671  -9.739  1.00 35.01 ? 203 HOH C O   1 
HETATM 940  O O   . HOH B 2 .   ? 16.871  0.327   -4.040  1.00 38.52 ? 204 HOH C O   1 
HETATM 941  O O   . HOH B 2 .   ? 15.630  2.086   -3.944  1.00 34.00 ? 205 HOH C O   1 
HETATM 942  O O   . HOH B 2 .   ? -6.603  -0.476  -12.672 1.00 34.48 ? 206 HOH C O   1 
HETATM 943  O O   . HOH B 2 .   ? -2.860  16.755  2.888   1.00 21.75 ? 207 HOH C O   1 
HETATM 944  O O   . HOH B 2 .   ? 10.552  -3.619  -3.717  1.00 25.11 ? 208 HOH C O   1 
HETATM 945  O O   . HOH B 2 .   ? 1.146   -1.782  -11.747 1.00 34.47 ? 209 HOH C O   1 
HETATM 946  O O   . HOH B 2 .   ? 4.289   -5.746  -3.635  1.00 19.29 ? 210 HOH C O   1 
HETATM 947  O O   . HOH B 2 .   ? 4.520   22.626  2.488   1.00 40.20 ? 211 HOH C O   1 
HETATM 948  O O   . HOH B 2 .   ? 9.173   -3.861  3.981   1.00 18.32 ? 212 HOH C O   1 
HETATM 949  O O   . HOH B 2 .   ? -16.719 -0.091  3.420   1.00 38.23 ? 213 HOH C O   1 
HETATM 950  O O   . HOH B 2 .   ? 2.215   -11.087 12.193  1.00 41.36 ? 214 HOH C O   1 
HETATM 951  O O   . HOH B 2 .   ? -0.617  5.339   -12.469 1.00 23.65 ? 215 HOH C O   1 
HETATM 952  O O   . HOH B 2 .   ? -7.674  12.573  -2.925  1.00 32.54 ? 216 HOH C O   1 
HETATM 953  O O   . HOH B 2 .   ? 6.075   2.915   -11.931 1.00 29.73 ? 217 HOH C O   1 
HETATM 954  O O   . HOH B 2 .   ? 7.094   19.665  2.291   1.00 31.93 ? 218 HOH C O   1 
HETATM 955  O O   . HOH B 2 .   ? 11.178  12.214  5.178   1.00 33.41 ? 219 HOH C O   1 
HETATM 956  O O   . HOH B 2 .   ? -8.832  -0.882  4.710   1.00 26.65 ? 220 HOH C O   1 
HETATM 957  O O   . HOH B 2 .   ? 16.482  -0.929  -0.394  1.00 31.12 ? 221 HOH C O   1 
HETATM 958  O O   . HOH B 2 .   ? -1.371  19.222  -4.064  1.00 29.79 ? 222 HOH C O   1 
HETATM 959  O O   . HOH B 2 .   ? 7.425   -5.850  -4.493  1.00 27.84 ? 223 HOH C O   1 
HETATM 960  O O   . HOH B 2 .   ? -6.026  0.695   7.197   1.00 21.50 ? 224 HOH C O   1 
HETATM 961  O O   . HOH B 2 .   ? 2.952   8.848   -7.549  1.00 18.74 ? 225 HOH C O   1 
HETATM 962  O O   . HOH B 2 .   ? 5.280   9.687   -6.280  1.00 25.95 ? 226 HOH C O   1 
HETATM 963  O O   . HOH B 2 .   ? 3.237   -9.445  -5.016  1.00 23.79 ? 227 HOH C O   1 
HETATM 964  O O   . HOH B 2 .   ? -4.054  -5.300  -7.178  1.00 24.60 ? 228 HOH C O   1 
HETATM 965  O O   . HOH B 2 .   ? 9.695   1.298   -8.233  1.00 30.02 ? 229 HOH C O   1 
HETATM 966  O O   . HOH B 2 .   ? 8.105   2.795   9.234   1.00 32.80 ? 230 HOH C O   1 
HETATM 967  O O   . HOH B 2 .   ? 8.916   -4.696  9.787   1.00 26.74 ? 231 HOH C O   1 
HETATM 968  O O   . HOH B 2 .   ? 12.882  7.554   -8.222  1.00 41.58 ? 232 HOH C O   1 
HETATM 969  O O   . HOH B 2 .   ? 9.535   -5.717  -2.449  1.00 22.03 ? 233 HOH C O   1 
HETATM 970  O O   . HOH B 2 .   ? 3.235   -10.293 -7.863  1.00 16.53 ? 234 HOH C O   1 
HETATM 971  O O   . HOH B 2 .   ? 13.797  9.287   1.844   1.00 32.50 ? 235 HOH C O   1 
HETATM 972  O O   . HOH B 2 .   ? -6.771  11.339  -0.663  1.00 33.75 ? 236 HOH C O   1 
HETATM 973  O O   . HOH B 2 .   ? -9.562  1.324   5.792   1.00 24.18 ? 237 HOH C O   1 
HETATM 974  O O   . HOH B 2 .   ? 7.630   19.012  -0.417  1.00 34.58 ? 238 HOH C O   1 
HETATM 975  O O   . HOH B 2 .   ? -3.734  -9.930  -3.393  1.00 41.91 ? 239 HOH C O   1 
HETATM 976  O O   . HOH B 2 .   ? 3.493   15.041  6.967   1.00 28.81 ? 240 HOH C O   1 
HETATM 977  O O   . HOH B 2 .   ? 1.412   23.792  5.118   1.00 41.80 ? 241 HOH C O   1 
HETATM 978  O O   . HOH B 2 .   ? -3.812  18.704  -7.872  1.00 43.15 ? 242 HOH C O   1 
HETATM 979  O O   . HOH B 2 .   ? 3.757   3.475   -12.476 1.00 27.61 ? 243 HOH C O   1 
HETATM 980  O O   . HOH B 2 .   ? -1.497  -8.603  -10.607 1.00 26.47 ? 244 HOH C O   1 
HETATM 981  O O   . HOH B 2 .   ? -13.404 2.117   -2.171  1.00 33.09 ? 245 HOH C O   1 
HETATM 982  O O   . HOH B 2 .   ? 7.117   1.657   -15.404 1.00 21.47 ? 246 HOH C O   1 
HETATM 983  O O   . HOH B 2 .   ? 12.223  8.032   5.656   1.00 38.26 ? 247 HOH C O   1 
HETATM 984  O O   . HOH B 2 .   ? 13.537  -2.149  -9.832  1.00 36.12 ? 248 HOH C O   1 
HETATM 985  O O   . HOH B 2 .   ? 5.893   -5.022  -11.953 1.00 28.06 ? 249 HOH C O   1 
HETATM 986  O O   . HOH B 2 .   ? 14.902  -3.165  -4.802  1.00 30.71 ? 250 HOH C O   1 
HETATM 987  O O   . HOH B 2 .   ? -6.184  11.600  2.499   1.00 21.22 ? 251 HOH C O   1 
HETATM 988  O O   . HOH B 2 .   ? -10.148 -2.324  9.093   1.00 35.06 ? 252 HOH C O   1 
HETATM 989  O O   . HOH B 2 .   ? 14.322  10.808  -5.354  1.00 46.06 ? 253 HOH C O   1 
HETATM 990  O O   . HOH B 2 .   ? 3.732   7.868   12.000  1.00 33.85 ? 254 HOH C O   1 
HETATM 991  O O   . HOH B 2 .   ? -3.746  12.676  3.492   1.00 28.76 ? 255 HOH C O   1 
HETATM 992  O O   . HOH B 2 .   ? 12.576  12.425  2.729   1.00 41.12 ? 256 HOH C O   1 
HETATM 993  O O   . HOH B 2 .   ? 14.894  -0.659  -9.050  1.00 45.02 ? 257 HOH C O   1 
HETATM 994  O O   . HOH B 2 .   ? 16.069  3.838   -12.350 1.00 55.42 ? 258 HOH C O   1 
HETATM 995  O O   . HOH B 2 .   ? -6.100  2.289   9.807   1.00 36.97 ? 259 HOH C O   1 
HETATM 996  O O   . HOH B 2 .   ? -10.812 9.002   -3.031  1.00 37.96 ? 260 HOH C O   1 
HETATM 997  O O   . HOH B 2 .   ? -0.077  22.487  -0.856  1.00 33.41 ? 261 HOH C O   1 
HETATM 998  O O   . HOH B 2 .   ? 12.050  -2.399  -13.820 1.00 37.33 ? 262 HOH C O   1 
HETATM 999  O O   . HOH B 2 .   ? 1.303   -11.210 -4.563  1.00 36.38 ? 263 HOH C O   1 
HETATM 1000 O O   . HOH B 2 .   ? 7.598   10.325  -7.956  1.00 47.68 ? 264 HOH C O   1 
HETATM 1001 O O   . HOH B 2 .   ? 8.236   -9.274  -2.332  1.00 33.71 ? 265 HOH C O   1 
HETATM 1002 O O   . HOH B 2 .   ? 10.382  -1.351  -9.716  1.00 39.16 ? 266 HOH C O   1 
HETATM 1003 O O   . HOH B 2 .   ? -7.029  7.508   6.031   1.00 38.49 ? 267 HOH C O   1 
HETATM 1004 O O   . HOH B 2 .   ? -0.750  -1.088  -12.929 1.00 36.89 ? 268 HOH C O   1 
HETATM 1005 O O   . HOH B 2 .   ? 12.252  9.939   -5.805  1.00 36.39 ? 269 HOH C O   1 
HETATM 1006 O O   . HOH B 2 .   ? 16.975  5.304   -3.559  1.00 45.76 ? 270 HOH C O   1 
HETATM 1007 O O   . HOH B 2 .   ? 19.188  0.876   -1.138  1.00 38.82 ? 271 HOH C O   1 
HETATM 1008 O O   . HOH B 2 .   ? -10.850 5.917   7.412   1.00 28.91 ? 272 HOH C O   1 
HETATM 1009 O O   . HOH B 2 .   ? 8.711   4.830   11.253  1.00 37.82 ? 273 HOH C O   1 
HETATM 1010 O O   . HOH B 2 .   ? 2.750   23.525  -1.466  1.00 39.04 ? 274 HOH C O   1 
HETATM 1011 O O   . HOH B 2 .   ? -10.367 8.720   -5.776  1.00 53.82 ? 275 HOH C O   1 
# 
loop_
_pdbx_poly_seq_scheme.asym_id 
_pdbx_poly_seq_scheme.entity_id 
_pdbx_poly_seq_scheme.seq_id 
_pdbx_poly_seq_scheme.mon_id 
_pdbx_poly_seq_scheme.ndb_seq_num 
_pdbx_poly_seq_scheme.pdb_seq_num 
_pdbx_poly_seq_scheme.auth_seq_num 
_pdbx_poly_seq_scheme.pdb_mon_id 
_pdbx_poly_seq_scheme.auth_mon_id 
_pdbx_poly_seq_scheme.pdb_strand_id 
_pdbx_poly_seq_scheme.pdb_ins_code 
_pdbx_poly_seq_scheme.hetero 
A 1 1   MET 1   -20 ?   ?   ?   C . n 
A 1 2   GLY 2   -19 ?   ?   ?   C . n 
A 1 3   SER 3   -18 ?   ?   ?   C . n 
A 1 4   SER 4   -17 ?   ?   ?   C . n 
A 1 5   HIS 5   -16 ?   ?   ?   C . n 
A 1 6   HIS 6   -15 ?   ?   ?   C . n 
A 1 7   HIS 7   -14 ?   ?   ?   C . n 
A 1 8   HIS 8   -13 ?   ?   ?   C . n 
A 1 9   HIS 9   -12 ?   ?   ?   C . n 
A 1 10  HIS 10  -11 ?   ?   ?   C . n 
A 1 11  SER 11  -10 ?   ?   ?   C . n 
A 1 12  SER 12  -9  ?   ?   ?   C . n 
A 1 13  GLY 13  -8  ?   ?   ?   C . n 
A 1 14  LEU 14  -7  ?   ?   ?   C . n 
A 1 15  VAL 15  -6  ?   ?   ?   C . n 
A 1 16  PRO 16  -5  ?   ?   ?   C . n 
A 1 17  ARG 17  -4  ?   ?   ?   C . n 
A 1 18  GLY 18  -3  ?   ?   ?   C . n 
A 1 19  GLY 19  -2  ?   ?   ?   C . n 
A 1 20  SER 20  -1  ?   ?   ?   C . n 
A 1 21  HIS 21  0   ?   ?   ?   C . n 
A 1 22  MET 22  1   ?   ?   ?   C . n 
A 1 23  TYR 23  2   2   TYR TYR C . n 
A 1 24  SER 24  3   3   SER SER C . n 
A 1 25  PHE 25  4   4   PHE PHE C . n 
A 1 26  GLU 26  5   5   GLU GLU C . n 
A 1 27  GLN 27  6   6   GLN GLN C . n 
A 1 28  ALA 28  7   7   ALA ALA C . n 
A 1 29  ILE 29  8   8   ILE ILE C . n 
A 1 30  THR 30  9   9   THR THR C . n 
A 1 31  GLN 31  10  10  GLN GLN C . n 
A 1 32  LEU 32  11  11  LEU LEU C . n 
A 1 33  PHE 33  12  12  PHE PHE C . n 
A 1 34  GLN 34  13  13  GLN GLN C . n 
A 1 35  GLN 35  14  14  GLN GLN C . n 
A 1 36  LEU 36  15  15  LEU LEU C . n 
A 1 37  SER 37  16  16  SER SER C . n 
A 1 38  LEU 38  17  17  LEU LEU C . n 
A 1 39  SER 39  18  18  SER SER C . n 
A 1 40  ILE 40  19  19  ILE ILE C . n 
A 1 41  PRO 41  20  20  PRO PRO C . n 
A 1 42  ASP 42  21  21  ASP ASP C . n 
A 1 43  THR 43  22  22  THR THR C . n 
A 1 44  ILE 44  23  23  ILE ILE C . n 
A 1 45  GLU 45  24  24  GLU GLU C . n 
A 1 46  PRO 46  25  25  PRO PRO C . n 
A 1 47  VAL 47  26  26  VAL VAL C . n 
A 1 48  ILE 48  27  27  ILE ILE C . n 
A 1 49  GLY 49  28  28  GLY GLY C . n 
A 1 50  VAL 50  29  29  VAL VAL C . n 
A 1 51  LYS 51  30  30  LYS LYS C . n 
A 1 52  VAL 52  31  31  VAL VAL C . n 
A 1 53  GLY 53  32  32  GLY GLY C . n 
A 1 54  GLU 54  33  33  GLU GLU C . n 
A 1 55  PHE 55  34  34  PHE PHE C . n 
A 1 56  ALA 56  35  35  ALA ALA C . n 
A 1 57  CYS 57  36  36  CYS CYS C . n 
A 1 58  HIS 58  37  37  HIS HIS C . n 
A 1 59  ILE 59  38  38  ILE ILE C . n 
A 1 60  THR 60  39  39  THR THR C . n 
A 1 61  GLU 61  40  40  GLU GLU C . n 
A 1 62  HIS 62  41  41  HIS HIS C . n 
A 1 63  PRO 63  42  42  PRO PRO C . n 
A 1 64  VAL 64  43  43  VAL VAL C . n 
A 1 65  GLY 65  44  44  GLY GLY C . n 
A 1 66  GLN 66  45  45  GLN GLN C . n 
A 1 67  ILE 67  46  46  ILE ILE C . n 
A 1 68  LEU 68  47  47  LEU LEU C . n 
A 1 69  MET 69  48  48  MET MET C . n 
A 1 70  PHE 70  49  49  PHE PHE C . n 
A 1 71  THR 71  50  50  THR THR C . n 
A 1 72  LEU 72  51  51  LEU LEU C . n 
A 1 73  PRO 73  52  52  PRO PRO C . n 
A 1 74  SER 74  53  53  SER SER C . n 
A 1 75  LEU 75  54  54  LEU LEU C . n 
A 1 76  ASP 76  55  55  ASP ASP C . n 
A 1 77  ASN 77  56  56  ASN ASN C . n 
A 1 78  ASN 78  57  57  ASN ASN C . n 
A 1 79  ASN 79  58  58  ASN ASN C . n 
A 1 80  GLU 80  59  59  GLU GLU C . n 
A 1 81  LYS 81  60  60  LYS LYS C . n 
A 1 82  GLU 82  61  61  GLU GLU C . n 
A 1 83  THR 83  62  62  THR THR C . n 
A 1 84  LEU 84  63  63  LEU LEU C . n 
A 1 85  LEU 85  64  64  LEU LEU C . n 
A 1 86  SER 86  65  65  SER SER C . n 
A 1 87  HIS 87  66  66  HIS HIS C . n 
A 1 88  ASN 88  67  67  ASN ASN C . n 
A 1 89  ILE 89  68  68  ILE ILE C . n 
A 1 90  PHE 90  69  69  PHE PHE C . n 
A 1 91  SER 91  70  70  SER SER C . n 
A 1 92  GLN 92  71  71  GLN GLN C . n 
A 1 93  ASP 93  72  72  ASP ASP C . n 
A 1 94  ILE 94  73  73  ILE ILE C . n 
A 1 95  LEU 95  74  74  LEU LEU C . n 
A 1 96  LYS 96  75  75  LYS LYS C . n 
A 1 97  PRO 97  76  76  PRO PRO C . n 
A 1 98  ILE 98  77  77  ILE ILE C . n 
A 1 99  LEU 99  78  78  LEU LEU C . n 
A 1 100 SER 100 79  79  SER SER C . n 
A 1 101 TRP 101 80  80  TRP TRP C . n 
A 1 102 ASP 102 81  81  ASP ASP C . n 
A 1 103 GLU 103 82  82  GLU GLU C . n 
A 1 104 VAL 104 83  83  VAL VAL C . n 
A 1 105 GLY 105 84  84  GLY GLY C . n 
A 1 106 GLY 106 85  85  GLY GLY C . n 
A 1 107 HIS 107 86  86  HIS HIS C . n 
A 1 108 PRO 108 87  87  PRO PRO C . n 
A 1 109 VAL 109 88  88  VAL VAL C . n 
A 1 110 LEU 110 89  89  LEU LEU C . n 
A 1 111 TRP 111 90  90  TRP TRP C . n 
A 1 112 ASN 112 91  91  ASN ASN C . n 
A 1 113 ARG 113 92  92  ARG ARG C . n 
A 1 114 GLN 114 93  93  GLN GLN C . n 
A 1 115 PRO 115 94  94  PRO PRO C . n 
A 1 116 LEU 116 95  95  LEU LEU C . n 
A 1 117 ASN 117 96  96  ASN ASN C . n 
A 1 118 ASN 118 97  97  ASN ASN C . n 
A 1 119 LEU 119 98  98  LEU LEU C . n 
A 1 120 ASP 120 99  99  ASP ASP C . n 
A 1 121 ASN 121 100 100 ASN ASN C . n 
A 1 122 ASN 122 101 101 ASN ASN C . n 
A 1 123 SER 123 102 102 SER SER C . n 
A 1 124 LEU 124 103 103 LEU LEU C . n 
A 1 125 TYR 125 104 104 TYR TYR C . n 
A 1 126 THR 126 105 105 THR THR C . n 
A 1 127 GLN 127 106 106 GLN GLN C . n 
A 1 128 LEU 128 107 107 LEU LEU C . n 
A 1 129 GLU 129 108 108 GLU GLU C . n 
A 1 130 MET 130 109 109 MET MET C . n 
A 1 131 LEU 131 110 110 LEU LEU C . n 
A 1 132 VAL 132 111 111 VAL VAL C . n 
A 1 133 GLN 133 112 112 GLN GLN C . n 
A 1 134 GLY 134 113 113 GLY GLY C . n 
A 1 135 ALA 135 114 114 ALA ALA C . n 
A 1 136 GLU 136 115 115 GLU GLU C . n 
A 1 137 ARG 137 116 116 ARG ARG C . n 
A 1 138 LEU 138 117 117 LEU LEU C . n 
A 1 139 GLN 139 118 118 GLN GLN C . n 
A 1 140 THR 140 119 ?   ?   ?   C . n 
A 1 141 SER 141 120 ?   ?   ?   C . n 
A 1 142 SER 142 121 ?   ?   ?   C . n 
A 1 143 LEU 143 122 ?   ?   ?   C . n 
A 1 144 ILE 144 123 ?   ?   ?   C . n 
A 1 145 SER 145 124 ?   ?   ?   C . n 
A 1 146 PRO 146 125 ?   ?   ?   C . n 
A 1 147 PRO 147 126 ?   ?   ?   C . n 
A 1 148 ARG 148 127 ?   ?   ?   C . n 
A 1 149 SER 149 128 ?   ?   ?   C . n 
A 1 150 PHE 150 129 ?   ?   ?   C . n 
A 1 151 SER 151 130 ?   ?   ?   C . n 
# 
loop_
_pdbx_nonpoly_scheme.asym_id 
_pdbx_nonpoly_scheme.entity_id 
_pdbx_nonpoly_scheme.mon_id 
_pdbx_nonpoly_scheme.ndb_seq_num 
_pdbx_nonpoly_scheme.pdb_seq_num 
_pdbx_nonpoly_scheme.auth_seq_num 
_pdbx_nonpoly_scheme.pdb_mon_id 
_pdbx_nonpoly_scheme.auth_mon_id 
_pdbx_nonpoly_scheme.pdb_strand_id 
_pdbx_nonpoly_scheme.pdb_ins_code 
B 2 HOH 1  201 72 HOH HOH C . 
B 2 HOH 2  202 63 HOH HOH C . 
B 2 HOH 3  203 25 HOH HOH C . 
B 2 HOH 4  204 62 HOH HOH C . 
B 2 HOH 5  205 61 HOH HOH C . 
B 2 HOH 6  206 22 HOH HOH C . 
B 2 HOH 7  207 7  HOH HOH C . 
B 2 HOH 8  208 9  HOH HOH C . 
B 2 HOH 9  209 38 HOH HOH C . 
B 2 HOH 10 210 13 HOH HOH C . 
B 2 HOH 11 211 64 HOH HOH C . 
B 2 HOH 12 212 3  HOH HOH C . 
B 2 HOH 13 213 44 HOH HOH C . 
B 2 HOH 14 214 41 HOH HOH C . 
B 2 HOH 15 215 12 HOH HOH C . 
B 2 HOH 16 216 37 HOH HOH C . 
B 2 HOH 17 217 40 HOH HOH C . 
B 2 HOH 18 218 30 HOH HOH C . 
B 2 HOH 19 219 23 HOH HOH C . 
B 2 HOH 20 220 18 HOH HOH C . 
B 2 HOH 21 221 54 HOH HOH C . 
B 2 HOH 22 222 27 HOH HOH C . 
B 2 HOH 23 223 33 HOH HOH C . 
B 2 HOH 24 224 5  HOH HOH C . 
B 2 HOH 25 225 1  HOH HOH C . 
B 2 HOH 26 226 35 HOH HOH C . 
B 2 HOH 27 227 16 HOH HOH C . 
B 2 HOH 28 228 2  HOH HOH C . 
B 2 HOH 29 229 8  HOH HOH C . 
B 2 HOH 30 230 29 HOH HOH C . 
B 2 HOH 31 231 28 HOH HOH C . 
B 2 HOH 32 232 24 HOH HOH C . 
B 2 HOH 33 233 20 HOH HOH C . 
B 2 HOH 34 234 4  HOH HOH C . 
B 2 HOH 35 235 15 HOH HOH C . 
B 2 HOH 36 236 49 HOH HOH C . 
B 2 HOH 37 237 11 HOH HOH C . 
B 2 HOH 38 238 43 HOH HOH C . 
B 2 HOH 39 239 73 HOH HOH C . 
B 2 HOH 40 240 60 HOH HOH C . 
B 2 HOH 41 241 21 HOH HOH C . 
B 2 HOH 42 242 59 HOH HOH C . 
B 2 HOH 43 243 34 HOH HOH C . 
B 2 HOH 44 244 14 HOH HOH C . 
B 2 HOH 45 245 17 HOH HOH C . 
B 2 HOH 46 246 10 HOH HOH C . 
B 2 HOH 47 247 56 HOH HOH C . 
B 2 HOH 48 248 19 HOH HOH C . 
B 2 HOH 49 249 52 HOH HOH C . 
B 2 HOH 50 250 26 HOH HOH C . 
B 2 HOH 51 251 6  HOH HOH C . 
B 2 HOH 52 252 67 HOH HOH C . 
B 2 HOH 53 253 46 HOH HOH C . 
B 2 HOH 54 254 65 HOH HOH C . 
B 2 HOH 55 255 47 HOH HOH C . 
B 2 HOH 56 256 42 HOH HOH C . 
B 2 HOH 57 257 66 HOH HOH C . 
B 2 HOH 58 258 74 HOH HOH C . 
B 2 HOH 59 259 39 HOH HOH C . 
B 2 HOH 60 260 57 HOH HOH C . 
B 2 HOH 61 261 45 HOH HOH C . 
B 2 HOH 62 262 58 HOH HOH C . 
B 2 HOH 63 263 71 HOH HOH C . 
B 2 HOH 64 264 68 HOH HOH C . 
B 2 HOH 65 265 31 HOH HOH C . 
B 2 HOH 66 266 36 HOH HOH C . 
B 2 HOH 67 267 50 HOH HOH C . 
B 2 HOH 68 268 53 HOH HOH C . 
B 2 HOH 69 269 51 HOH HOH C . 
B 2 HOH 70 270 75 HOH HOH C . 
B 2 HOH 71 271 55 HOH HOH C . 
B 2 HOH 72 272 70 HOH HOH C . 
B 2 HOH 73 273 32 HOH HOH C . 
B 2 HOH 74 274 48 HOH HOH C . 
B 2 HOH 75 275 69 HOH HOH C . 
# 
_pdbx_struct_assembly.id                   1 
_pdbx_struct_assembly.details              author_and_software_defined_assembly 
_pdbx_struct_assembly.method_details       PISA 
_pdbx_struct_assembly.oligomeric_details   dimeric 
_pdbx_struct_assembly.oligomeric_count     2 
# 
_pdbx_struct_assembly_gen.assembly_id       1 
_pdbx_struct_assembly_gen.oper_expression   1,2 
_pdbx_struct_assembly_gen.asym_id_list      A,B 
# 
loop_
_pdbx_struct_assembly_prop.biol_id 
_pdbx_struct_assembly_prop.type 
_pdbx_struct_assembly_prop.value 
_pdbx_struct_assembly_prop.details 
1 'ABSA (A^2)' 2810  ? 
1 MORE         -19   ? 
1 'SSA (A^2)'  11580 ? 
# 
loop_
_pdbx_struct_oper_list.id 
_pdbx_struct_oper_list.type 
_pdbx_struct_oper_list.name 
_pdbx_struct_oper_list.symmetry_operation 
_pdbx_struct_oper_list.matrix[1][1] 
_pdbx_struct_oper_list.matrix[1][2] 
_pdbx_struct_oper_list.matrix[1][3] 
_pdbx_struct_oper_list.vector[1] 
_pdbx_struct_oper_list.matrix[2][1] 
_pdbx_struct_oper_list.matrix[2][2] 
_pdbx_struct_oper_list.matrix[2][3] 
_pdbx_struct_oper_list.vector[2] 
_pdbx_struct_oper_list.matrix[3][1] 
_pdbx_struct_oper_list.matrix[3][2] 
_pdbx_struct_oper_list.matrix[3][3] 
_pdbx_struct_oper_list.vector[3] 
1 'identity operation'         1_555 x,y,z        1.0000000000  0.0000000000 0.0000000000  0.0000000000  0.0000000000 1.0000000000  0.0000000000  0.0000000000   0.0000000000  0.0000000000  1.0000000000  0.0000000000  
2 'crystal symmetry operation' 8_554 -y,-x,-z-1/2 -0.1072064182 0.7828960547 -0.6128462707 13.0935552645 0.7828960547 -0.3134737470 -0.5374085760 -18.1679625940 -0.6128462707 -0.5374085760 -0.5793198348 -4.1344530501 
# 
loop_
_pdbx_audit_revision_history.ordinal 
_pdbx_audit_revision_history.data_content_type 
_pdbx_audit_revision_history.major_revision 
_pdbx_audit_revision_history.minor_revision 
_pdbx_audit_revision_history.revision_date 
1 'Structure model' 1 0 2022-05-25 
2 'Structure model' 1 1 2023-11-29 
# 
_pdbx_audit_revision_details.ordinal             1 
_pdbx_audit_revision_details.revision_ordinal    1 
_pdbx_audit_revision_details.data_content_type   'Structure model' 
_pdbx_audit_revision_details.provider            repository 
_pdbx_audit_revision_details.type                'Initial release' 
_pdbx_audit_revision_details.description         ? 
_pdbx_audit_revision_details.details             ? 
# 
loop_
_pdbx_audit_revision_group.ordinal 
_pdbx_audit_revision_group.revision_ordinal 
_pdbx_audit_revision_group.data_content_type 
_pdbx_audit_revision_group.group 
1 2 'Structure model' 'Data collection'        
2 2 'Structure model' 'Refinement description' 
# 
loop_
_pdbx_audit_revision_category.ordinal 
_pdbx_audit_revision_category.revision_ordinal 
_pdbx_audit_revision_category.data_content_type 
_pdbx_audit_revision_category.category 
1 2 'Structure model' chem_comp_atom                
2 2 'Structure model' chem_comp_bond                
3 2 'Structure model' pdbx_initial_refinement_model 
# 
loop_
_software.citation_id 
_software.classification 
_software.compiler_name 
_software.compiler_version 
_software.contact_author 
_software.contact_author_email 
_software.date 
_software.description 
_software.dependencies 
_software.hardware 
_software.language 
_software.location 
_software.mods 
_software.name 
_software.os 
_software.os_version 
_software.type 
_software.version 
_software.pdbx_ordinal 
? 'data collection' ? ? ? ? ? ? ? ? ? ? ? 'PROTEUM PLUS' ? ? ? .               1 
? 'data scaling'    ? ? ? ? ? ? ? ? ? ? ? 'PROTEUM PLUS' ? ? ? 1.15.2_3472     2 
? 'data extraction' ? ? ? ? ? ? ? ? ? ? ? PDB_EXTRACT    ? ? ? 3.27            3 
? 'data reduction'  ? ? ? ? ? ? ? ? ? ? ? 'PROTEUM PLUS' ? ? ? .               4 
? refinement        ? ? ? ? ? ? ? ? ? ? ? PHENIX         ? ? ? 1.15.2-3472-000 5 
? phasing           ? ? ? ? ? ? ? ? ? ? ? PHASER         ? ? ? .               6 
# 
loop_
_pdbx_validate_close_contact.id 
_pdbx_validate_close_contact.PDB_model_num 
_pdbx_validate_close_contact.auth_atom_id_1 
_pdbx_validate_close_contact.auth_asym_id_1 
_pdbx_validate_close_contact.auth_comp_id_1 
_pdbx_validate_close_contact.auth_seq_id_1 
_pdbx_validate_close_contact.PDB_ins_code_1 
_pdbx_validate_close_contact.label_alt_id_1 
_pdbx_validate_close_contact.auth_atom_id_2 
_pdbx_validate_close_contact.auth_asym_id_2 
_pdbx_validate_close_contact.auth_comp_id_2 
_pdbx_validate_close_contact.auth_seq_id_2 
_pdbx_validate_close_contact.PDB_ins_code_2 
_pdbx_validate_close_contact.label_alt_id_2 
_pdbx_validate_close_contact.dist 
1 1 OD1 C ASN 57  ? ? O C HOH 201 ? ? 1.88 
2 1 OE1 C GLN 13  ? ? O C HOH 202 ? ? 2.07 
3 1 O   C HOH 204 ? ? O C HOH 205 ? ? 2.15 
4 1 O   C HOH 248 ? ? O C HOH 257 ? ? 2.16 
# 
loop_
_pdbx_validate_symm_contact.id 
_pdbx_validate_symm_contact.PDB_model_num 
_pdbx_validate_symm_contact.auth_atom_id_1 
_pdbx_validate_symm_contact.auth_asym_id_1 
_pdbx_validate_symm_contact.auth_comp_id_1 
_pdbx_validate_symm_contact.auth_seq_id_1 
_pdbx_validate_symm_contact.PDB_ins_code_1 
_pdbx_validate_symm_contact.label_alt_id_1 
_pdbx_validate_symm_contact.site_symmetry_1 
_pdbx_validate_symm_contact.auth_atom_id_2 
_pdbx_validate_symm_contact.auth_asym_id_2 
_pdbx_validate_symm_contact.auth_comp_id_2 
_pdbx_validate_symm_contact.auth_seq_id_2 
_pdbx_validate_symm_contact.PDB_ins_code_2 
_pdbx_validate_symm_contact.label_alt_id_2 
_pdbx_validate_symm_contact.site_symmetry_2 
_pdbx_validate_symm_contact.dist 
1 1 O  C HOH 262 ? ? 1_555 O C HOH 271 ? ? 8_554 1.96 
2 1 O  C HOH 248 ? ? 1_555 O C HOH 250 ? ? 8_554 2.05 
3 1 NZ C LYS 30  ? ? 1_555 O C GLN 71  ? ? 4_445 2.19 
# 
loop_
_pdbx_validate_torsion.id 
_pdbx_validate_torsion.PDB_model_num 
_pdbx_validate_torsion.auth_comp_id 
_pdbx_validate_torsion.auth_asym_id 
_pdbx_validate_torsion.auth_seq_id 
_pdbx_validate_torsion.PDB_ins_code 
_pdbx_validate_torsion.label_alt_id 
_pdbx_validate_torsion.phi 
_pdbx_validate_torsion.psi 
1 1 HIS C 41 ? ? -166.77 113.25  
2 1 PRO C 42 ? ? -68.71  -172.13 
3 1 SER C 53 ? ? -109.06 74.72   
4 1 LEU C 54 ? ? -51.08  171.03  
5 1 ASN C 97 ? ? -97.85  34.34   
# 
loop_
_pdbx_unobs_or_zero_occ_residues.id 
_pdbx_unobs_or_zero_occ_residues.PDB_model_num 
_pdbx_unobs_or_zero_occ_residues.polymer_flag 
_pdbx_unobs_or_zero_occ_residues.occupancy_flag 
_pdbx_unobs_or_zero_occ_residues.auth_asym_id 
_pdbx_unobs_or_zero_occ_residues.auth_comp_id 
_pdbx_unobs_or_zero_occ_residues.auth_seq_id 
_pdbx_unobs_or_zero_occ_residues.PDB_ins_code 
_pdbx_unobs_or_zero_occ_residues.label_asym_id 
_pdbx_unobs_or_zero_occ_residues.label_comp_id 
_pdbx_unobs_or_zero_occ_residues.label_seq_id 
1  1 Y 1 C MET -20 ? A MET 1   
2  1 Y 1 C GLY -19 ? A GLY 2   
3  1 Y 1 C SER -18 ? A SER 3   
4  1 Y 1 C SER -17 ? A SER 4   
5  1 Y 1 C HIS -16 ? A HIS 5   
6  1 Y 1 C HIS -15 ? A HIS 6   
7  1 Y 1 C HIS -14 ? A HIS 7   
8  1 Y 1 C HIS -13 ? A HIS 8   
9  1 Y 1 C HIS -12 ? A HIS 9   
10 1 Y 1 C HIS -11 ? A HIS 10  
11 1 Y 1 C SER -10 ? A SER 11  
12 1 Y 1 C SER -9  ? A SER 12  
13 1 Y 1 C GLY -8  ? A GLY 13  
14 1 Y 1 C LEU -7  ? A LEU 14  
15 1 Y 1 C VAL -6  ? A VAL 15  
16 1 Y 1 C PRO -5  ? A PRO 16  
17 1 Y 1 C ARG -4  ? A ARG 17  
18 1 Y 1 C GLY -3  ? A GLY 18  
19 1 Y 1 C GLY -2  ? A GLY 19  
20 1 Y 1 C SER -1  ? A SER 20  
21 1 Y 1 C HIS 0   ? A HIS 21  
22 1 Y 1 C MET 1   ? A MET 22  
23 1 Y 1 C THR 119 ? A THR 140 
24 1 Y 1 C SER 120 ? A SER 141 
25 1 Y 1 C SER 121 ? A SER 142 
26 1 Y 1 C LEU 122 ? A LEU 143 
27 1 Y 1 C ILE 123 ? A ILE 144 
28 1 Y 1 C SER 124 ? A SER 145 
29 1 Y 1 C PRO 125 ? A PRO 146 
30 1 Y 1 C PRO 126 ? A PRO 147 
31 1 Y 1 C ARG 127 ? A ARG 148 
32 1 Y 1 C SER 128 ? A SER 149 
33 1 Y 1 C PHE 129 ? A PHE 150 
34 1 Y 1 C SER 130 ? A SER 151 
# 
loop_
_chem_comp_atom.comp_id 
_chem_comp_atom.atom_id 
_chem_comp_atom.type_symbol 
_chem_comp_atom.pdbx_aromatic_flag 
_chem_comp_atom.pdbx_stereo_config 
_chem_comp_atom.pdbx_ordinal 
ALA N    N N N 1   
ALA CA   C N S 2   
ALA C    C N N 3   
ALA O    O N N 4   
ALA CB   C N N 5   
ALA OXT  O N N 6   
ALA H    H N N 7   
ALA H2   H N N 8   
ALA HA   H N N 9   
ALA HB1  H N N 10  
ALA HB2  H N N 11  
ALA HB3  H N N 12  
ALA HXT  H N N 13  
ARG N    N N N 14  
ARG CA   C N S 15  
ARG C    C N N 16  
ARG O    O N N 17  
ARG CB   C N N 18  
ARG CG   C N N 19  
ARG CD   C N N 20  
ARG NE   N N N 21  
ARG CZ   C N N 22  
ARG NH1  N N N 23  
ARG NH2  N N N 24  
ARG OXT  O N N 25  
ARG H    H N N 26  
ARG H2   H N N 27  
ARG HA   H N N 28  
ARG HB2  H N N 29  
ARG HB3  H N N 30  
ARG HG2  H N N 31  
ARG HG3  H N N 32  
ARG HD2  H N N 33  
ARG HD3  H N N 34  
ARG HE   H N N 35  
ARG HH11 H N N 36  
ARG HH12 H N N 37  
ARG HH21 H N N 38  
ARG HH22 H N N 39  
ARG HXT  H N N 40  
ASN N    N N N 41  
ASN CA   C N S 42  
ASN C    C N N 43  
ASN O    O N N 44  
ASN CB   C N N 45  
ASN CG   C N N 46  
ASN OD1  O N N 47  
ASN ND2  N N N 48  
ASN OXT  O N N 49  
ASN H    H N N 50  
ASN H2   H N N 51  
ASN HA   H N N 52  
ASN HB2  H N N 53  
ASN HB3  H N N 54  
ASN HD21 H N N 55  
ASN HD22 H N N 56  
ASN HXT  H N N 57  
ASP N    N N N 58  
ASP CA   C N S 59  
ASP C    C N N 60  
ASP O    O N N 61  
ASP CB   C N N 62  
ASP CG   C N N 63  
ASP OD1  O N N 64  
ASP OD2  O N N 65  
ASP OXT  O N N 66  
ASP H    H N N 67  
ASP H2   H N N 68  
ASP HA   H N N 69  
ASP HB2  H N N 70  
ASP HB3  H N N 71  
ASP HD2  H N N 72  
ASP HXT  H N N 73  
CYS N    N N N 74  
CYS CA   C N R 75  
CYS C    C N N 76  
CYS O    O N N 77  
CYS CB   C N N 78  
CYS SG   S N N 79  
CYS OXT  O N N 80  
CYS H    H N N 81  
CYS H2   H N N 82  
CYS HA   H N N 83  
CYS HB2  H N N 84  
CYS HB3  H N N 85  
CYS HG   H N N 86  
CYS HXT  H N N 87  
GLN N    N N N 88  
GLN CA   C N S 89  
GLN C    C N N 90  
GLN O    O N N 91  
GLN CB   C N N 92  
GLN CG   C N N 93  
GLN CD   C N N 94  
GLN OE1  O N N 95  
GLN NE2  N N N 96  
GLN OXT  O N N 97  
GLN H    H N N 98  
GLN H2   H N N 99  
GLN HA   H N N 100 
GLN HB2  H N N 101 
GLN HB3  H N N 102 
GLN HG2  H N N 103 
GLN HG3  H N N 104 
GLN HE21 H N N 105 
GLN HE22 H N N 106 
GLN HXT  H N N 107 
GLU N    N N N 108 
GLU CA   C N S 109 
GLU C    C N N 110 
GLU O    O N N 111 
GLU CB   C N N 112 
GLU CG   C N N 113 
GLU CD   C N N 114 
GLU OE1  O N N 115 
GLU OE2  O N N 116 
GLU OXT  O N N 117 
GLU H    H N N 118 
GLU H2   H N N 119 
GLU HA   H N N 120 
GLU HB2  H N N 121 
GLU HB3  H N N 122 
GLU HG2  H N N 123 
GLU HG3  H N N 124 
GLU HE2  H N N 125 
GLU HXT  H N N 126 
GLY N    N N N 127 
GLY CA   C N N 128 
GLY C    C N N 129 
GLY O    O N N 130 
GLY OXT  O N N 131 
GLY H    H N N 132 
GLY H2   H N N 133 
GLY HA2  H N N 134 
GLY HA3  H N N 135 
GLY HXT  H N N 136 
HIS N    N N N 137 
HIS CA   C N S 138 
HIS C    C N N 139 
HIS O    O N N 140 
HIS CB   C N N 141 
HIS CG   C Y N 142 
HIS ND1  N Y N 143 
HIS CD2  C Y N 144 
HIS CE1  C Y N 145 
HIS NE2  N Y N 146 
HIS OXT  O N N 147 
HIS H    H N N 148 
HIS H2   H N N 149 
HIS HA   H N N 150 
HIS HB2  H N N 151 
HIS HB3  H N N 152 
HIS HD1  H N N 153 
HIS HD2  H N N 154 
HIS HE1  H N N 155 
HIS HE2  H N N 156 
HIS HXT  H N N 157 
HOH O    O N N 158 
HOH H1   H N N 159 
HOH H2   H N N 160 
ILE N    N N N 161 
ILE CA   C N S 162 
ILE C    C N N 163 
ILE O    O N N 164 
ILE CB   C N S 165 
ILE CG1  C N N 166 
ILE CG2  C N N 167 
ILE CD1  C N N 168 
ILE OXT  O N N 169 
ILE H    H N N 170 
ILE H2   H N N 171 
ILE HA   H N N 172 
ILE HB   H N N 173 
ILE HG12 H N N 174 
ILE HG13 H N N 175 
ILE HG21 H N N 176 
ILE HG22 H N N 177 
ILE HG23 H N N 178 
ILE HD11 H N N 179 
ILE HD12 H N N 180 
ILE HD13 H N N 181 
ILE HXT  H N N 182 
LEU N    N N N 183 
LEU CA   C N S 184 
LEU C    C N N 185 
LEU O    O N N 186 
LEU CB   C N N 187 
LEU CG   C N N 188 
LEU CD1  C N N 189 
LEU CD2  C N N 190 
LEU OXT  O N N 191 
LEU H    H N N 192 
LEU H2   H N N 193 
LEU HA   H N N 194 
LEU HB2  H N N 195 
LEU HB3  H N N 196 
LEU HG   H N N 197 
LEU HD11 H N N 198 
LEU HD12 H N N 199 
LEU HD13 H N N 200 
LEU HD21 H N N 201 
LEU HD22 H N N 202 
LEU HD23 H N N 203 
LEU HXT  H N N 204 
LYS N    N N N 205 
LYS CA   C N S 206 
LYS C    C N N 207 
LYS O    O N N 208 
LYS CB   C N N 209 
LYS CG   C N N 210 
LYS CD   C N N 211 
LYS CE   C N N 212 
LYS NZ   N N N 213 
LYS OXT  O N N 214 
LYS H    H N N 215 
LYS H2   H N N 216 
LYS HA   H N N 217 
LYS HB2  H N N 218 
LYS HB3  H N N 219 
LYS HG2  H N N 220 
LYS HG3  H N N 221 
LYS HD2  H N N 222 
LYS HD3  H N N 223 
LYS HE2  H N N 224 
LYS HE3  H N N 225 
LYS HZ1  H N N 226 
LYS HZ2  H N N 227 
LYS HZ3  H N N 228 
LYS HXT  H N N 229 
MET N    N N N 230 
MET CA   C N S 231 
MET C    C N N 232 
MET O    O N N 233 
MET CB   C N N 234 
MET CG   C N N 235 
MET SD   S N N 236 
MET CE   C N N 237 
MET OXT  O N N 238 
MET H    H N N 239 
MET H2   H N N 240 
MET HA   H N N 241 
MET HB2  H N N 242 
MET HB3  H N N 243 
MET HG2  H N N 244 
MET HG3  H N N 245 
MET HE1  H N N 246 
MET HE2  H N N 247 
MET HE3  H N N 248 
MET HXT  H N N 249 
PHE N    N N N 250 
PHE CA   C N S 251 
PHE C    C N N 252 
PHE O    O N N 253 
PHE CB   C N N 254 
PHE CG   C Y N 255 
PHE CD1  C Y N 256 
PHE CD2  C Y N 257 
PHE CE1  C Y N 258 
PHE CE2  C Y N 259 
PHE CZ   C Y N 260 
PHE OXT  O N N 261 
PHE H    H N N 262 
PHE H2   H N N 263 
PHE HA   H N N 264 
PHE HB2  H N N 265 
PHE HB3  H N N 266 
PHE HD1  H N N 267 
PHE HD2  H N N 268 
PHE HE1  H N N 269 
PHE HE2  H N N 270 
PHE HZ   H N N 271 
PHE HXT  H N N 272 
PRO N    N N N 273 
PRO CA   C N S 274 
PRO C    C N N 275 
PRO O    O N N 276 
PRO CB   C N N 277 
PRO CG   C N N 278 
PRO CD   C N N 279 
PRO OXT  O N N 280 
PRO H    H N N 281 
PRO HA   H N N 282 
PRO HB2  H N N 283 
PRO HB3  H N N 284 
PRO HG2  H N N 285 
PRO HG3  H N N 286 
PRO HD2  H N N 287 
PRO HD3  H N N 288 
PRO HXT  H N N 289 
SER N    N N N 290 
SER CA   C N S 291 
SER C    C N N 292 
SER O    O N N 293 
SER CB   C N N 294 
SER OG   O N N 295 
SER OXT  O N N 296 
SER H    H N N 297 
SER H2   H N N 298 
SER HA   H N N 299 
SER HB2  H N N 300 
SER HB3  H N N 301 
SER HG   H N N 302 
SER HXT  H N N 303 
THR N    N N N 304 
THR CA   C N S 305 
THR C    C N N 306 
THR O    O N N 307 
THR CB   C N R 308 
THR OG1  O N N 309 
THR CG2  C N N 310 
THR OXT  O N N 311 
THR H    H N N 312 
THR H2   H N N 313 
THR HA   H N N 314 
THR HB   H N N 315 
THR HG1  H N N 316 
THR HG21 H N N 317 
THR HG22 H N N 318 
THR HG23 H N N 319 
THR HXT  H N N 320 
TRP N    N N N 321 
TRP CA   C N S 322 
TRP C    C N N 323 
TRP O    O N N 324 
TRP CB   C N N 325 
TRP CG   C Y N 326 
TRP CD1  C Y N 327 
TRP CD2  C Y N 328 
TRP NE1  N Y N 329 
TRP CE2  C Y N 330 
TRP CE3  C Y N 331 
TRP CZ2  C Y N 332 
TRP CZ3  C Y N 333 
TRP CH2  C Y N 334 
TRP OXT  O N N 335 
TRP H    H N N 336 
TRP H2   H N N 337 
TRP HA   H N N 338 
TRP HB2  H N N 339 
TRP HB3  H N N 340 
TRP HD1  H N N 341 
TRP HE1  H N N 342 
TRP HE3  H N N 343 
TRP HZ2  H N N 344 
TRP HZ3  H N N 345 
TRP HH2  H N N 346 
TRP HXT  H N N 347 
TYR N    N N N 348 
TYR CA   C N S 349 
TYR C    C N N 350 
TYR O    O N N 351 
TYR CB   C N N 352 
TYR CG   C Y N 353 
TYR CD1  C Y N 354 
TYR CD2  C Y N 355 
TYR CE1  C Y N 356 
TYR CE2  C Y N 357 
TYR CZ   C Y N 358 
TYR OH   O N N 359 
TYR OXT  O N N 360 
TYR H    H N N 361 
TYR H2   H N N 362 
TYR HA   H N N 363 
TYR HB2  H N N 364 
TYR HB3  H N N 365 
TYR HD1  H N N 366 
TYR HD2  H N N 367 
TYR HE1  H N N 368 
TYR HE2  H N N 369 
TYR HH   H N N 370 
TYR HXT  H N N 371 
VAL N    N N N 372 
VAL CA   C N S 373 
VAL C    C N N 374 
VAL O    O N N 375 
VAL CB   C N N 376 
VAL CG1  C N N 377 
VAL CG2  C N N 378 
VAL OXT  O N N 379 
VAL H    H N N 380 
VAL H2   H N N 381 
VAL HA   H N N 382 
VAL HB   H N N 383 
VAL HG11 H N N 384 
VAL HG12 H N N 385 
VAL HG13 H N N 386 
VAL HG21 H N N 387 
VAL HG22 H N N 388 
VAL HG23 H N N 389 
VAL HXT  H N N 390 
# 
loop_
_chem_comp_bond.comp_id 
_chem_comp_bond.atom_id_1 
_chem_comp_bond.atom_id_2 
_chem_comp_bond.value_order 
_chem_comp_bond.pdbx_aromatic_flag 
_chem_comp_bond.pdbx_stereo_config 
_chem_comp_bond.pdbx_ordinal 
ALA N   CA   sing N N 1   
ALA N   H    sing N N 2   
ALA N   H2   sing N N 3   
ALA CA  C    sing N N 4   
ALA CA  CB   sing N N 5   
ALA CA  HA   sing N N 6   
ALA C   O    doub N N 7   
ALA C   OXT  sing N N 8   
ALA CB  HB1  sing N N 9   
ALA CB  HB2  sing N N 10  
ALA CB  HB3  sing N N 11  
ALA OXT HXT  sing N N 12  
ARG N   CA   sing N N 13  
ARG N   H    sing N N 14  
ARG N   H2   sing N N 15  
ARG CA  C    sing N N 16  
ARG CA  CB   sing N N 17  
ARG CA  HA   sing N N 18  
ARG C   O    doub N N 19  
ARG C   OXT  sing N N 20  
ARG CB  CG   sing N N 21  
ARG CB  HB2  sing N N 22  
ARG CB  HB3  sing N N 23  
ARG CG  CD   sing N N 24  
ARG CG  HG2  sing N N 25  
ARG CG  HG3  sing N N 26  
ARG CD  NE   sing N N 27  
ARG CD  HD2  sing N N 28  
ARG CD  HD3  sing N N 29  
ARG NE  CZ   sing N N 30  
ARG NE  HE   sing N N 31  
ARG CZ  NH1  sing N N 32  
ARG CZ  NH2  doub N N 33  
ARG NH1 HH11 sing N N 34  
ARG NH1 HH12 sing N N 35  
ARG NH2 HH21 sing N N 36  
ARG NH2 HH22 sing N N 37  
ARG OXT HXT  sing N N 38  
ASN N   CA   sing N N 39  
ASN N   H    sing N N 40  
ASN N   H2   sing N N 41  
ASN CA  C    sing N N 42  
ASN CA  CB   sing N N 43  
ASN CA  HA   sing N N 44  
ASN C   O    doub N N 45  
ASN C   OXT  sing N N 46  
ASN CB  CG   sing N N 47  
ASN CB  HB2  sing N N 48  
ASN CB  HB3  sing N N 49  
ASN CG  OD1  doub N N 50  
ASN CG  ND2  sing N N 51  
ASN ND2 HD21 sing N N 52  
ASN ND2 HD22 sing N N 53  
ASN OXT HXT  sing N N 54  
ASP N   CA   sing N N 55  
ASP N   H    sing N N 56  
ASP N   H2   sing N N 57  
ASP CA  C    sing N N 58  
ASP CA  CB   sing N N 59  
ASP CA  HA   sing N N 60  
ASP C   O    doub N N 61  
ASP C   OXT  sing N N 62  
ASP CB  CG   sing N N 63  
ASP CB  HB2  sing N N 64  
ASP CB  HB3  sing N N 65  
ASP CG  OD1  doub N N 66  
ASP CG  OD2  sing N N 67  
ASP OD2 HD2  sing N N 68  
ASP OXT HXT  sing N N 69  
CYS N   CA   sing N N 70  
CYS N   H    sing N N 71  
CYS N   H2   sing N N 72  
CYS CA  C    sing N N 73  
CYS CA  CB   sing N N 74  
CYS CA  HA   sing N N 75  
CYS C   O    doub N N 76  
CYS C   OXT  sing N N 77  
CYS CB  SG   sing N N 78  
CYS CB  HB2  sing N N 79  
CYS CB  HB3  sing N N 80  
CYS SG  HG   sing N N 81  
CYS OXT HXT  sing N N 82  
GLN N   CA   sing N N 83  
GLN N   H    sing N N 84  
GLN N   H2   sing N N 85  
GLN CA  C    sing N N 86  
GLN CA  CB   sing N N 87  
GLN CA  HA   sing N N 88  
GLN C   O    doub N N 89  
GLN C   OXT  sing N N 90  
GLN CB  CG   sing N N 91  
GLN CB  HB2  sing N N 92  
GLN CB  HB3  sing N N 93  
GLN CG  CD   sing N N 94  
GLN CG  HG2  sing N N 95  
GLN CG  HG3  sing N N 96  
GLN CD  OE1  doub N N 97  
GLN CD  NE2  sing N N 98  
GLN NE2 HE21 sing N N 99  
GLN NE2 HE22 sing N N 100 
GLN OXT HXT  sing N N 101 
GLU N   CA   sing N N 102 
GLU N   H    sing N N 103 
GLU N   H2   sing N N 104 
GLU CA  C    sing N N 105 
GLU CA  CB   sing N N 106 
GLU CA  HA   sing N N 107 
GLU C   O    doub N N 108 
GLU C   OXT  sing N N 109 
GLU CB  CG   sing N N 110 
GLU CB  HB2  sing N N 111 
GLU CB  HB3  sing N N 112 
GLU CG  CD   sing N N 113 
GLU CG  HG2  sing N N 114 
GLU CG  HG3  sing N N 115 
GLU CD  OE1  doub N N 116 
GLU CD  OE2  sing N N 117 
GLU OE2 HE2  sing N N 118 
GLU OXT HXT  sing N N 119 
GLY N   CA   sing N N 120 
GLY N   H    sing N N 121 
GLY N   H2   sing N N 122 
GLY CA  C    sing N N 123 
GLY CA  HA2  sing N N 124 
GLY CA  HA3  sing N N 125 
GLY C   O    doub N N 126 
GLY C   OXT  sing N N 127 
GLY OXT HXT  sing N N 128 
HIS N   CA   sing N N 129 
HIS N   H    sing N N 130 
HIS N   H2   sing N N 131 
HIS CA  C    sing N N 132 
HIS CA  CB   sing N N 133 
HIS CA  HA   sing N N 134 
HIS C   O    doub N N 135 
HIS C   OXT  sing N N 136 
HIS CB  CG   sing N N 137 
HIS CB  HB2  sing N N 138 
HIS CB  HB3  sing N N 139 
HIS CG  ND1  sing Y N 140 
HIS CG  CD2  doub Y N 141 
HIS ND1 CE1  doub Y N 142 
HIS ND1 HD1  sing N N 143 
HIS CD2 NE2  sing Y N 144 
HIS CD2 HD2  sing N N 145 
HIS CE1 NE2  sing Y N 146 
HIS CE1 HE1  sing N N 147 
HIS NE2 HE2  sing N N 148 
HIS OXT HXT  sing N N 149 
HOH O   H1   sing N N 150 
HOH O   H2   sing N N 151 
ILE N   CA   sing N N 152 
ILE N   H    sing N N 153 
ILE N   H2   sing N N 154 
ILE CA  C    sing N N 155 
ILE CA  CB   sing N N 156 
ILE CA  HA   sing N N 157 
ILE C   O    doub N N 158 
ILE C   OXT  sing N N 159 
ILE CB  CG1  sing N N 160 
ILE CB  CG2  sing N N 161 
ILE CB  HB   sing N N 162 
ILE CG1 CD1  sing N N 163 
ILE CG1 HG12 sing N N 164 
ILE CG1 HG13 sing N N 165 
ILE CG2 HG21 sing N N 166 
ILE CG2 HG22 sing N N 167 
ILE CG2 HG23 sing N N 168 
ILE CD1 HD11 sing N N 169 
ILE CD1 HD12 sing N N 170 
ILE CD1 HD13 sing N N 171 
ILE OXT HXT  sing N N 172 
LEU N   CA   sing N N 173 
LEU N   H    sing N N 174 
LEU N   H2   sing N N 175 
LEU CA  C    sing N N 176 
LEU CA  CB   sing N N 177 
LEU CA  HA   sing N N 178 
LEU C   O    doub N N 179 
LEU C   OXT  sing N N 180 
LEU CB  CG   sing N N 181 
LEU CB  HB2  sing N N 182 
LEU CB  HB3  sing N N 183 
LEU CG  CD1  sing N N 184 
LEU CG  CD2  sing N N 185 
LEU CG  HG   sing N N 186 
LEU CD1 HD11 sing N N 187 
LEU CD1 HD12 sing N N 188 
LEU CD1 HD13 sing N N 189 
LEU CD2 HD21 sing N N 190 
LEU CD2 HD22 sing N N 191 
LEU CD2 HD23 sing N N 192 
LEU OXT HXT  sing N N 193 
LYS N   CA   sing N N 194 
LYS N   H    sing N N 195 
LYS N   H2   sing N N 196 
LYS CA  C    sing N N 197 
LYS CA  CB   sing N N 198 
LYS CA  HA   sing N N 199 
LYS C   O    doub N N 200 
LYS C   OXT  sing N N 201 
LYS CB  CG   sing N N 202 
LYS CB  HB2  sing N N 203 
LYS CB  HB3  sing N N 204 
LYS CG  CD   sing N N 205 
LYS CG  HG2  sing N N 206 
LYS CG  HG3  sing N N 207 
LYS CD  CE   sing N N 208 
LYS CD  HD2  sing N N 209 
LYS CD  HD3  sing N N 210 
LYS CE  NZ   sing N N 211 
LYS CE  HE2  sing N N 212 
LYS CE  HE3  sing N N 213 
LYS NZ  HZ1  sing N N 214 
LYS NZ  HZ2  sing N N 215 
LYS NZ  HZ3  sing N N 216 
LYS OXT HXT  sing N N 217 
MET N   CA   sing N N 218 
MET N   H    sing N N 219 
MET N   H2   sing N N 220 
MET CA  C    sing N N 221 
MET CA  CB   sing N N 222 
MET CA  HA   sing N N 223 
MET C   O    doub N N 224 
MET C   OXT  sing N N 225 
MET CB  CG   sing N N 226 
MET CB  HB2  sing N N 227 
MET CB  HB3  sing N N 228 
MET CG  SD   sing N N 229 
MET CG  HG2  sing N N 230 
MET CG  HG3  sing N N 231 
MET SD  CE   sing N N 232 
MET CE  HE1  sing N N 233 
MET CE  HE2  sing N N 234 
MET CE  HE3  sing N N 235 
MET OXT HXT  sing N N 236 
PHE N   CA   sing N N 237 
PHE N   H    sing N N 238 
PHE N   H2   sing N N 239 
PHE CA  C    sing N N 240 
PHE CA  CB   sing N N 241 
PHE CA  HA   sing N N 242 
PHE C   O    doub N N 243 
PHE C   OXT  sing N N 244 
PHE CB  CG   sing N N 245 
PHE CB  HB2  sing N N 246 
PHE CB  HB3  sing N N 247 
PHE CG  CD1  doub Y N 248 
PHE CG  CD2  sing Y N 249 
PHE CD1 CE1  sing Y N 250 
PHE CD1 HD1  sing N N 251 
PHE CD2 CE2  doub Y N 252 
PHE CD2 HD2  sing N N 253 
PHE CE1 CZ   doub Y N 254 
PHE CE1 HE1  sing N N 255 
PHE CE2 CZ   sing Y N 256 
PHE CE2 HE2  sing N N 257 
PHE CZ  HZ   sing N N 258 
PHE OXT HXT  sing N N 259 
PRO N   CA   sing N N 260 
PRO N   CD   sing N N 261 
PRO N   H    sing N N 262 
PRO CA  C    sing N N 263 
PRO CA  CB   sing N N 264 
PRO CA  HA   sing N N 265 
PRO C   O    doub N N 266 
PRO C   OXT  sing N N 267 
PRO CB  CG   sing N N 268 
PRO CB  HB2  sing N N 269 
PRO CB  HB3  sing N N 270 
PRO CG  CD   sing N N 271 
PRO CG  HG2  sing N N 272 
PRO CG  HG3  sing N N 273 
PRO CD  HD2  sing N N 274 
PRO CD  HD3  sing N N 275 
PRO OXT HXT  sing N N 276 
SER N   CA   sing N N 277 
SER N   H    sing N N 278 
SER N   H2   sing N N 279 
SER CA  C    sing N N 280 
SER CA  CB   sing N N 281 
SER CA  HA   sing N N 282 
SER C   O    doub N N 283 
SER C   OXT  sing N N 284 
SER CB  OG   sing N N 285 
SER CB  HB2  sing N N 286 
SER CB  HB3  sing N N 287 
SER OG  HG   sing N N 288 
SER OXT HXT  sing N N 289 
THR N   CA   sing N N 290 
THR N   H    sing N N 291 
THR N   H2   sing N N 292 
THR CA  C    sing N N 293 
THR CA  CB   sing N N 294 
THR CA  HA   sing N N 295 
THR C   O    doub N N 296 
THR C   OXT  sing N N 297 
THR CB  OG1  sing N N 298 
THR CB  CG2  sing N N 299 
THR CB  HB   sing N N 300 
THR OG1 HG1  sing N N 301 
THR CG2 HG21 sing N N 302 
THR CG2 HG22 sing N N 303 
THR CG2 HG23 sing N N 304 
THR OXT HXT  sing N N 305 
TRP N   CA   sing N N 306 
TRP N   H    sing N N 307 
TRP N   H2   sing N N 308 
TRP CA  C    sing N N 309 
TRP CA  CB   sing N N 310 
TRP CA  HA   sing N N 311 
TRP C   O    doub N N 312 
TRP C   OXT  sing N N 313 
TRP CB  CG   sing N N 314 
TRP CB  HB2  sing N N 315 
TRP CB  HB3  sing N N 316 
TRP CG  CD1  doub Y N 317 
TRP CG  CD2  sing Y N 318 
TRP CD1 NE1  sing Y N 319 
TRP CD1 HD1  sing N N 320 
TRP CD2 CE2  doub Y N 321 
TRP CD2 CE3  sing Y N 322 
TRP NE1 CE2  sing Y N 323 
TRP NE1 HE1  sing N N 324 
TRP CE2 CZ2  sing Y N 325 
TRP CE3 CZ3  doub Y N 326 
TRP CE3 HE3  sing N N 327 
TRP CZ2 CH2  doub Y N 328 
TRP CZ2 HZ2  sing N N 329 
TRP CZ3 CH2  sing Y N 330 
TRP CZ3 HZ3  sing N N 331 
TRP CH2 HH2  sing N N 332 
TRP OXT HXT  sing N N 333 
TYR N   CA   sing N N 334 
TYR N   H    sing N N 335 
TYR N   H2   sing N N 336 
TYR CA  C    sing N N 337 
TYR CA  CB   sing N N 338 
TYR CA  HA   sing N N 339 
TYR C   O    doub N N 340 
TYR C   OXT  sing N N 341 
TYR CB  CG   sing N N 342 
TYR CB  HB2  sing N N 343 
TYR CB  HB3  sing N N 344 
TYR CG  CD1  doub Y N 345 
TYR CG  CD2  sing Y N 346 
TYR CD1 CE1  sing Y N 347 
TYR CD1 HD1  sing N N 348 
TYR CD2 CE2  doub Y N 349 
TYR CD2 HD2  sing N N 350 
TYR CE1 CZ   doub Y N 351 
TYR CE1 HE1  sing N N 352 
TYR CE2 CZ   sing Y N 353 
TYR CE2 HE2  sing N N 354 
TYR CZ  OH   sing N N 355 
TYR OH  HH   sing N N 356 
TYR OXT HXT  sing N N 357 
VAL N   CA   sing N N 358 
VAL N   H    sing N N 359 
VAL N   H2   sing N N 360 
VAL CA  C    sing N N 361 
VAL CA  CB   sing N N 362 
VAL CA  HA   sing N N 363 
VAL C   O    doub N N 364 
VAL C   OXT  sing N N 365 
VAL CB  CG1  sing N N 366 
VAL CB  CG2  sing N N 367 
VAL CB  HB   sing N N 368 
VAL CG1 HG11 sing N N 369 
VAL CG1 HG12 sing N N 370 
VAL CG1 HG13 sing N N 371 
VAL CG2 HG21 sing N N 372 
VAL CG2 HG22 sing N N 373 
VAL CG2 HG23 sing N N 374 
VAL OXT HXT  sing N N 375 
# 
_pdbx_entity_nonpoly.entity_id   2 
_pdbx_entity_nonpoly.name        water 
_pdbx_entity_nonpoly.comp_id     HOH 
# 
_pdbx_initial_refinement_model.id               1 
_pdbx_initial_refinement_model.entity_id_list   ? 
_pdbx_initial_refinement_model.type             'experimental model' 
_pdbx_initial_refinement_model.source_name      PDB 
_pdbx_initial_refinement_model.accession_code   1N5B 
_pdbx_initial_refinement_model.details          ? 
# 
_pdbx_struct_assembly_auth_evidence.id                     1 
_pdbx_struct_assembly_auth_evidence.assembly_id            1 
_pdbx_struct_assembly_auth_evidence.experimental_support   'gel filtration' 
_pdbx_struct_assembly_auth_evidence.details                ? 
# 
